data_6C8D
# 
_entry.id   6C8D 
# 
_audit_conform.dict_name       mmcif_pdbx.dic 
_audit_conform.dict_version    5.379 
_audit_conform.dict_location   http://mmcif.pdb.org/dictionaries/ascii/mmcif_pdbx.dic 
# 
loop_
_database_2.database_id 
_database_2.database_code 
_database_2.pdbx_database_accession 
_database_2.pdbx_DOI 
PDB   6C8D         pdb_00006c8d 10.2210/pdb6c8d/pdb 
WWPDB D_1000232276 ?            ?                   
# 
_pdbx_database_status.status_code                     REL 
_pdbx_database_status.status_code_sf                  REL 
_pdbx_database_status.status_code_mr                  ? 
_pdbx_database_status.entry_id                        6C8D 
_pdbx_database_status.recvd_initial_deposition_date   2018-01-24 
_pdbx_database_status.SG_entry                        N 
_pdbx_database_status.deposit_site                    RCSB 
_pdbx_database_status.process_site                    RCSB 
_pdbx_database_status.status_code_cs                  ? 
_pdbx_database_status.methods_development_category    ? 
_pdbx_database_status.pdb_format_compatible           Y 
_pdbx_database_status.status_code_nmr_data            ? 
# 
loop_
_audit_author.name 
_audit_author.pdbx_ordinal 
_audit_author.identifier_ORCID 
'Zhang, W.'     1 ? 
'Szostak, J.W.' 2 ? 
# 
_citation.abstract                  ? 
_citation.abstract_id_CAS           ? 
_citation.book_id_ISBN              ? 
_citation.book_publisher            ? 
_citation.book_publisher_city       ? 
_citation.book_title                ? 
_citation.coordinate_linkage        ? 
_citation.country                   US 
_citation.database_id_Medline       ? 
_citation.details                   ? 
_citation.id                        primary 
_citation.journal_abbrev            Elife 
_citation.journal_id_ASTM           ? 
_citation.journal_id_CSD            ? 
_citation.journal_id_ISSN           2050-084X 
_citation.journal_full              ? 
_citation.journal_issue             ? 
_citation.journal_volume            7 
_citation.language                  ? 
_citation.page_first                ? 
_citation.page_last                 ? 
_citation.title                     'Crystallographic observation of nonenzymatic RNA primer extension.' 
_citation.year                      2018 
_citation.database_id_CSD           ? 
_citation.pdbx_database_id_DOI      10.7554/eLife.36422 
_citation.pdbx_database_id_PubMed   29851379 
_citation.unpublished_flag          ? 
# 
loop_
_citation_author.citation_id 
_citation_author.name 
_citation_author.ordinal 
_citation_author.identifier_ORCID 
primary 'Zhang, W.'     1 0000-0003-4811-4384 
primary 'Walton, T.'    2 0000-0001-6812-1579 
primary 'Li, L.'        3 0000-0003-4766-5782 
primary 'Szostak, J.W.' 4 0000-0003-4131-1203 
# 
_cell.angle_alpha                  90.00 
_cell.angle_alpha_esd              ? 
_cell.angle_beta                   90.00 
_cell.angle_beta_esd               ? 
_cell.angle_gamma                  120.00 
_cell.angle_gamma_esd              ? 
_cell.entry_id                     6C8D 
_cell.details                      ? 
_cell.formula_units_Z              ? 
_cell.length_a                     49.547 
_cell.length_a_esd                 ? 
_cell.length_b                     49.547 
_cell.length_b_esd                 ? 
_cell.length_c                     81.337 
_cell.length_c_esd                 ? 
_cell.volume                       ? 
_cell.volume_esd                   ? 
_cell.Z_PDB                        12 
_cell.reciprocal_angle_alpha       ? 
_cell.reciprocal_angle_beta        ? 
_cell.reciprocal_angle_gamma       ? 
_cell.reciprocal_angle_alpha_esd   ? 
_cell.reciprocal_angle_beta_esd    ? 
_cell.reciprocal_angle_gamma_esd   ? 
_cell.reciprocal_length_a          ? 
_cell.reciprocal_length_b          ? 
_cell.reciprocal_length_c          ? 
_cell.reciprocal_length_a_esd      ? 
_cell.reciprocal_length_b_esd      ? 
_cell.reciprocal_length_c_esd      ? 
_cell.pdbx_unique_axis             ? 
# 
_symmetry.entry_id                         6C8D 
_symmetry.cell_setting                     ? 
_symmetry.Int_Tables_number                150 
_symmetry.space_group_name_Hall            ? 
_symmetry.space_group_name_H-M             'P 3 2 1' 
_symmetry.pdbx_full_space_group_name_H-M   ? 
# 
loop_
_entity.id 
_entity.type 
_entity.src_method 
_entity.pdbx_description 
_entity.formula_weight 
_entity.pdbx_number_of_molecules 
_entity.pdbx_ec 
_entity.pdbx_mutation 
_entity.pdbx_fragment 
_entity.details 
1 polymer     syn 
;RNA (5'-R(*(LCC)P*(LCC)P*(LCC)P*(LCG)P*AP*CP*UP*UP*AP*AP*GP*UP*CP*G)-3')
;
4512.804 2  ? ? ? ? 
2 non-polymer syn "2'-DEOXYGUANOSINE-5'-MONOPHOSPHATE"                                       347.221  4  ? ? ? ? 
3 non-polymer syn 'MAGNESIUM ION'                                                            24.305   9  ? ? ? ? 
4 water       nat water                                                                      18.015   70 ? ? ? ? 
# 
_entity_poly.entity_id                      1 
_entity_poly.type                           polyribonucleotide 
_entity_poly.nstd_linkage                   no 
_entity_poly.nstd_monomer                   yes 
_entity_poly.pdbx_seq_one_letter_code       '(LCC)(LCC)(LCC)(LCG)ACUUAAGUCG' 
_entity_poly.pdbx_seq_one_letter_code_can   NNNGACUUAAGUCG 
_entity_poly.pdbx_strand_id                 A,B 
_entity_poly.pdbx_target_identifier         ? 
# 
loop_
_entity_poly_seq.entity_id 
_entity_poly_seq.num 
_entity_poly_seq.mon_id 
_entity_poly_seq.hetero 
1 1  LCC n 
1 2  LCC n 
1 3  LCC n 
1 4  LCG n 
1 5  A   n 
1 6  C   n 
1 7  U   n 
1 8  U   n 
1 9  A   n 
1 10 A   n 
1 11 G   n 
1 12 U   n 
1 13 C   n 
1 14 G   n 
# 
_pdbx_entity_src_syn.entity_id              1 
_pdbx_entity_src_syn.pdbx_src_id            1 
_pdbx_entity_src_syn.pdbx_alt_source_flag   sample 
_pdbx_entity_src_syn.pdbx_beg_seq_num       1 
_pdbx_entity_src_syn.pdbx_end_seq_num       14 
_pdbx_entity_src_syn.organism_scientific    'synthetic construct' 
_pdbx_entity_src_syn.organism_common_name   ? 
_pdbx_entity_src_syn.ncbi_taxonomy_id       32630 
_pdbx_entity_src_syn.details                ? 
# 
_struct_ref.id                         1 
_struct_ref.db_name                    PDB 
_struct_ref.db_code                    6C8D 
_struct_ref.pdbx_db_accession          6C8D 
_struct_ref.pdbx_db_isoform            ? 
_struct_ref.entity_id                  1 
_struct_ref.pdbx_seq_one_letter_code   ? 
_struct_ref.pdbx_align_begin           1 
# 
loop_
_struct_ref_seq.align_id 
_struct_ref_seq.ref_id 
_struct_ref_seq.pdbx_PDB_id_code 
_struct_ref_seq.pdbx_strand_id 
_struct_ref_seq.seq_align_beg 
_struct_ref_seq.pdbx_seq_align_beg_ins_code 
_struct_ref_seq.seq_align_end 
_struct_ref_seq.pdbx_seq_align_end_ins_code 
_struct_ref_seq.pdbx_db_accession 
_struct_ref_seq.db_align_beg 
_struct_ref_seq.pdbx_db_align_beg_ins_code 
_struct_ref_seq.db_align_end 
_struct_ref_seq.pdbx_db_align_end_ins_code 
_struct_ref_seq.pdbx_auth_seq_align_beg 
_struct_ref_seq.pdbx_auth_seq_align_end 
1 1 6C8D A 1 ? 14 ? 6C8D 1 ? 14 ? 1 14 
2 1 6C8D B 1 ? 14 ? 6C8D 1 ? 14 ? 1 14 
# 
loop_
_chem_comp.id 
_chem_comp.type 
_chem_comp.mon_nstd_flag 
_chem_comp.name 
_chem_comp.pdbx_synonyms 
_chem_comp.formula 
_chem_comp.formula_weight 
A   'RNA linking' y "ADENOSINE-5'-MONOPHOSPHATE" ? 'C10 H14 N5 O7 P' 347.221 
C   'RNA linking' y "CYTIDINE-5'-MONOPHOSPHATE" ? 'C9 H14 N3 O8 P'  323.197 
DGP non-polymer   n "2'-DEOXYGUANOSINE-5'-MONOPHOSPHATE" ? 'C10 H14 N5 O7 P' 347.221 
G   'RNA linking' y "GUANOSINE-5'-MONOPHOSPHATE" ? 'C10 H14 N5 O8 P' 363.221 
HOH non-polymer   . WATER ? 'H2 O'            18.015  
LCC 'RNA linking' . 
'[(1R,3R,4R,7S)-7-HYDROXY-3-(5-METHYLCYTOSIN-1-YL)-2,5-DIOXABICYCLO[2.2.1]HEPT-1-YL]METHYL DIHYDROGEN PHOSPHATE' ? 
'C11 H16 N3 O8 P' 349.234 
LCG 'RNA linking' n '[(1R,3R,4R,7S)-7-HYDROXY-3-(GUANIN-9-YL)-2,5-DIOXABICYCLO[2.2.1]HEPT-1-YL]METHYL DIHYDROGEN PHOSPHATE' ? 
'C11 H14 N5 O8 P' 375.231 
MG  non-polymer   . 'MAGNESIUM ION' ? 'Mg 2'            24.305  
U   'RNA linking' y "URIDINE-5'-MONOPHOSPHATE" ? 'C9 H13 N2 O9 P'  324.181 
# 
_exptl.absorpt_coefficient_mu     ? 
_exptl.absorpt_correction_T_max   ? 
_exptl.absorpt_correction_T_min   ? 
_exptl.absorpt_correction_type    ? 
_exptl.absorpt_process_details    ? 
_exptl.entry_id                   6C8D 
_exptl.crystals_number            1 
_exptl.details                    ? 
_exptl.method                     'X-RAY DIFFRACTION' 
_exptl.method_details             ? 
# 
_exptl_crystal.colour                      ? 
_exptl_crystal.density_diffrn              ? 
_exptl_crystal.density_Matthews            2.98 
_exptl_crystal.density_method              ? 
_exptl_crystal.density_percent_sol         58.69 
_exptl_crystal.description                 ? 
_exptl_crystal.F_000                       ? 
_exptl_crystal.id                          1 
_exptl_crystal.preparation                 ? 
_exptl_crystal.size_max                    ? 
_exptl_crystal.size_mid                    ? 
_exptl_crystal.size_min                    ? 
_exptl_crystal.size_rad                    ? 
_exptl_crystal.colour_lustre               ? 
_exptl_crystal.colour_modifier             ? 
_exptl_crystal.colour_primary              ? 
_exptl_crystal.density_meas                ? 
_exptl_crystal.density_meas_esd            ? 
_exptl_crystal.density_meas_gt             ? 
_exptl_crystal.density_meas_lt             ? 
_exptl_crystal.density_meas_temp           ? 
_exptl_crystal.density_meas_temp_esd       ? 
_exptl_crystal.density_meas_temp_gt        ? 
_exptl_crystal.density_meas_temp_lt        ? 
_exptl_crystal.pdbx_crystal_image_url      ? 
_exptl_crystal.pdbx_crystal_image_format   ? 
_exptl_crystal.pdbx_mosaicity              ? 
_exptl_crystal.pdbx_mosaicity_esd          ? 
# 
_exptl_crystal_grow.apparatus       ? 
_exptl_crystal_grow.atmosphere      ? 
_exptl_crystal_grow.crystal_id      1 
_exptl_crystal_grow.details         ? 
_exptl_crystal_grow.method          'VAPOR DIFFUSION, HANGING DROP' 
_exptl_crystal_grow.method_ref      ? 
_exptl_crystal_grow.pH              7.0 
_exptl_crystal_grow.pressure        ? 
_exptl_crystal_grow.pressure_esd    ? 
_exptl_crystal_grow.seeding         ? 
_exptl_crystal_grow.seeding_ref     ? 
_exptl_crystal_grow.temp            291 
_exptl_crystal_grow.temp_details    ? 
_exptl_crystal_grow.temp_esd        ? 
_exptl_crystal_grow.time            ? 
_exptl_crystal_grow.pdbx_details    
;10% v/v (+/-)-2-Methyl-2,4-pentanediol, 0.040 M Sodium cacodylate trihydrate pH 7.0, 0.012 M Spermine tetrahydrochloride, 0.080 M Sodium chloride, 0.020 M Magnesium chloride
;
_exptl_crystal_grow.pdbx_pH_range   7.0 
# 
_diffrn.ambient_environment    ? 
_diffrn.ambient_temp           99 
_diffrn.ambient_temp_details   ? 
_diffrn.ambient_temp_esd       ? 
_diffrn.crystal_id             1 
_diffrn.crystal_support        ? 
_diffrn.crystal_treatment      ? 
_diffrn.details                ? 
_diffrn.id                     1 
_diffrn.ambient_pressure       ? 
_diffrn.ambient_pressure_esd   ? 
_diffrn.ambient_pressure_gt    ? 
_diffrn.ambient_pressure_lt    ? 
_diffrn.ambient_temp_gt        ? 
_diffrn.ambient_temp_lt        ? 
# 
_diffrn_detector.details                      ? 
_diffrn_detector.detector                     CCD 
_diffrn_detector.diffrn_id                    1 
_diffrn_detector.type                         'MAR CCD 130 mm' 
_diffrn_detector.area_resol_mean              ? 
_diffrn_detector.dtime                        ? 
_diffrn_detector.pdbx_frames_total            ? 
_diffrn_detector.pdbx_collection_time_total   ? 
_diffrn_detector.pdbx_collection_date         2017-07-09 
# 
_diffrn_radiation.collimation                      ? 
_diffrn_radiation.diffrn_id                        1 
_diffrn_radiation.filter_edge                      ? 
_diffrn_radiation.inhomogeneity                    ? 
_diffrn_radiation.monochromator                    ? 
_diffrn_radiation.polarisn_norm                    ? 
_diffrn_radiation.polarisn_ratio                   ? 
_diffrn_radiation.probe                            ? 
_diffrn_radiation.type                             ? 
_diffrn_radiation.xray_symbol                      ? 
_diffrn_radiation.wavelength_id                    1 
_diffrn_radiation.pdbx_monochromatic_or_laue_m_l   M 
_diffrn_radiation.pdbx_wavelength_list             ? 
_diffrn_radiation.pdbx_wavelength                  ? 
_diffrn_radiation.pdbx_diffrn_protocol             'SINGLE WAVELENGTH' 
_diffrn_radiation.pdbx_analyzer                    ? 
_diffrn_radiation.pdbx_scattering_type             x-ray 
# 
_diffrn_radiation_wavelength.id           1 
_diffrn_radiation_wavelength.wavelength   1 
_diffrn_radiation_wavelength.wt           1.0 
# 
_diffrn_source.current                     ? 
_diffrn_source.details                     ? 
_diffrn_source.diffrn_id                   1 
_diffrn_source.power                       ? 
_diffrn_source.size                        ? 
_diffrn_source.source                      SYNCHROTRON 
_diffrn_source.target                      ? 
_diffrn_source.type                        'ALS BEAMLINE 8.2.1' 
_diffrn_source.voltage                     ? 
_diffrn_source.take-off_angle              ? 
_diffrn_source.pdbx_wavelength_list        1 
_diffrn_source.pdbx_wavelength             ? 
_diffrn_source.pdbx_synchrotron_beamline   8.2.1 
_diffrn_source.pdbx_synchrotron_site       ALS 
# 
_reflns.B_iso_Wilson_estimate            ? 
_reflns.entry_id                         6C8D 
_reflns.data_reduction_details           ? 
_reflns.data_reduction_method            ? 
_reflns.d_resolution_high                1.92 
_reflns.d_resolution_low                 50 
_reflns.details                          ? 
_reflns.limit_h_max                      ? 
_reflns.limit_h_min                      ? 
_reflns.limit_k_max                      ? 
_reflns.limit_k_min                      ? 
_reflns.limit_l_max                      ? 
_reflns.limit_l_min                      ? 
_reflns.number_all                       ? 
_reflns.number_obs                       9264 
_reflns.observed_criterion               ? 
_reflns.observed_criterion_F_max         ? 
_reflns.observed_criterion_F_min         ? 
_reflns.observed_criterion_I_max         ? 
_reflns.observed_criterion_I_min         ? 
_reflns.observed_criterion_sigma_F       ? 
_reflns.observed_criterion_sigma_I       ? 
_reflns.percent_possible_obs             99.9 
_reflns.R_free_details                   ? 
_reflns.Rmerge_F_all                     ? 
_reflns.Rmerge_F_obs                     ? 
_reflns.Friedel_coverage                 ? 
_reflns.number_gt                        ? 
_reflns.threshold_expression             ? 
_reflns.pdbx_redundancy                  7.9 
_reflns.pdbx_Rmerge_I_obs                0.14 
_reflns.pdbx_Rmerge_I_all                ? 
_reflns.pdbx_Rsym_value                  ? 
_reflns.pdbx_netI_over_av_sigmaI         ? 
_reflns.pdbx_netI_over_sigmaI            12.6 
_reflns.pdbx_res_netI_over_av_sigmaI_2   ? 
_reflns.pdbx_res_netI_over_sigmaI_2      ? 
_reflns.pdbx_chi_squared                 1.172 
_reflns.pdbx_scaling_rejects             ? 
_reflns.pdbx_d_res_high_opt              ? 
_reflns.pdbx_d_res_low_opt               ? 
_reflns.pdbx_d_res_opt_method            ? 
_reflns.phase_calculation_details        ? 
_reflns.pdbx_Rrim_I_all                  0.153 
_reflns.pdbx_Rpim_I_all                  0.056 
_reflns.pdbx_d_opt                       ? 
_reflns.pdbx_number_measured_all         ? 
_reflns.pdbx_diffrn_id                   1 
_reflns.pdbx_ordinal                     1 
_reflns.pdbx_CC_half                     0.964 
_reflns.pdbx_R_split                     ? 
# 
_reflns_shell.d_res_high                  1.92 
_reflns_shell.d_res_low                   1.99 
_reflns_shell.meanI_over_sigI_all         ? 
_reflns_shell.meanI_over_sigI_obs         2.64 
_reflns_shell.number_measured_all         ? 
_reflns_shell.number_measured_obs         ? 
_reflns_shell.number_possible             ? 
_reflns_shell.number_unique_all           ? 
_reflns_shell.number_unique_obs           925 
_reflns_shell.percent_possible_all        100 
_reflns_shell.percent_possible_obs        ? 
_reflns_shell.Rmerge_F_all                ? 
_reflns_shell.Rmerge_F_obs                ? 
_reflns_shell.Rmerge_I_all                ? 
_reflns_shell.Rmerge_I_obs                0.722 
_reflns_shell.meanI_over_sigI_gt          ? 
_reflns_shell.meanI_over_uI_all           ? 
_reflns_shell.meanI_over_uI_gt            ? 
_reflns_shell.number_measured_gt          ? 
_reflns_shell.number_unique_gt            ? 
_reflns_shell.percent_possible_gt         ? 
_reflns_shell.Rmerge_F_gt                 ? 
_reflns_shell.Rmerge_I_gt                 ? 
_reflns_shell.pdbx_redundancy             8.0 
_reflns_shell.pdbx_Rsym_value             ? 
_reflns_shell.pdbx_chi_squared            0.882 
_reflns_shell.pdbx_netI_over_sigmaI_all   ? 
_reflns_shell.pdbx_netI_over_sigmaI_obs   ? 
_reflns_shell.pdbx_Rrim_I_all             0.772 
_reflns_shell.pdbx_Rpim_I_all             0.271 
_reflns_shell.pdbx_rejects                ? 
_reflns_shell.pdbx_ordinal                1 
_reflns_shell.pdbx_diffrn_id              1 
_reflns_shell.pdbx_CC_half                0.879 
_reflns_shell.pdbx_R_split                ? 
# 
_refine.aniso_B[1][1]                            0.03 
_refine.aniso_B[1][2]                            0.01 
_refine.aniso_B[1][3]                            -0.00 
_refine.aniso_B[2][2]                            0.03 
_refine.aniso_B[2][3]                            0.00 
_refine.aniso_B[3][3]                            -0.09 
_refine.B_iso_max                                ? 
_refine.B_iso_mean                               34.070 
_refine.B_iso_min                                ? 
_refine.correlation_coeff_Fo_to_Fc               0.961 
_refine.correlation_coeff_Fo_to_Fc_free          0.935 
_refine.details                                  'HYDROGENS HAVE BEEN ADDED IN THE RIDING POSITIONS' 
_refine.diff_density_max                         ? 
_refine.diff_density_max_esd                     ? 
_refine.diff_density_min                         ? 
_refine.diff_density_min_esd                     ? 
_refine.diff_density_rms                         ? 
_refine.diff_density_rms_esd                     ? 
_refine.entry_id                                 6C8D 
_refine.pdbx_refine_id                           'X-RAY DIFFRACTION' 
_refine.ls_abs_structure_details                 ? 
_refine.ls_abs_structure_Flack                   ? 
_refine.ls_abs_structure_Flack_esd               ? 
_refine.ls_abs_structure_Rogers                  ? 
_refine.ls_abs_structure_Rogers_esd              ? 
_refine.ls_d_res_high                            1.92 
_refine.ls_d_res_low                             50 
_refine.ls_extinction_coef                       ? 
_refine.ls_extinction_coef_esd                   ? 
_refine.ls_extinction_expression                 ? 
_refine.ls_extinction_method                     ? 
_refine.ls_goodness_of_fit_all                   ? 
_refine.ls_goodness_of_fit_all_esd               ? 
_refine.ls_goodness_of_fit_obs                   ? 
_refine.ls_goodness_of_fit_obs_esd               ? 
_refine.ls_hydrogen_treatment                    ? 
_refine.ls_matrix_type                           ? 
_refine.ls_number_constraints                    ? 
_refine.ls_number_parameters                     ? 
_refine.ls_number_reflns_all                     ? 
_refine.ls_number_reflns_obs                     8674 
_refine.ls_number_reflns_R_free                  471 
_refine.ls_number_reflns_R_work                  ? 
_refine.ls_number_restraints                     ? 
_refine.ls_percent_reflns_obs                    98.32 
_refine.ls_percent_reflns_R_free                 5.2 
_refine.ls_R_factor_all                          ? 
_refine.ls_R_factor_obs                          0.22252 
_refine.ls_R_factor_R_free                       0.28184 
_refine.ls_R_factor_R_free_error                 ? 
_refine.ls_R_factor_R_free_error_details         ? 
_refine.ls_R_factor_R_work                       0.21922 
_refine.ls_R_Fsqd_factor_obs                     ? 
_refine.ls_R_I_factor_obs                        ? 
_refine.ls_redundancy_reflns_all                 ? 
_refine.ls_redundancy_reflns_obs                 ? 
_refine.ls_restrained_S_all                      ? 
_refine.ls_restrained_S_obs                      ? 
_refine.ls_shift_over_esd_max                    ? 
_refine.ls_shift_over_esd_mean                   ? 
_refine.ls_structure_factor_coef                 ? 
_refine.ls_weighting_details                     ? 
_refine.ls_weighting_scheme                      ? 
_refine.ls_wR_factor_all                         ? 
_refine.ls_wR_factor_obs                         ? 
_refine.ls_wR_factor_R_free                      ? 
_refine.ls_wR_factor_R_work                      ? 
_refine.occupancy_max                            ? 
_refine.occupancy_min                            ? 
_refine.solvent_model_details                    ? 
_refine.solvent_model_param_bsol                 ? 
_refine.solvent_model_param_ksol                 ? 
_refine.ls_R_factor_gt                           ? 
_refine.ls_goodness_of_fit_gt                    ? 
_refine.ls_goodness_of_fit_ref                   ? 
_refine.ls_shift_over_su_max                     ? 
_refine.ls_shift_over_su_max_lt                  ? 
_refine.ls_shift_over_su_mean                    ? 
_refine.ls_shift_over_su_mean_lt                 ? 
_refine.pdbx_ls_sigma_I                          ? 
_refine.pdbx_ls_sigma_F                          ? 
_refine.pdbx_ls_sigma_Fsqd                       ? 
_refine.pdbx_data_cutoff_high_absF               ? 
_refine.pdbx_data_cutoff_high_rms_absF           ? 
_refine.pdbx_data_cutoff_low_absF                ? 
_refine.pdbx_isotropic_thermal_model             ? 
_refine.pdbx_ls_cross_valid_method               THROUGHOUT 
_refine.pdbx_method_to_determine_struct          'MOLECULAR REPLACEMENT' 
_refine.pdbx_starting_model                      5DHC 
_refine.pdbx_stereochemistry_target_values       ? 
_refine.pdbx_R_Free_selection_details            RANDOM 
_refine.pdbx_stereochem_target_val_spec_case     ? 
_refine.pdbx_overall_ESU_R                       0.160 
_refine.pdbx_overall_ESU_R_Free                  0.165 
_refine.pdbx_solvent_vdw_probe_radii             1.20 
_refine.pdbx_solvent_ion_probe_radii             0.80 
_refine.pdbx_solvent_shrinkage_radii             0.80 
_refine.pdbx_real_space_R                        ? 
_refine.pdbx_density_correlation                 ? 
_refine.pdbx_pd_number_of_powder_patterns        ? 
_refine.pdbx_pd_number_of_points                 ? 
_refine.pdbx_pd_meas_number_of_points            ? 
_refine.pdbx_pd_proc_ls_prof_R_factor            ? 
_refine.pdbx_pd_proc_ls_prof_wR_factor           ? 
_refine.pdbx_pd_Marquardt_correlation_coeff      ? 
_refine.pdbx_pd_Fsqrd_R_factor                   ? 
_refine.pdbx_pd_ls_matrix_band_width             ? 
_refine.pdbx_overall_phase_error                 ? 
_refine.pdbx_overall_SU_R_free_Cruickshank_DPI   ? 
_refine.pdbx_overall_SU_R_free_Blow_DPI          ? 
_refine.pdbx_overall_SU_R_Blow_DPI               ? 
_refine.pdbx_TLS_residual_ADP_flag               ? 
_refine.pdbx_diffrn_id                           1 
_refine.overall_SU_B                             4.361 
_refine.overall_SU_ML                            0.119 
_refine.overall_SU_R_Cruickshank_DPI             ? 
_refine.overall_SU_R_free                        ? 
_refine.overall_FOM_free_R_set                   ? 
_refine.overall_FOM_work_R_set                   ? 
_refine.pdbx_average_fsc_overall                 ? 
_refine.pdbx_average_fsc_work                    ? 
_refine.pdbx_average_fsc_free                    ? 
# 
_refine_hist.pdbx_refine_id                   'X-RAY DIFFRACTION' 
_refine_hist.cycle_id                         1 
_refine_hist.pdbx_number_atoms_protein        0 
_refine_hist.pdbx_number_atoms_nucleic_acid   598 
_refine_hist.pdbx_number_atoms_ligand         101 
_refine_hist.number_atoms_solvent             70 
_refine_hist.number_atoms_total               769 
_refine_hist.d_res_high                       1.92 
_refine_hist.d_res_low                        50 
# 
loop_
_refine_ls_restr.pdbx_refine_id 
_refine_ls_restr.criterion 
_refine_ls_restr.dev_ideal 
_refine_ls_restr.dev_ideal_target 
_refine_ls_restr.number 
_refine_ls_restr.rejects 
_refine_ls_restr.type 
_refine_ls_restr.weight 
_refine_ls_restr.pdbx_restraint_function 
'X-RAY DIFFRACTION' ? 0.024 0.017  764  ? r_bond_refined_d             ? ? 
'X-RAY DIFFRACTION' ? 0.064 0.024  344  ? r_bond_other_d               ? ? 
'X-RAY DIFFRACTION' ? 2.987 1.959  1180 ? r_angle_refined_deg          ? ? 
'X-RAY DIFFRACTION' ? 4.423 3.261  828  ? r_angle_other_deg            ? ? 
'X-RAY DIFFRACTION' ? ?     ?      ?    ? r_dihedral_angle_1_deg       ? ? 
'X-RAY DIFFRACTION' ? ?     ?      ?    ? r_dihedral_angle_2_deg       ? ? 
'X-RAY DIFFRACTION' ? ?     ?      ?    ? r_dihedral_angle_3_deg       ? ? 
'X-RAY DIFFRACTION' ? ?     ?      ?    ? r_dihedral_angle_4_deg       ? ? 
'X-RAY DIFFRACTION' ? 0.161 0.200  134  ? r_chiral_restr               ? ? 
'X-RAY DIFFRACTION' ? 0.018 0.021  388  ? r_gen_planes_refined         ? ? 
'X-RAY DIFFRACTION' ? 0.002 0.022  144  ? r_gen_planes_other           ? ? 
'X-RAY DIFFRACTION' ? ?     ?      ?    ? r_nbd_refined                ? ? 
'X-RAY DIFFRACTION' ? ?     ?      ?    ? r_nbd_other                  ? ? 
'X-RAY DIFFRACTION' ? ?     ?      ?    ? r_nbtor_refined              ? ? 
'X-RAY DIFFRACTION' ? ?     ?      ?    ? r_nbtor_other                ? ? 
'X-RAY DIFFRACTION' ? ?     ?      ?    ? r_xyhbond_nbd_refined        ? ? 
'X-RAY DIFFRACTION' ? ?     ?      ?    ? r_xyhbond_nbd_other          ? ? 
'X-RAY DIFFRACTION' ? ?     ?      ?    ? r_metal_ion_refined          ? ? 
'X-RAY DIFFRACTION' ? ?     ?      ?    ? r_metal_ion_other            ? ? 
'X-RAY DIFFRACTION' ? ?     ?      ?    ? r_symmetry_vdw_refined       ? ? 
'X-RAY DIFFRACTION' ? ?     ?      ?    ? r_symmetry_vdw_other         ? ? 
'X-RAY DIFFRACTION' ? ?     ?      ?    ? r_symmetry_hbond_refined     ? ? 
'X-RAY DIFFRACTION' ? ?     ?      ?    ? r_symmetry_hbond_other       ? ? 
'X-RAY DIFFRACTION' ? ?     ?      ?    ? r_symmetry_metal_ion_refined ? ? 
'X-RAY DIFFRACTION' ? ?     ?      ?    ? r_symmetry_metal_ion_other   ? ? 
'X-RAY DIFFRACTION' ? ?     ?      ?    ? r_mcbond_it                  ? ? 
'X-RAY DIFFRACTION' ? ?     ?      ?    ? r_mcbond_other               ? ? 
'X-RAY DIFFRACTION' ? ?     ?      ?    ? r_mcangle_it                 ? ? 
'X-RAY DIFFRACTION' ? ?     ?      ?    ? r_mcangle_other              ? ? 
'X-RAY DIFFRACTION' ? 3.719 3.574  762  ? r_scbond_it                  ? ? 
'X-RAY DIFFRACTION' ? 3.572 3.551  758  ? r_scbond_other               ? ? 
'X-RAY DIFFRACTION' ? ?     ?      ?    ? r_scangle_it                 ? ? 
'X-RAY DIFFRACTION' ? 4.705 5.309  1175 ? r_scangle_other              ? ? 
'X-RAY DIFFRACTION' ? 5.533 35.359 1210 ? r_long_range_B_refined       ? ? 
'X-RAY DIFFRACTION' ? 5.478 35.140 1123 ? r_long_range_B_other         ? ? 
'X-RAY DIFFRACTION' ? ?     ?      ?    ? r_rigid_bond_restr           ? ? 
'X-RAY DIFFRACTION' ? ?     ?      ?    ? r_sphericity_free            ? ? 
'X-RAY DIFFRACTION' ? ?     ?      ?    ? r_sphericity_bonded          ? ? 
# 
_refine_ls_shell.pdbx_refine_id                   'X-RAY DIFFRACTION' 
_refine_ls_shell.d_res_high                       1.921 
_refine_ls_shell.d_res_low                        1.971 
_refine_ls_shell.number_reflns_all                ? 
_refine_ls_shell.number_reflns_obs                ? 
_refine_ls_shell.number_reflns_R_free             40 
_refine_ls_shell.number_reflns_R_work             640 
_refine_ls_shell.percent_reflns_obs               99.13 
_refine_ls_shell.percent_reflns_R_free            ? 
_refine_ls_shell.R_factor_all                     ? 
_refine_ls_shell.R_factor_obs                     ? 
_refine_ls_shell.R_factor_R_free                  0.453 
_refine_ls_shell.R_factor_R_free_error            ? 
_refine_ls_shell.R_factor_R_work                  0.323 
_refine_ls_shell.redundancy_reflns_all            ? 
_refine_ls_shell.redundancy_reflns_obs            ? 
_refine_ls_shell.wR_factor_all                    ? 
_refine_ls_shell.wR_factor_obs                    ? 
_refine_ls_shell.wR_factor_R_free                 ? 
_refine_ls_shell.wR_factor_R_work                 ? 
_refine_ls_shell.pdbx_total_number_of_bins_used   20 
_refine_ls_shell.pdbx_phase_error                 ? 
_refine_ls_shell.pdbx_fsc_work                    ? 
_refine_ls_shell.pdbx_fsc_free                    ? 
# 
_struct.entry_id                     6C8D 
_struct.title                        'RNA-dGMP complex with Mg ion' 
_struct.pdbx_model_details           ? 
_struct.pdbx_formula_weight          ? 
_struct.pdbx_formula_weight_method   ? 
_struct.pdbx_model_type_details      ? 
_struct.pdbx_CASP_flag               N 
# 
_struct_keywords.entry_id        6C8D 
_struct_keywords.text            'RNA, deoxyguanosine' 
_struct_keywords.pdbx_keywords   RNA 
# 
loop_
_struct_asym.id 
_struct_asym.pdbx_blank_PDB_chainid_flag 
_struct_asym.pdbx_modified 
_struct_asym.entity_id 
_struct_asym.details 
A N N 1 ? 
B N N 1 ? 
C N N 2 ? 
D N N 2 ? 
E N N 3 ? 
F N N 3 ? 
G N N 3 ? 
H N N 3 ? 
I N N 3 ? 
J N N 2 ? 
K N N 2 ? 
L N N 3 ? 
M N N 3 ? 
N N N 3 ? 
O N N 3 ? 
P N N 4 ? 
Q N N 4 ? 
# 
loop_
_struct_conn.id 
_struct_conn.conn_type_id 
_struct_conn.pdbx_leaving_atom_flag 
_struct_conn.pdbx_PDB_id 
_struct_conn.ptnr1_label_asym_id 
_struct_conn.ptnr1_label_comp_id 
_struct_conn.ptnr1_label_seq_id 
_struct_conn.ptnr1_label_atom_id 
_struct_conn.pdbx_ptnr1_label_alt_id 
_struct_conn.pdbx_ptnr1_PDB_ins_code 
_struct_conn.pdbx_ptnr1_standard_comp_id 
_struct_conn.ptnr1_symmetry 
_struct_conn.ptnr2_label_asym_id 
_struct_conn.ptnr2_label_comp_id 
_struct_conn.ptnr2_label_seq_id 
_struct_conn.ptnr2_label_atom_id 
_struct_conn.pdbx_ptnr2_label_alt_id 
_struct_conn.pdbx_ptnr2_PDB_ins_code 
_struct_conn.ptnr1_auth_asym_id 
_struct_conn.ptnr1_auth_comp_id 
_struct_conn.ptnr1_auth_seq_id 
_struct_conn.ptnr2_auth_asym_id 
_struct_conn.ptnr2_auth_comp_id 
_struct_conn.ptnr2_auth_seq_id 
_struct_conn.ptnr2_symmetry 
_struct_conn.pdbx_ptnr3_label_atom_id 
_struct_conn.pdbx_ptnr3_label_seq_id 
_struct_conn.pdbx_ptnr3_label_comp_id 
_struct_conn.pdbx_ptnr3_label_asym_id 
_struct_conn.pdbx_ptnr3_label_alt_id 
_struct_conn.pdbx_ptnr3_PDB_ins_code 
_struct_conn.details 
_struct_conn.pdbx_dist_value 
_struct_conn.pdbx_value_order 
_struct_conn.pdbx_role 
covale1  covale both ? A LCC 1  "O3'" ? ? ? 1_555 A LCC 2  P  ? ? A LCC 1   A LCC 2   1_555 ? ? ? ? ? ? ?            1.703 ? ? 
covale2  covale both ? A LCC 2  "O3'" ? ? ? 1_555 A LCC 3  P  ? ? A LCC 2   A LCC 3   1_555 ? ? ? ? ? ? ?            1.685 ? ? 
covale3  covale both ? A LCC 3  "O3'" ? ? ? 1_555 A LCG 4  P  ? ? A LCC 3   A LCG 4   1_555 ? ? ? ? ? ? ?            1.662 ? ? 
covale4  covale both ? A LCG 4  "O3'" ? ? ? 1_555 A A   5  P  ? ? A LCG 4   A A   5   1_555 ? ? ? ? ? ? ?            1.661 ? ? 
covale5  covale both ? B LCC 1  "O3'" ? ? ? 1_555 B LCC 2  P  ? ? B LCC 1   B LCC 2   1_555 ? ? ? ? ? ? ?            1.701 ? ? 
covale6  covale both ? B LCC 2  "O3'" ? ? ? 1_555 B LCC 3  P  ? ? B LCC 2   B LCC 3   1_555 ? ? ? ? ? ? ?            1.657 ? ? 
covale7  covale both ? B LCC 3  "O3'" ? ? ? 1_555 B LCG 4  P  ? ? B LCC 3   B LCG 4   1_555 ? ? ? ? ? ? ?            1.635 ? ? 
covale8  covale both ? B LCG 4  "O3'" ? ? ? 1_555 B A   5  P  ? ? B LCG 4   B A   5   1_555 ? ? ? ? ? ? ?            1.682 ? ? 
metalc1  metalc ?    ? E MG  .  MG    ? ? ? 1_555 P HOH .  O  ? ? A MG  103 A HOH 201 1_555 ? ? ? ? ? ? ?            2.088 ? ? 
metalc2  metalc ?    ? E MG  .  MG    ? ? ? 1_555 P HOH .  O  ? ? A MG  103 A HOH 206 1_555 ? ? ? ? ? ? ?            2.063 ? ? 
metalc3  metalc ?    ? E MG  .  MG    ? ? ? 1_555 P HOH .  O  ? ? A MG  103 A HOH 217 2_665 ? ? ? ? ? ? ?            2.102 ? ? 
metalc4  metalc ?    ? E MG  .  MG    ? ? ? 1_555 Q HOH .  O  ? ? A MG  103 B HOH 215 1_555 ? ? ? ? ? ? ?            2.109 ? ? 
metalc5  metalc ?    ? E MG  .  MG    ? ? ? 1_555 Q HOH .  O  ? ? A MG  103 B HOH 228 1_555 ? ? ? ? ? ? ?            2.011 ? ? 
metalc6  metalc ?    ? E MG  .  MG    ? ? ? 1_555 Q HOH .  O  ? ? A MG  103 B HOH 229 1_555 ? ? ? ? ? ? ?            2.089 ? ? 
metalc7  metalc ?    ? F MG  .  MG    ? ? ? 1_555 P HOH .  O  ? ? A MG  104 A HOH 208 1_555 ? ? ? ? ? ? ?            1.979 ? ? 
metalc8  metalc ?    ? F MG  .  MG    ? ? ? 1_555 P HOH .  O  ? ? A MG  104 A HOH 221 1_555 ? ? ? ? ? ? ?            1.995 ? ? 
metalc9  metalc ?    ? F MG  .  MG    ? ? ? 1_555 P HOH .  O  ? ? A MG  104 A HOH 232 1_555 ? ? ? ? ? ? ?            2.188 ? ? 
metalc10 metalc ?    ? F MG  .  MG    ? ? ? 1_555 Q HOH .  O  ? ? A MG  104 B HOH 208 1_555 ? ? ? ? ? ? ?            2.037 ? ? 
metalc11 metalc ?    ? F MG  .  MG    ? ? ? 1_555 Q HOH .  O  ? ? A MG  104 B HOH 214 1_555 ? ? ? ? ? ? ?            2.036 ? ? 
metalc12 metalc ?    ? F MG  .  MG    ? ? ? 1_555 Q HOH .  O  ? ? A MG  104 B HOH 232 1_555 ? ? ? ? ? ? ?            2.128 ? ? 
metalc13 metalc ?    ? G MG  .  MG    ? ? ? 1_555 P HOH .  O  ? ? A MG  105 A HOH 203 1_555 ? ? ? ? ? ? ?            2.175 ? ? 
metalc14 metalc ?    ? G MG  .  MG    ? ? ? 1_555 P HOH .  O  ? ? A MG  105 A HOH 212 1_555 ? ? ? ? ? ? ?            2.197 ? ? 
metalc15 metalc ?    ? G MG  .  MG    ? ? ? 1_555 P HOH .  O  ? ? A MG  105 A HOH 225 1_555 ? ? ? ? ? ? ?            1.955 ? ? 
metalc16 metalc ?    ? G MG  .  MG    ? ? ? 1_555 P HOH .  O  ? ? A MG  105 A HOH 230 1_555 ? ? ? ? ? ? ?            1.999 ? ? 
metalc17 metalc ?    ? G MG  .  MG    ? ? ? 1_555 P HOH .  O  ? ? A MG  105 A HOH 234 1_555 ? ? ? ? ? ? ?            2.036 ? ? 
metalc18 metalc ?    ? G MG  .  MG    ? ? ? 1_555 P HOH .  O  ? ? A MG  105 A HOH 235 1_555 ? ? ? ? ? ? ?            2.123 ? ? 
metalc19 metalc ?    ? H MG  .  MG    ? ? ? 1_555 Q HOH .  O  ? ? A MG  106 B HOH 202 1_555 ? ? ? ? ? ? ?            2.191 ? ? 
metalc20 metalc ?    ? H MG  .  MG    ? ? ? 1_555 Q HOH .  O  ? ? A MG  106 B HOH 202 2_665 ? ? ? ? ? ? ?            2.164 ? ? 
metalc21 metalc ?    ? I MG  .  MG    ? ? ? 1_555 P HOH .  O  ? ? A MG  107 A HOH 209 1_555 ? ? ? ? ? ? ?            1.978 ? ? 
metalc22 metalc ?    ? I MG  .  MG    ? ? ? 1_555 P HOH .  O  ? ? A MG  107 A HOH 220 1_555 ? ? ? ? ? ? ?            2.091 ? ? 
metalc23 metalc ?    ? I MG  .  MG    ? ? ? 1_555 P HOH .  O  ? ? A MG  107 A HOH 233 1_555 ? ? ? ? ? ? ?            2.231 ? ? 
metalc24 metalc ?    ? I MG  .  MG    ? ? ? 1_555 Q HOH .  O  ? ? A MG  107 B HOH 222 1_555 ? ? ? ? ? ? ?            1.949 ? ? 
metalc25 metalc ?    ? I MG  .  MG    ? ? ? 1_555 Q HOH .  O  ? ? A MG  107 B HOH 223 1_555 ? ? ? ? ? ? ?            2.276 ? ? 
metalc26 metalc ?    ? P HOH .  O     ? ? ? 1_555 O MG  .  MG ? ? A HOH 202 B MG  106 1_555 ? ? ? ? ? ? ?            2.376 ? ? 
metalc27 metalc ?    ? P HOH .  O     ? ? ? 3_565 O MG  .  MG ? ? A HOH 202 B MG  106 1_555 ? ? ? ? ? ? ?            2.385 ? ? 
metalc28 metalc ?    ? P HOH .  O     ? ? ? 1_555 L MG  .  MG ? ? A HOH 211 B MG  103 1_555 ? ? ? ? ? ? ?            2.099 ? ? 
metalc29 metalc ?    ? P HOH .  O     ? ? ? 1_555 N MG  .  MG ? ? A HOH 224 B MG  105 1_555 ? ? ? ? ? ? ?            1.906 ? ? 
metalc30 metalc ?    ? P HOH .  O     ? ? ? 1_555 N MG  .  MG ? ? A HOH 226 B MG  105 1_555 ? ? ? ? ? ? ?            2.078 ? ? 
metalc31 metalc ?    ? P HOH .  O     ? ? ? 1_555 L MG  .  MG ? ? A HOH 228 B MG  103 1_555 ? ? ? ? ? ? ?            2.013 ? ? 
metalc32 metalc ?    ? P HOH .  O     ? ? ? 1_555 L MG  .  MG ? ? A HOH 229 B MG  103 1_555 ? ? ? ? ? ? ?            2.108 ? ? 
metalc33 metalc ?    ? L MG  .  MG    ? ? ? 1_555 Q HOH .  O  ? ? B MG  103 B HOH 201 1_555 ? ? ? ? ? ? ?            2.124 ? ? 
metalc34 metalc ?    ? L MG  .  MG    ? ? ? 1_555 Q HOH .  O  ? ? B MG  103 B HOH 211 1_555 ? ? ? ? ? ? ?            2.078 ? ? 
metalc35 metalc ?    ? L MG  .  MG    ? ? ? 1_555 Q HOH .  O  ? ? B MG  103 B HOH 220 1_555 ? ? ? ? ? ? ?            2.100 ? ? 
metalc36 metalc ?    ? M MG  .  MG    ? ? ? 1_555 Q HOH .  O  ? ? B MG  104 B HOH 203 1_555 ? ? ? ? ? ? ?            2.264 ? ? 
metalc37 metalc ?    ? M MG  .  MG    ? ? ? 1_555 Q HOH .  O  ? ? B MG  104 B HOH 207 1_555 ? ? ? ? ? ? ?            2.205 ? ? 
metalc38 metalc ?    ? M MG  .  MG    ? ? ? 1_555 Q HOH .  O  ? ? B MG  104 B HOH 226 1_555 ? ? ? ? ? ? ?            1.993 ? ? 
metalc39 metalc ?    ? M MG  .  MG    ? ? ? 1_555 Q HOH .  O  ? ? B MG  104 B HOH 230 1_555 ? ? ? ? ? ? ?            2.041 ? ? 
metalc40 metalc ?    ? M MG  .  MG    ? ? ? 1_555 Q HOH .  O  ? ? B MG  104 B HOH 234 1_555 ? ? ? ? ? ? ?            1.940 ? ? 
metalc41 metalc ?    ? M MG  .  MG    ? ? ? 1_555 Q HOH .  O  ? ? B MG  104 B HOH 235 1_555 ? ? ? ? ? ? ?            2.084 ? ? 
metalc42 metalc ?    ? N MG  .  MG    ? ? ? 1_555 Q HOH .  O  ? ? B MG  105 B HOH 205 1_555 ? ? ? ? ? ? ?            2.124 ? ? 
metalc43 metalc ?    ? N MG  .  MG    ? ? ? 1_555 Q HOH .  O  ? ? B MG  105 B HOH 217 1_555 ? ? ? ? ? ? ?            2.222 ? ? 
metalc44 metalc ?    ? N MG  .  MG    ? ? ? 1_555 Q HOH .  O  ? ? B MG  105 B HOH 233 1_555 ? ? ? ? ? ? ?            2.270 ? ? 
hydrog1  hydrog ?    ? A LCG 4  N1    ? ? ? 1_555 B C   13 N3 ? ? A LCG 4   B C   13  1_555 ? ? ? ? ? ? WATSON-CRICK ?     ? ? 
hydrog2  hydrog ?    ? A LCG 4  N2    ? ? ? 1_555 B C   13 O2 ? ? A LCG 4   B C   13  1_555 ? ? ? ? ? ? WATSON-CRICK ?     ? ? 
hydrog3  hydrog ?    ? A LCG 4  O6    ? ? ? 1_555 B C   13 N4 ? ? A LCG 4   B C   13  1_555 ? ? ? ? ? ? WATSON-CRICK ?     ? ? 
hydrog4  hydrog ?    ? A A   5  N1    ? ? ? 1_555 B U   12 N3 ? ? A A   5   B U   12  1_555 ? ? ? ? ? ? WATSON-CRICK ?     ? ? 
hydrog5  hydrog ?    ? A A   5  N6    ? ? ? 1_555 B U   12 O4 ? ? A A   5   B U   12  1_555 ? ? ? ? ? ? WATSON-CRICK ?     ? ? 
hydrog6  hydrog ?    ? A C   6  N3    ? ? ? 1_555 B G   11 N1 ? ? A C   6   B G   11  1_555 ? ? ? ? ? ? WATSON-CRICK ?     ? ? 
hydrog7  hydrog ?    ? A C   6  N4    ? ? ? 1_555 B G   11 O6 ? ? A C   6   B G   11  1_555 ? ? ? ? ? ? WATSON-CRICK ?     ? ? 
hydrog8  hydrog ?    ? A C   6  O2    ? ? ? 1_555 B G   11 N2 ? ? A C   6   B G   11  1_555 ? ? ? ? ? ? WATSON-CRICK ?     ? ? 
hydrog9  hydrog ?    ? A U   7  N3    ? ? ? 1_555 B A   10 N1 ? ? A U   7   B A   10  1_555 ? ? ? ? ? ? WATSON-CRICK ?     ? ? 
hydrog10 hydrog ?    ? A U   7  O4    ? ? ? 1_555 B A   10 N6 ? ? A U   7   B A   10  1_555 ? ? ? ? ? ? WATSON-CRICK ?     ? ? 
hydrog11 hydrog ?    ? A U   8  N3    ? ? ? 1_555 B A   9  N1 ? ? A U   8   B A   9   1_555 ? ? ? ? ? ? WATSON-CRICK ?     ? ? 
hydrog12 hydrog ?    ? A U   8  O4    ? ? ? 1_555 B A   9  N6 ? ? A U   8   B A   9   1_555 ? ? ? ? ? ? WATSON-CRICK ?     ? ? 
hydrog13 hydrog ?    ? A A   9  N1    ? ? ? 1_555 B U   8  N3 ? ? A A   9   B U   8   1_555 ? ? ? ? ? ? WATSON-CRICK ?     ? ? 
hydrog14 hydrog ?    ? A A   9  N6    ? ? ? 1_555 B U   8  O4 ? ? A A   9   B U   8   1_555 ? ? ? ? ? ? WATSON-CRICK ?     ? ? 
hydrog15 hydrog ?    ? A A   10 N1    ? ? ? 1_555 B U   7  N3 ? ? A A   10  B U   7   1_555 ? ? ? ? ? ? WATSON-CRICK ?     ? ? 
hydrog16 hydrog ?    ? A A   10 N6    ? ? ? 1_555 B U   7  O4 ? ? A A   10  B U   7   1_555 ? ? ? ? ? ? WATSON-CRICK ?     ? ? 
hydrog17 hydrog ?    ? A G   11 N1    ? ? ? 1_555 B C   6  N3 ? ? A G   11  B C   6   1_555 ? ? ? ? ? ? WATSON-CRICK ?     ? ? 
hydrog18 hydrog ?    ? A G   11 N2    ? ? ? 1_555 B C   6  O2 ? ? A G   11  B C   6   1_555 ? ? ? ? ? ? WATSON-CRICK ?     ? ? 
hydrog19 hydrog ?    ? A G   11 O6    ? ? ? 1_555 B C   6  N4 ? ? A G   11  B C   6   1_555 ? ? ? ? ? ? WATSON-CRICK ?     ? ? 
hydrog20 hydrog ?    ? A U   12 N3    ? ? ? 1_555 B A   5  N1 ? ? A U   12  B A   5   1_555 ? ? ? ? ? ? WATSON-CRICK ?     ? ? 
hydrog21 hydrog ?    ? A U   12 O4    ? ? ? 1_555 B A   5  N6 ? ? A U   12  B A   5   1_555 ? ? ? ? ? ? WATSON-CRICK ?     ? ? 
hydrog22 hydrog ?    ? A C   13 N3    ? ? ? 1_555 B LCG 4  N1 ? ? A C   13  B LCG 4   1_555 ? ? ? ? ? ? WATSON-CRICK ?     ? ? 
hydrog23 hydrog ?    ? A C   13 N4    ? ? ? 1_555 B LCG 4  O6 ? ? A C   13  B LCG 4   1_555 ? ? ? ? ? ? WATSON-CRICK ?     ? ? 
hydrog24 hydrog ?    ? A C   13 O2    ? ? ? 1_555 B LCG 4  N2 ? ? A C   13  B LCG 4   1_555 ? ? ? ? ? ? WATSON-CRICK ?     ? ? 
# 
loop_
_struct_conn_type.id 
_struct_conn_type.criteria 
_struct_conn_type.reference 
covale ? ? 
metalc ? ? 
hydrog ? ? 
# 
loop_
_struct_site.id 
_struct_site.pdbx_evidence_code 
_struct_site.pdbx_auth_asym_id 
_struct_site.pdbx_auth_comp_id 
_struct_site.pdbx_auth_seq_id 
_struct_site.pdbx_auth_ins_code 
_struct_site.pdbx_num_residues 
_struct_site.details 
AC1 Software A DGP 101 ? 9  'binding site for residue DGP A 101' 
AC2 Software A DGP 102 ? 5  'binding site for residue DGP A 102' 
AC3 Software A MG  103 ? 6  'binding site for residue MG A 103'  
AC4 Software A MG  104 ? 6  'binding site for residue MG A 104'  
AC5 Software A MG  105 ? 6  'binding site for residue MG A 105'  
AC6 Software A MG  106 ? 3  'binding site for residue MG A 106'  
AC7 Software A MG  107 ? 6  'binding site for residue MG A 107'  
AC8 Software B DGP 101 ? 10 'binding site for residue DGP B 101' 
AC9 Software B DGP 102 ? 5  'binding site for residue DGP B 102' 
AD1 Software B MG  103 ? 6  'binding site for residue MG B 103'  
AD2 Software B MG  104 ? 6  'binding site for residue MG B 104'  
AD3 Software B MG  105 ? 6  'binding site for residue MG B 105'  
AD4 Software B MG  106 ? 3  'binding site for residue MG B 106'  
# 
loop_
_struct_site_gen.id 
_struct_site_gen.site_id 
_struct_site_gen.pdbx_num_res 
_struct_site_gen.label_comp_id 
_struct_site_gen.label_asym_id 
_struct_site_gen.label_seq_id 
_struct_site_gen.pdbx_auth_ins_code 
_struct_site_gen.auth_comp_id 
_struct_site_gen.auth_asym_id 
_struct_site_gen.auth_seq_id 
_struct_site_gen.label_atom_id 
_struct_site_gen.label_alt_id 
_struct_site_gen.symmetry 
_struct_site_gen.details 
1  AC1 9  LCC A 2  ? LCC A 2   . ? 1_555 ? 
2  AC1 9  LCC A 3  ? LCC A 3   . ? 1_555 ? 
3  AC1 9  DGP D .  ? DGP A 102 . ? 1_555 ? 
4  AC1 9  HOH P .  ? HOH A 202 . ? 1_555 ? 
5  AC1 9  HOH P .  ? HOH A 224 . ? 1_555 ? 
6  AC1 9  HOH P .  ? HOH A 226 . ? 1_555 ? 
7  AC1 9  G   B 14 ? G   B 14  . ? 2_665 ? 
8  AC1 9  G   B 14 ? G   B 14  . ? 1_555 ? 
9  AC1 9  MG  N .  ? MG  B 105 . ? 1_555 ? 
10 AC2 5  LCC A 1  ? LCC A 1   . ? 5_675 ? 
11 AC2 5  LCC A 1  ? LCC A 1   . ? 1_555 ? 
12 AC2 5  LCC A 2  ? LCC A 2   . ? 1_555 ? 
13 AC2 5  DGP C .  ? DGP A 101 . ? 1_555 ? 
14 AC2 5  HOH P .  ? HOH A 222 . ? 1_555 ? 
15 AC3 6  HOH P .  ? HOH A 201 . ? 1_555 ? 
16 AC3 6  HOH P .  ? HOH A 206 . ? 1_555 ? 
17 AC3 6  HOH P .  ? HOH A 217 . ? 2_665 ? 
18 AC3 6  HOH Q .  ? HOH B 215 . ? 1_555 ? 
19 AC3 6  HOH Q .  ? HOH B 228 . ? 1_555 ? 
20 AC3 6  HOH Q .  ? HOH B 229 . ? 1_555 ? 
21 AC4 6  HOH P .  ? HOH A 208 . ? 1_555 ? 
22 AC4 6  HOH P .  ? HOH A 221 . ? 1_555 ? 
23 AC4 6  HOH P .  ? HOH A 232 . ? 1_555 ? 
24 AC4 6  HOH Q .  ? HOH B 208 . ? 1_555 ? 
25 AC4 6  HOH Q .  ? HOH B 214 . ? 1_555 ? 
26 AC4 6  HOH Q .  ? HOH B 232 . ? 1_555 ? 
27 AC5 6  HOH P .  ? HOH A 203 . ? 1_555 ? 
28 AC5 6  HOH P .  ? HOH A 212 . ? 1_555 ? 
29 AC5 6  HOH P .  ? HOH A 225 . ? 1_555 ? 
30 AC5 6  HOH P .  ? HOH A 230 . ? 1_555 ? 
31 AC5 6  HOH P .  ? HOH A 234 . ? 1_555 ? 
32 AC5 6  HOH P .  ? HOH A 235 . ? 1_555 ? 
33 AC6 3  HOH Q .  ? HOH B 202 . ? 3_565 ? 
34 AC6 3  HOH Q .  ? HOH B 202 . ? 1_555 ? 
35 AC6 3  HOH Q .  ? HOH B 202 . ? 2_665 ? 
36 AC7 6  HOH P .  ? HOH A 209 . ? 1_555 ? 
37 AC7 6  HOH P .  ? HOH A 220 . ? 1_555 ? 
38 AC7 6  HOH P .  ? HOH A 233 . ? 1_555 ? 
39 AC7 6  DGP J .  ? DGP B 101 . ? 1_555 ? 
40 AC7 6  HOH Q .  ? HOH B 222 . ? 1_555 ? 
41 AC7 6  HOH Q .  ? HOH B 223 . ? 1_555 ? 
42 AC8 10 G   A 14 ? G   A 14  . ? 1_555 ? 
43 AC8 10 G   A 14 ? G   A 14  . ? 3_565 ? 
44 AC8 10 MG  I .  ? MG  A 107 . ? 1_555 ? 
45 AC8 10 HOH P .  ? HOH A 209 . ? 1_555 ? 
46 AC8 10 LCC B 2  ? LCC B 2   . ? 1_555 ? 
47 AC8 10 LCC B 3  ? LCC B 3   . ? 1_555 ? 
48 AC8 10 DGP K .  ? DGP B 102 . ? 1_555 ? 
49 AC8 10 HOH Q .  ? HOH B 202 . ? 1_555 ? 
50 AC8 10 HOH Q .  ? HOH B 222 . ? 1_555 ? 
51 AC8 10 HOH Q .  ? HOH B 223 . ? 1_555 ? 
52 AC9 5  LCC B 1  ? LCC B 1   . ? 4_556 ? 
53 AC9 5  LCC B 1  ? LCC B 1   . ? 1_555 ? 
54 AC9 5  LCC B 2  ? LCC B 2   . ? 1_555 ? 
55 AC9 5  DGP J .  ? DGP B 101 . ? 1_555 ? 
56 AC9 5  HOH Q .  ? HOH B 225 . ? 1_555 ? 
57 AD1 6  HOH P .  ? HOH A 211 . ? 1_555 ? 
58 AD1 6  HOH P .  ? HOH A 228 . ? 1_555 ? 
59 AD1 6  HOH P .  ? HOH A 229 . ? 1_555 ? 
60 AD1 6  HOH Q .  ? HOH B 201 . ? 1_555 ? 
61 AD1 6  HOH Q .  ? HOH B 211 . ? 1_555 ? 
62 AD1 6  HOH Q .  ? HOH B 220 . ? 1_555 ? 
63 AD2 6  HOH Q .  ? HOH B 203 . ? 1_555 ? 
64 AD2 6  HOH Q .  ? HOH B 207 . ? 1_555 ? 
65 AD2 6  HOH Q .  ? HOH B 226 . ? 1_555 ? 
66 AD2 6  HOH Q .  ? HOH B 230 . ? 1_555 ? 
67 AD2 6  HOH Q .  ? HOH B 234 . ? 1_555 ? 
68 AD2 6  HOH Q .  ? HOH B 235 . ? 1_555 ? 
69 AD3 6  DGP C .  ? DGP A 101 . ? 1_555 ? 
70 AD3 6  HOH P .  ? HOH A 224 . ? 1_555 ? 
71 AD3 6  HOH P .  ? HOH A 226 . ? 1_555 ? 
72 AD3 6  HOH Q .  ? HOH B 205 . ? 1_555 ? 
73 AD3 6  HOH Q .  ? HOH B 217 . ? 1_555 ? 
74 AD3 6  HOH Q .  ? HOH B 233 . ? 1_555 ? 
75 AD4 3  HOH P .  ? HOH A 202 . ? 3_565 ? 
76 AD4 3  HOH P .  ? HOH A 202 . ? 1_555 ? 
77 AD4 3  HOH P .  ? HOH A 202 . ? 2_665 ? 
# 
_atom_sites.entry_id                    6C8D 
_atom_sites.fract_transf_matrix[1][1]   -0.01322359 
_atom_sites.fract_transf_matrix[1][2]   0.01874342 
_atom_sites.fract_transf_matrix[1][3]   -0.00411910 
_atom_sites.fract_transf_matrix[2][1]   -0.00592836 
_atom_sites.fract_transf_matrix[2][2]   0.00550334 
_atom_sites.fract_transf_matrix[2][3]   -0.02185614 
_atom_sites.fract_transf_matrix[3][1]   -0.01011564 
_atom_sites.fract_transf_matrix[3][2]   -0.00691638 
_atom_sites.fract_transf_matrix[3][3]   0.00100228 
_atom_sites.fract_transf_vector[1]      0.592776 
_atom_sites.fract_transf_vector[2]      0.796549 
_atom_sites.fract_transf_vector[3]      0.249968 
# 
loop_
_atom_type.symbol 
C  
MG 
N  
O  
P  
# 
loop_
_atom_site.group_PDB 
_atom_site.id 
_atom_site.type_symbol 
_atom_site.label_atom_id 
_atom_site.label_alt_id 
_atom_site.label_comp_id 
_atom_site.label_asym_id 
_atom_site.label_entity_id 
_atom_site.label_seq_id 
_atom_site.pdbx_PDB_ins_code 
_atom_site.Cartn_x 
_atom_site.Cartn_y 
_atom_site.Cartn_z 
_atom_site.occupancy 
_atom_site.B_iso_or_equiv 
_atom_site.pdbx_formal_charge 
_atom_site.auth_seq_id 
_atom_site.auth_comp_id 
_atom_site.auth_asym_id 
_atom_site.auth_atom_id 
_atom_site.pdbx_PDB_model_num 
HETATM 1   O  "O5'" . LCC A 1 1  ? 11.636  10.543  -15.372 1.00 46.85 ? 1   LCC A "O5'" 1 
HETATM 2   C  "C5'" . LCC A 1 1  ? 12.413  9.588   -16.152 1.00 40.04 ? 1   LCC A "C5'" 1 
HETATM 3   C  "C4'" . LCC A 1 1  ? 13.328  8.999   -15.047 1.00 39.60 ? 1   LCC A "C4'" 1 
HETATM 4   O  "O4'" . LCC A 1 1  ? 14.117  9.909   -14.250 1.00 34.98 ? 1   LCC A "O4'" 1 
HETATM 5   C  "C1'" . LCC A 1 1  ? 14.656  9.169   -13.168 1.00 36.14 ? 1   LCC A "C1'" 1 
HETATM 6   N  N1    . LCC A 1 1  ? 14.414  9.913   -11.958 1.00 34.04 ? 1   LCC A N1    1 
HETATM 7   C  C6    . LCC A 1 1  ? 13.545  10.982  -11.865 1.00 32.08 ? 1   LCC A C6    1 
HETATM 8   C  C5    . LCC A 1 1  ? 13.455  11.648  -10.649 1.00 39.21 ? 1   LCC A C5    1 
HETATM 9   C  C5M   . LCC A 1 1  ? 12.540  12.734  -10.458 1.00 40.34 ? 1   LCC A C5M   1 
HETATM 10  C  C4    . LCC A 1 1  ? 14.263  11.154  -9.600  1.00 35.46 ? 1   LCC A C4    1 
HETATM 11  N  N4    . LCC A 1 1  ? 14.177  11.716  -8.405  1.00 35.67 ? 1   LCC A N4    1 
HETATM 12  N  N3    . LCC A 1 1  ? 15.086  10.102  -9.743  1.00 30.46 ? 1   LCC A N3    1 
HETATM 13  C  C2    . LCC A 1 1  ? 15.130  9.493   -10.916 1.00 34.81 ? 1   LCC A C2    1 
HETATM 14  O  O2    . LCC A 1 1  ? 15.908  8.546   -11.047 1.00 32.69 ? 1   LCC A O2    1 
HETATM 15  C  "C3'" . LCC A 1 1  ? 12.638  8.373   -13.896 1.00 39.25 ? 1   LCC A "C3'" 1 
HETATM 16  C  "C2'" . LCC A 1 1  ? 13.943  7.848   -13.299 1.00 39.07 ? 1   LCC A "C2'" 1 
HETATM 17  O  "O2'" . LCC A 1 1  ? 14.510  7.091   -14.464 1.00 39.30 ? 1   LCC A "O2'" 1 
HETATM 18  O  "O3'" . LCC A 1 1  ? 11.877  7.272   -14.389 1.00 37.39 ? 1   LCC A "O3'" 1 
HETATM 19  C  "C6'" . LCC A 1 1  ? 14.185  7.890   -15.661 1.00 39.41 ? 1   LCC A "C6'" 1 
HETATM 20  O  "O5'" . LCC A 1 2  ? 12.049  5.434   -12.422 1.00 34.65 ? 2   LCC A "O5'" 1 
HETATM 21  C  "C5'" . LCC A 1 2  ? 12.750  4.378   -13.023 1.00 37.14 ? 2   LCC A "C5'" 1 
HETATM 22  C  "C4'" . LCC A 1 2  ? 13.695  3.996   -11.870 1.00 33.00 ? 2   LCC A "C4'" 1 
HETATM 23  O  "O4'" . LCC A 1 2  ? 14.522  5.029   -11.333 1.00 30.71 ? 2   LCC A "O4'" 1 
HETATM 24  C  "C1'" . LCC A 1 2  ? 14.828  4.622   -9.968  1.00 31.15 ? 2   LCC A "C1'" 1 
HETATM 25  N  N1    . LCC A 1 2  ? 14.353  5.675   -9.023  1.00 28.41 ? 2   LCC A N1    1 
HETATM 26  C  C6    . LCC A 1 2  ? 13.478  6.698   -9.402  1.00 30.33 ? 2   LCC A C6    1 
HETATM 27  C  C5    . LCC A 1 2  ? 13.137  7.633   -8.456  1.00 31.20 ? 2   LCC A C5    1 
HETATM 28  C  C5M   . LCC A 1 2  ? 12.227  8.648   -8.751  1.00 36.09 ? 2   LCC A C5M   1 
HETATM 29  C  C4    . LCC A 1 2  ? 13.674  7.491   -7.188  1.00 36.06 ? 2   LCC A C4    1 
HETATM 30  N  N4    . LCC A 1 2  ? 13.362  8.411   -6.325  1.00 32.84 ? 2   LCC A N4    1 
HETATM 31  N  N3    . LCC A 1 2  ? 14.504  6.508   -6.831  1.00 32.10 ? 2   LCC A N3    1 
HETATM 32  C  C2    . LCC A 1 2  ? 14.852  5.592   -7.773  1.00 32.18 ? 2   LCC A C2    1 
HETATM 33  O  O2    . LCC A 1 2  ? 15.619  4.641   -7.475  1.00 31.27 ? 2   LCC A O2    1 
HETATM 34  C  "C3'" . LCC A 1 2  ? 12.978  3.645   -10.633 1.00 34.64 ? 2   LCC A "C3'" 1 
HETATM 35  C  "C2'" . LCC A 1 2  ? 14.144  3.280   -9.848  1.00 30.73 ? 2   LCC A "C2'" 1 
HETATM 36  O  "O2'" . LCC A 1 2  ? 14.834  2.374   -10.694 1.00 34.00 ? 2   LCC A "O2'" 1 
HETATM 37  O  "O3'" . LCC A 1 2  ? 12.188  2.558   -10.869 1.00 38.72 ? 2   LCC A "O3'" 1 
HETATM 38  C  "C6'" . LCC A 1 2  ? 14.548  2.741   -12.203 1.00 34.79 ? 2   LCC A "C6'" 1 
HETATM 39  P  P     . LCC A 1 2  ? 10.944  6.333   -13.317 1.00 35.31 ? 2   LCC A P     1 
HETATM 40  O  O1P   . LCC A 1 2  ? 10.291  5.285   -14.215 1.00 37.21 ? 2   LCC A O1P   1 
HETATM 41  O  O2P   . LCC A 1 2  ? 10.209  7.118   -12.204 1.00 32.05 ? 2   LCC A O2P   1 
HETATM 42  O  "O5'" . LCC A 1 3  ? 11.780  1.322   -8.461  1.00 31.50 ? 3   LCC A "O5'" 1 
HETATM 43  C  "C5'" . LCC A 1 3  ? 12.718  0.187   -8.654  1.00 25.87 ? 3   LCC A "C5'" 1 
HETATM 44  C  "C4'" . LCC A 1 3  ? 13.431  0.025   -7.280  1.00 26.89 ? 3   LCC A "C4'" 1 
HETATM 45  O  "O4'" . LCC A 1 3  ? 14.157  1.196   -6.817  1.00 31.23 ? 3   LCC A "O4'" 1 
HETATM 46  C  "C1'" . LCC A 1 3  ? 14.259  1.099   -5.372  1.00 29.25 ? 3   LCC A "C1'" 1 
HETATM 47  N  N1    . LCC A 1 3  ? 13.635  2.332   -4.834  1.00 26.62 ? 3   LCC A N1    1 
HETATM 48  C  C6    . LCC A 1 3  ? 12.814  3.181   -5.606  1.00 26.06 ? 3   LCC A C6    1 
HETATM 49  C  C5    . LCC A 1 3  ? 12.280  4.316   -5.005  1.00 25.90 ? 3   LCC A C5    1 
HETATM 50  C  C5M   . LCC A 1 3  ? 11.451  5.116   -5.726  1.00 29.67 ? 3   LCC A C5M   1 
HETATM 51  C  C4    . LCC A 1 3  ? 12.612  4.649   -3.675  1.00 27.68 ? 3   LCC A C4    1 
HETATM 52  N  N4    . LCC A 1 3  ? 12.087  5.763   -3.159  1.00 30.63 ? 3   LCC A N4    1 
HETATM 53  N  N3    . LCC A 1 3  ? 13.446  3.837   -2.955  1.00 30.97 ? 3   LCC A N3    1 
HETATM 54  C  C2    . LCC A 1 3  ? 13.907  2.680   -3.559  1.00 27.27 ? 3   LCC A C2    1 
HETATM 55  O  O2    . LCC A 1 3  ? 14.578  1.891   -2.938  1.00 29.68 ? 3   LCC A O2    1 
HETATM 56  C  "C3'" . LCC A 1 3  ? 12.526  -0.069  -6.120  1.00 27.90 ? 3   LCC A "C3'" 1 
HETATM 57  C  "C2'" . LCC A 1 3  ? 13.562  -0.234  -5.120  1.00 28.30 ? 3   LCC A "C2'" 1 
HETATM 58  O  "O2'" . LCC A 1 3  ? 14.417  -1.348  -5.707  1.00 27.69 ? 3   LCC A "O2'" 1 
HETATM 59  O  "O3'" . LCC A 1 3  ? 11.637  -1.223  -6.159  1.00 28.56 ? 3   LCC A "O3'" 1 
HETATM 60  C  "C6'" . LCC A 1 3  ? 14.364  -1.166  -7.219  1.00 26.89 ? 3   LCC A "C6'" 1 
HETATM 61  P  P     . LCC A 1 3  ? 11.053  1.951   -9.782  1.00 35.76 ? 3   LCC A P     1 
HETATM 62  O  O1P   . LCC A 1 3  ? 10.365  0.752   -10.537 1.00 32.82 ? 3   LCC A O1P   1 
HETATM 63  O  O2P   . LCC A 1 3  ? 10.156  3.170   -9.150  1.00 34.45 ? 3   LCC A O2P   1 
HETATM 64  P  P     . LCG A 1 4  ? 10.174  -1.651  -5.494  1.00 30.04 ? 4   LCG A P     1 
HETATM 65  O  OP1   . LCG A 1 4  ? 9.668   -2.984  -5.956  1.00 27.18 ? 4   LCG A OP1   1 
HETATM 66  O  "O5'" . LCG A 1 4  ? 10.528  -1.607  -3.919  1.00 29.00 ? 4   LCG A "O5'" 1 
HETATM 67  C  "C5'" . LCG A 1 4  ? 11.257  -2.683  -3.285  1.00 27.35 ? 4   LCG A "C5'" 1 
HETATM 68  C  "C3'" . LCG A 1 4  ? 10.375  -1.831  -1.138  1.00 27.40 ? 4   LCG A "C3'" 1 
HETATM 69  C  "C6'" . LCG A 1 4  ? 12.197  -3.275  -0.953  1.00 27.74 ? 4   LCG A "C6'" 1 
HETATM 70  N  N9    . LCG A 1 4  ? 11.434  0.930   -0.804  1.00 28.37 ? 4   LCG A N9    1 
HETATM 71  C  C8    . LCG A 1 4  ? 10.992  1.488   -1.958  1.00 29.73 ? 4   LCG A C8    1 
HETATM 72  C  C4    . LCG A 1 4  ? 11.364  1.852   0.115   1.00 27.95 ? 4   LCG A C4    1 
HETATM 73  N  N7    . LCG A 1 4  ? 10.645  2.767   -1.708  1.00 26.65 ? 4   LCG A N7    1 
HETATM 74  C  C5    . LCG A 1 4  ? 10.878  2.998   -0.447  1.00 27.87 ? 4   LCG A C5    1 
HETATM 75  C  C6    . LCG A 1 4  ? 10.704  4.110   0.290   1.00 27.62 ? 4   LCG A C6    1 
HETATM 76  C  "C2'" . LCG A 1 4  ? 11.127  -1.423  0.122   1.00 27.81 ? 4   LCG A "C2'" 1 
HETATM 77  O  O6    . LCG A 1 4  ? 10.290  5.193   -0.173  1.00 27.62 ? 4   LCG A O6    1 
HETATM 78  C  "C4'" . LCG A 1 4  ? 11.550  -2.164  -1.889  1.00 26.85 ? 4   LCG A "C4'" 1 
HETATM 79  C  "C1'" . LCG A 1 4  ? 12.019  -0.382  -0.459  1.00 28.32 ? 4   LCG A "C1'" 1 
HETATM 80  C  C2    . LCG A 1 4  ? 11.563  2.900   2.173   1.00 27.32 ? 4   LCG A C2    1 
HETATM 81  N  N1    . LCG A 1 4  ? 11.014  4.049   1.627   1.00 26.40 ? 4   LCG A N1    1 
HETATM 82  O  "O4'" . LCG A 1 4  ? 12.328  -0.872  -1.786  1.00 30.34 ? 4   LCG A "O4'" 1 
HETATM 83  O  OP2   . LCG A 1 4  ? 9.401   -0.446  -5.773  1.00 27.77 ? 4   LCG A OP2   1 
HETATM 84  N  N2    . LCG A 1 4  ? 11.843  2.923   3.476   1.00 28.53 ? 4   LCG A N2    1 
HETATM 85  N  N3    . LCG A 1 4  ? 11.702  1.776   1.425   1.00 25.96 ? 4   LCG A N3    1 
HETATM 86  O  "O2'" . LCG A 1 4  ? 11.836  -2.600  0.416   1.00 28.85 ? 4   LCG A "O2'" 1 
HETATM 87  O  "O3'" . LCG A 1 4  ? 9.561   -3.111  -0.988  1.00 29.97 ? 4   LCG A "O3'" 1 
ATOM   88  P  P     . A   A 1 5  ? 7.955   -2.858  -0.649  1.00 32.37 ? 5   A   A P     1 
ATOM   89  O  OP1   . A   A 1 5  ? 7.527   -4.220  -0.992  1.00 29.93 ? 5   A   A OP1   1 
ATOM   90  O  OP2   . A   A 1 5  ? 7.228   -1.725  -1.256  1.00 30.46 ? 5   A   A OP2   1 
ATOM   91  O  "O5'" . A   A 1 5  ? 7.754   -2.580  0.898   1.00 29.50 ? 5   A   A "O5'" 1 
ATOM   92  C  "C5'" . A   A 1 5  ? 8.329   -3.459  1.872   1.00 30.01 ? 5   A   A "C5'" 1 
ATOM   93  C  "C4'" . A   A 1 5  ? 8.462   -2.717  3.189   1.00 27.50 ? 5   A   A "C4'" 1 
ATOM   94  O  "O4'" . A   A 1 5  ? 9.409   -1.604  3.083   1.00 28.96 ? 5   A   A "O4'" 1 
ATOM   95  C  "C3'" . A   A 1 5  ? 7.184   -2.077  3.703   1.00 27.95 ? 5   A   A "C3'" 1 
ATOM   96  O  "O3'" . A   A 1 5  ? 6.305   -3.053  4.255   1.00 28.29 ? 5   A   A "O3'" 1 
ATOM   97  C  "C2'" . A   A 1 5  ? 7.736   -1.017  4.648   1.00 27.27 ? 5   A   A "C2'" 1 
ATOM   98  O  "O2'" . A   A 1 5  ? 8.095   -1.650  5.843   1.00 27.44 ? 5   A   A "O2'" 1 
ATOM   99  C  "C1'" . A   A 1 5  ? 8.929   -0.503  3.843   1.00 29.80 ? 5   A   A "C1'" 1 
ATOM   100 N  N9    . A   A 1 5  ? 8.513   0.540   2.929   1.00 27.79 ? 5   A   A N9    1 
ATOM   101 C  C8    . A   A 1 5  ? 8.283   0.456   1.576   1.00 30.13 ? 5   A   A C8    1 
ATOM   102 N  N7    . A   A 1 5  ? 7.995   1.605   1.018   1.00 27.78 ? 5   A   A N7    1 
ATOM   103 C  C5    . A   A 1 5  ? 7.989   2.493   2.080   1.00 28.81 ? 5   A   A C5    1 
ATOM   104 C  C6    . A   A 1 5  ? 7.733   3.863   2.146   1.00 28.59 ? 5   A   A C6    1 
ATOM   105 N  N6    . A   A 1 5  ? 7.374   4.586   1.084   1.00 27.09 ? 5   A   A N6    1 
ATOM   106 N  N1    . A   A 1 5  ? 7.877   4.476   3.342   1.00 27.03 ? 5   A   A N1    1 
ATOM   107 C  C2    . A   A 1 5  ? 8.205   3.726   4.413   1.00 29.73 ? 5   A   A C2    1 
ATOM   108 N  N3    . A   A 1 5  ? 8.474   2.423   4.472   1.00 25.74 ? 5   A   A N3    1 
ATOM   109 C  C4    . A   A 1 5  ? 8.349   1.860   3.256   1.00 27.57 ? 5   A   A C4    1 
ATOM   110 P  P     . C   A 1 6  ? 4.683   -2.784  4.246   1.00 29.95 ? 6   C   A P     1 
ATOM   111 O  OP1   . C   A 1 6  ? 3.994   -3.977  4.750   1.00 31.96 ? 6   C   A OP1   1 
ATOM   112 O  OP2   . C   A 1 6  ? 4.357   -2.311  2.944   1.00 28.97 ? 6   C   A OP2   1 
ATOM   113 O  "O5'" . C   A 1 6  ? 4.453   -1.584  5.268   1.00 26.57 ? 6   C   A "O5'" 1 
ATOM   114 C  "C5'" . C   A 1 6  ? 4.752   -1.661  6.661   1.00 29.62 ? 6   C   A "C5'" 1 
ATOM   115 C  "C4'" . C   A 1 6  ? 4.713   -0.269  7.257   1.00 30.54 ? 6   C   A "C4'" 1 
ATOM   116 O  "O4'" . C   A 1 6  ? 5.677   0.603   6.603   1.00 27.11 ? 6   C   A "O4'" 1 
ATOM   117 C  "C3'" . C   A 1 6  ? 3.386   0.460   7.098   1.00 29.94 ? 6   C   A "C3'" 1 
ATOM   118 O  "O3'" . C   A 1 6  ? 2.520   0.043   8.129   1.00 32.58 ? 6   C   A "O3'" 1 
ATOM   119 C  "C2'" . C   A 1 6  ? 3.803   1.909   7.230   1.00 31.01 ? 6   C   A "C2'" 1 
ATOM   120 O  "O2'" . C   A 1 6  ? 4.080   2.189   8.562   1.00 27.43 ? 6   C   A "O2'" 1 
ATOM   121 C  "C1'" . C   A 1 6  ? 5.113   1.903   6.455   1.00 30.46 ? 6   C   A "C1'" 1 
ATOM   122 N  N1    . C   A 1 6  ? 4.915   2.204   5.018   1.00 29.40 ? 6   C   A N1    1 
ATOM   123 C  C2    . C   A 1 6  ? 4.750   3.528   4.666   1.00 28.54 ? 6   C   A C2    1 
ATOM   124 O  O2    . C   A 1 6  ? 4.802   4.386   5.561   1.00 33.37 ? 6   C   A O2    1 
ATOM   125 N  N3    . C   A 1 6  ? 4.605   3.857   3.360   1.00 27.61 ? 6   C   A N3    1 
ATOM   126 C  C4    . C   A 1 6  ? 4.561   2.902   2.433   1.00 28.25 ? 6   C   A C4    1 
ATOM   127 N  N4    . C   A 1 6  ? 4.424   3.269   1.154   1.00 29.39 ? 6   C   A N4    1 
ATOM   128 C  C5    . C   A 1 6  ? 4.689   1.529   2.769   1.00 29.71 ? 6   C   A C5    1 
ATOM   129 C  C6    . C   A 1 6  ? 4.873   1.225   4.061   1.00 32.37 ? 6   C   A C6    1 
ATOM   130 P  P     . U   A 1 7  ? 0.922   -0.032  7.929   1.00 37.82 ? 7   U   A P     1 
ATOM   131 O  OP1   . U   A 1 7  ? 0.414   -0.671  9.146   1.00 41.79 ? 7   U   A OP1   1 
ATOM   132 O  OP2   . U   A 1 7  ? 0.548   -0.563  6.632   1.00 32.80 ? 7   U   A OP2   1 
ATOM   133 O  "O5'" . U   A 1 7  ? 0.505   1.497   7.869   1.00 34.62 ? 7   U   A "O5'" 1 
ATOM   134 C  "C5'" . U   A 1 7  ? 0.746   2.327   9.028   1.00 31.74 ? 7   U   A "C5'" 1 
ATOM   135 C  "C4'" . U   A 1 7  ? 0.453   3.763   8.705   1.00 31.23 ? 7   U   A "C4'" 1 
ATOM   136 O  "O4'" . U   A 1 7  ? 1.418   4.300   7.760   1.00 33.37 ? 7   U   A "O4'" 1 
ATOM   137 C  "C3'" . U   A 1 7  ? -0.885  4.002   8.027   1.00 34.23 ? 7   U   A "C3'" 1 
ATOM   138 O  "O3'" . U   A 1 7  ? -1.901  3.972   9.004   1.00 32.91 ? 7   U   A "O3'" 1 
ATOM   139 C  "C2'" . U   A 1 7  ? -0.666  5.371   7.419   1.00 34.05 ? 7   U   A "C2'" 1 
ATOM   140 O  "O2'" . U   A 1 7  ? -0.706  6.330   8.465   1.00 34.36 ? 7   U   A "O2'" 1 
ATOM   141 C  "C1'" . U   A 1 7  ? 0.762   5.217   6.894   1.00 32.95 ? 7   U   A "C1'" 1 
ATOM   142 N  N1    . U   A 1 7  ? 0.898   4.763   5.499   1.00 33.17 ? 7   U   A N1    1 
ATOM   143 C  C2    . U   A 1 7  ? 0.700   5.718   4.518   1.00 34.95 ? 7   U   A C2    1 
ATOM   144 O  O2    . U   A 1 7  ? 0.399   6.868   4.778   1.00 37.28 ? 7   U   A O2    1 
ATOM   145 N  N3    . U   A 1 7  ? 0.867   5.270   3.227   1.00 34.86 ? 7   U   A N3    1 
ATOM   146 C  C4    . U   A 1 7  ? 1.202   3.989   2.822   1.00 34.74 ? 7   U   A C4    1 
ATOM   147 O  O4    . U   A 1 7  ? 1.271   3.725   1.613   1.00 29.43 ? 7   U   A O4    1 
ATOM   148 C  C5    . U   A 1 7  ? 1.356   3.049   3.903   1.00 29.77 ? 7   U   A C5    1 
ATOM   149 C  C6    . U   A 1 7  ? 1.178   3.454   5.166   1.00 29.65 ? 7   U   A C6    1 
ATOM   150 P  P     . U   A 1 8  ? -3.352  3.411   8.647   1.00 39.22 ? 8   U   A P     1 
ATOM   151 O  OP1   . U   A 1 8  ? -4.001  3.117   9.925   1.00 38.07 ? 8   U   A OP1   1 
ATOM   152 O  OP2   . U   A 1 8  ? -3.272  2.337   7.616   1.00 36.12 ? 8   U   A OP2   1 
ATOM   153 O  "O5'" . U   A 1 8  ? -4.046  4.602   7.844   1.00 36.15 ? 8   U   A "O5'" 1 
ATOM   154 C  "C5'" . U   A 1 8  ? -4.314  5.876   8.480   1.00 38.12 ? 8   U   A "C5'" 1 
ATOM   155 C  "C4'" . U   A 1 8  ? -4.632  6.893   7.422   1.00 38.68 ? 8   U   A "C4'" 1 
ATOM   156 O  "O4'" . U   A 1 8  ? -3.476  7.157   6.569   1.00 36.90 ? 8   U   A "O4'" 1 
ATOM   157 C  "C3'" . U   A 1 8  ? -5.728  6.511   6.437   1.00 39.58 ? 8   U   A "C3'" 1 
ATOM   158 O  "O3'" . U   A 1 8  ? -7.046  6.621   6.970   1.00 39.00 ? 8   U   A "O3'" 1 
ATOM   159 C  "C2'" . U   A 1 8  ? -5.461  7.499   5.315   1.00 43.58 ? 8   U   A "C2'" 1 
ATOM   160 O  "O2'" . U   A 1 8  ? -5.924  8.801   5.586   1.00 47.13 ? 8   U   A "O2'" 1 
ATOM   161 C  "C1'" . U   A 1 8  ? -3.932  7.481   5.269   1.00 37.21 ? 8   U   A "C1'" 1 
ATOM   162 N  N1    . U   A 1 8  ? -3.389  6.522   4.290   1.00 37.68 ? 8   U   A N1    1 
ATOM   163 C  C2    . U   A 1 8  ? -3.380  6.946   2.976   1.00 40.04 ? 8   U   A C2    1 
ATOM   164 O  O2    . U   A 1 8  ? -3.825  8.027   2.631   1.00 34.12 ? 8   U   A O2    1 
ATOM   165 N  N3    . U   A 1 8  ? -2.800  6.075   2.087   1.00 37.41 ? 8   U   A N3    1 
ATOM   166 C  C4    . U   A 1 8  ? -2.300  4.821   2.353   1.00 42.21 ? 8   U   A C4    1 
ATOM   167 O  O4    . U   A 1 8  ? -1.878  4.126   1.422   1.00 33.50 ? 8   U   A O4    1 
ATOM   168 C  C5    . U   A 1 8  ? -2.357  4.442   3.740   1.00 40.42 ? 8   U   A C5    1 
ATOM   169 C  C6    . U   A 1 8  ? -2.872  5.290   4.641   1.00 38.81 ? 8   U   A C6    1 
ATOM   170 P  P     . A   A 1 9  ? -8.221  5.577   6.572   1.00 45.89 ? 9   A   A P     1 
ATOM   171 O  OP1   . A   A 1 9  ? -9.320  5.824   7.524   1.00 49.19 ? 9   A   A OP1   1 
ATOM   172 O  OP2   . A   A 1 9  ? -7.669  4.222   6.461   1.00 48.25 ? 9   A   A OP2   1 
ATOM   173 O  "O5'" . A   A 1 9  ? -8.618  5.980   5.077   1.00 37.60 ? 9   A   A "O5'" 1 
ATOM   174 C  "C5'" . A   A 1 9  ? -9.211  7.262   4.875   1.00 42.98 ? 9   A   A "C5'" 1 
ATOM   175 C  "C4'" . A   A 1 9  ? -9.428  7.545   3.412   1.00 42.75 ? 9   A   A "C4'" 1 
ATOM   176 O  "O4'" . A   A 1 9  ? -8.172  7.881   2.763   1.00 45.16 ? 9   A   A "O4'" 1 
ATOM   177 C  "C3'" . A   A 1 9  ? -9.984  6.410   2.571   1.00 45.46 ? 9   A   A "C3'" 1 
ATOM   178 O  "O3'" . A   A 1 9  ? -11.388 6.334   2.740   1.00 47.78 ? 9   A   A "O3'" 1 
ATOM   179 C  "C2'" . A   A 1 9  ? -9.592  6.872   1.183   1.00 45.33 ? 9   A   A "C2'" 1 
ATOM   180 O  "O2'" . A   A 1 9  ? -10.449 7.902   0.769   1.00 44.66 ? 9   A   A "O2'" 1 
ATOM   181 C  "C1'" . A   A 1 9  ? -8.174  7.378   1.433   1.00 43.46 ? 9   A   A "C1'" 1 
ATOM   182 N  N9    . A   A 1 9  ? -7.164  6.311   1.298   1.00 38.58 ? 9   A   A N9    1 
ATOM   183 C  C8    . A   A 1 9  ? -6.639  5.486   2.262   1.00 39.99 ? 9   A   A C8    1 
ATOM   184 N  N7    . A   A 1 9  ? -5.794  4.594   1.795   1.00 37.99 ? 9   A   A N7    1 
ATOM   185 C  C5    . A   A 1 9  ? -5.803  4.817   0.425   1.00 36.37 ? 9   A   A C5    1 
ATOM   186 C  C6    . A   A 1 9  ? -5.120  4.196   -0.633  1.00 35.55 ? 9   A   A C6    1 
ATOM   187 N  N6    . A   A 1 9  ? -4.264  3.189   -0.458  1.00 33.63 ? 9   A   A N6    1 
ATOM   188 N  N1    . A   A 1 9  ? -5.338  4.657   -1.885  1.00 38.15 ? 9   A   A N1    1 
ATOM   189 C  C2    . A   A 1 9  ? -6.180  5.693   -2.045  1.00 35.44 ? 9   A   A C2    1 
ATOM   190 N  N3    . A   A 1 9  ? -6.899  6.342   -1.128  1.00 36.60 ? 9   A   A N3    1 
ATOM   191 C  C4    . A   A 1 9  ? -6.639  5.870   0.105   1.00 35.46 ? 9   A   A C4    1 
ATOM   192 P  P     . A   A 1 10 ? -12.123 4.928   2.713   1.00 51.12 ? 10  A   A P     1 
ATOM   193 O  OP1   . A   A 1 10 ? -13.506 5.144   3.098   1.00 45.17 ? 10  A   A OP1   1 
ATOM   194 O  OP2   . A   A 1 10 ? -11.304 3.971   3.468   1.00 43.59 ? 10  A   A OP2   1 
ATOM   195 O  "O5'" . A   A 1 10 ? -12.138 4.573   1.164   1.00 39.90 ? 10  A   A "O5'" 1 
ATOM   196 C  "C5'" . A   A 1 10 ? -12.797 5.446   0.252   1.00 41.52 ? 10  A   A "C5'" 1 
ATOM   197 C  "C4'" . A   A 1 10 ? -12.371 5.160   -1.152  1.00 39.26 ? 10  A   A "C4'" 1 
ATOM   198 O  "O4'" . A   A 1 10 ? -10.979 5.517   -1.380  1.00 42.51 ? 10  A   A "O4'" 1 
ATOM   199 C  "C3'" . A   A 1 10 ? -12.444 3.715   -1.623  1.00 41.43 ? 10  A   A "C3'" 1 
ATOM   200 O  "O3'" . A   A 1 10 ? -13.787 3.357   -1.876  1.00 44.18 ? 10  A   A "O3'" 1 
ATOM   201 C  "C2'" . A   A 1 10 ? -11.583 3.802   -2.887  1.00 41.52 ? 10  A   A "C2'" 1 
ATOM   202 O  "O2'" . A   A 1 10 ? -12.197 4.388   -4.009  1.00 43.57 ? 10  A   A "O2'" 1 
ATOM   203 C  "C1'" . A   A 1 10 ? -10.418 4.654   -2.384  1.00 41.44 ? 10  A   A "C1'" 1 
ATOM   204 N  N9    . A   A 1 10 ? -9.396  3.783   -1.777  1.00 38.71 ? 10  A   A N9    1 
ATOM   205 C  C8    . A   A 1 10 ? -9.274  3.441   -0.453  1.00 36.82 ? 10  A   A C8    1 
ATOM   206 N  N7    . A   A 1 10 ? -8.291  2.609   -0.213  1.00 36.38 ? 10  A   A N7    1 
ATOM   207 C  C5    . A   A 1 10 ? -7.804  2.295   -1.471  1.00 36.01 ? 10  A   A C5    1 
ATOM   208 C  C6    . A   A 1 10 ? -6.736  1.483   -1.894  1.00 36.30 ? 10  A   A C6    1 
ATOM   209 N  N6    . A   A 1 10 ? -6.010  0.742   -1.068  1.00 34.50 ? 10  A   A N6    1 
ATOM   210 N  N1    . A   A 1 10 ? -6.499  1.393   -3.223  1.00 40.29 ? 10  A   A N1    1 
ATOM   211 C  C2    . A   A 1 10 ? -7.226  2.165   -4.053  1.00 40.78 ? 10  A   A C2    1 
ATOM   212 N  N3    . A   A 1 10 ? -8.221  3.007   -3.768  1.00 36.29 ? 10  A   A N3    1 
ATOM   213 C  C4    . A   A 1 10 ? -8.470  3.017   -2.447  1.00 37.76 ? 10  A   A C4    1 
ATOM   214 P  P     . G   A 1 11 ? -14.340 1.874   -1.672  1.00 50.68 ? 11  G   A P     1 
ATOM   215 O  OP1   . G   A 1 11 ? -15.813 1.960   -1.822  1.00 57.64 ? 11  G   A OP1   1 
ATOM   216 O  OP2   . G   A 1 11 ? -13.753 1.289   -0.424  1.00 43.44 ? 11  G   A OP2   1 
ATOM   217 O  "O5'" . G   A 1 11 ? -13.804 1.108   -2.949  1.00 43.03 ? 11  G   A "O5'" 1 
ATOM   218 C  "C5'" . G   A 1 11 ? -14.162 1.512   -4.291  1.00 43.02 ? 11  G   A "C5'" 1 
ATOM   219 C  "C4'" . G   A 1 11 ? -13.197 0.871   -5.275  1.00 42.32 ? 11  G   A "C4'" 1 
ATOM   220 O  "O4'" . G   A 1 11 ? -11.822 1.272   -4.963  1.00 37.51 ? 11  G   A "O4'" 1 
ATOM   221 C  "C3'" . G   A 1 11 ? -13.129 -0.645  -5.246  1.00 41.93 ? 11  G   A "C3'" 1 
ATOM   222 O  "O3'" . G   A 1 11 ? -14.141 -1.229  -6.067  1.00 41.28 ? 11  G   A "O3'" 1 
ATOM   223 C  "C2'" . G   A 1 11 ? -11.768 -0.909  -5.878  1.00 38.39 ? 11  G   A "C2'" 1 
ATOM   224 O  "O2'" . G   A 1 11 ? -11.749 -0.789  -7.270  1.00 40.79 ? 11  G   A "O2'" 1 
ATOM   225 C  "C1'" . G   A 1 11 ? -10.929 0.238   -5.329  1.00 38.94 ? 11  G   A "C1'" 1 
ATOM   226 N  N9    . G   A 1 11 ? -10.166 -0.194  -4.157  1.00 39.02 ? 11  G   A N9    1 
ATOM   227 C  C8    . G   A 1 11 ? -10.426 0.024   -2.824  1.00 36.57 ? 11  G   A C8    1 
ATOM   228 N  N7    . G   A 1 11 ? -9.580  -0.576  -2.032  1.00 35.18 ? 11  G   A N7    1 
ATOM   229 C  C5    . G   A 1 11 ? -8.733  -1.259  -2.894  1.00 33.52 ? 11  G   A C5    1 
ATOM   230 C  C6    . G   A 1 11 ? -7.594  -2.074  -2.620  1.00 33.35 ? 11  G   A C6    1 
ATOM   231 O  O6    . G   A 1 11 ? -7.112  -2.373  -1.521  1.00 32.72 ? 11  G   A O6    1 
ATOM   232 N  N1    . G   A 1 11 ? -7.006  -2.548  -3.794  1.00 28.36 ? 11  G   A N1    1 
ATOM   233 C  C2    . G   A 1 11 ? -7.469  -2.295  -5.062  1.00 35.12 ? 11  G   A C2    1 
ATOM   234 N  N2    . G   A 1 11 ? -6.791  -2.860  -6.070  1.00 36.82 ? 11  G   A N2    1 
ATOM   235 N  N3    . G   A 1 11 ? -8.523  -1.537  -5.329  1.00 35.02 ? 11  G   A N3    1 
ATOM   236 C  C4    . G   A 1 11 ? -9.075  -1.023  -4.208  1.00 35.68 ? 11  G   A C4    1 
ATOM   237 P  P     . U   A 1 12 ? -14.707 -2.683  -5.751  1.00 47.02 ? 12  U   A P     1 
ATOM   238 O  OP1   . U   A 1 12 ? -15.947 -2.871  -6.494  1.00 44.13 ? 12  U   A OP1   1 
ATOM   239 O  OP2   . U   A 1 12 ? -14.653 -2.923  -4.291  1.00 45.56 ? 12  U   A OP2   1 
ATOM   240 O  "O5'" . U   A 1 12 ? -13.673 -3.670  -6.454  1.00 45.26 ? 12  U   A "O5'" 1 
ATOM   241 C  "C5'" . U   A 1 12 ? -13.535 -3.805  -7.863  1.00 42.58 ? 12  U   A "C5'" 1 
ATOM   242 C  "C4'" . U   A 1 12 ? -12.304 -4.638  -8.128  1.00 41.93 ? 12  U   A "C4'" 1 
ATOM   243 O  "O4'" . U   A 1 12 ? -11.138 -4.043  -7.483  1.00 43.97 ? 12  U   A "O4'" 1 
ATOM   244 C  "C3'" . U   A 1 12 ? -12.333 -6.043  -7.550  1.00 43.11 ? 12  U   A "C3'" 1 
ATOM   245 O  "O3'" . U   A 1 12 ? -13.100 -6.957  -8.323  1.00 39.74 ? 12  U   A "O3'" 1 
ATOM   246 C  "C2'" . U   A 1 12 ? -10.858 -6.399  -7.523  1.00 38.66 ? 12  U   A "C2'" 1 
ATOM   247 O  "O2'" . U   A 1 12 ? -10.426 -6.723  -8.811  1.00 33.82 ? 12  U   A "O2'" 1 
ATOM   248 C  "C1'" . U   A 1 12 ? -10.239 -5.079  -7.077  1.00 41.56 ? 12  U   A "C1'" 1 
ATOM   249 N  N1    . U   A 1 12 ? -10.003 -5.003  -5.621  1.00 38.46 ? 12  U   A N1    1 
ATOM   250 C  C2    . U   A 1 12 ? -8.874  -5.652  -5.129  1.00 39.53 ? 12  U   A C2    1 
ATOM   251 O  O2    . U   A 1 12 ? -8.123  -6.309  -5.838  1.00 36.53 ? 12  U   A O2    1 
ATOM   252 N  N3    . U   A 1 12 ? -8.710  -5.572  -3.766  1.00 29.51 ? 12  U   A N3    1 
ATOM   253 C  C4    . U   A 1 12 ? -9.459  -4.829  -2.879  1.00 30.78 ? 12  U   A C4    1 
ATOM   254 O  O4    . U   A 1 12 ? -9.168  -4.843  -1.694  1.00 35.60 ? 12  U   A O4    1 
ATOM   255 C  C5    . U   A 1 12 ? -10.609 -4.199  -3.449  1.00 33.91 ? 12  U   A C5    1 
ATOM   256 C  C6    . U   A 1 12 ? -10.840 -4.313  -4.770  1.00 37.79 ? 12  U   A C6    1 
ATOM   257 P  P     . C   A 1 13 ? -13.829 -8.172  -7.608  1.00 44.64 ? 13  C   A P     1 
ATOM   258 O  OP1   . C   A 1 13 ? -14.707 -8.833  -8.595  1.00 52.00 ? 13  C   A OP1   1 
ATOM   259 O  OP2   . C   A 1 13 ? -14.304 -7.736  -6.259  1.00 37.29 ? 13  C   A OP2   1 
ATOM   260 O  "O5'" . C   A 1 13 ? -12.673 -9.235  -7.344  1.00 42.80 ? 13  C   A "O5'" 1 
ATOM   261 C  "C5'" . C   A 1 13 ? -11.948 -9.845  -8.416  1.00 36.98 ? 13  C   A "C5'" 1 
ATOM   262 C  "C4'" . C   A 1 13 ? -10.691 -10.460 -7.857  1.00 33.26 ? 13  C   A "C4'" 1 
ATOM   263 O  "O4'" . C   A 1 13 ? -9.865  -9.447  -7.219  1.00 36.97 ? 13  C   A "O4'" 1 
ATOM   264 C  "C3'" . C   A 1 13 ? -10.888 -11.490 -6.751  1.00 33.80 ? 13  C   A "C3'" 1 
ATOM   265 O  "O3'" . C   A 1 13 ? -11.206 -12.748 -7.338  1.00 34.57 ? 13  C   A "O3'" 1 
ATOM   266 C  "C2'" . C   A 1 13 ? -9.501  -11.506 -6.133  1.00 32.58 ? 13  C   A "C2'" 1 
ATOM   267 O  "O2'" . C   A 1 13 ? -8.530  -12.067 -6.979  1.00 31.17 ? 13  C   A "O2'" 1 
ATOM   268 C  "C1'" . C   A 1 13 ? -9.185  -10.019 -6.110  1.00 33.89 ? 13  C   A "C1'" 1 
ATOM   269 N  N1    . C   A 1 13 ? -9.599  -9.370  -4.841  1.00 31.02 ? 13  C   A N1    1 
ATOM   270 C  C2    . C   A 1 13 ? -8.759  -9.520  -3.725  1.00 33.36 ? 13  C   A C2    1 
ATOM   271 O  O2    . C   A 1 13 ? -7.685  -10.127 -3.858  1.00 36.33 ? 13  C   A O2    1 
ATOM   272 N  N3    . C   A 1 13 ? -9.108  -8.943  -2.551  1.00 32.89 ? 13  C   A N3    1 
ATOM   273 C  C4    . C   A 1 13 ? -10.266 -8.293  -2.450  1.00 34.41 ? 13  C   A C4    1 
ATOM   274 N  N4    . C   A 1 13 ? -10.577 -7.759  -1.276  1.00 34.98 ? 13  C   A N4    1 
ATOM   275 C  C5    . C   A 1 13 ? -11.166 -8.176  -3.554  1.00 32.99 ? 13  C   A C5    1 
ATOM   276 C  C6    . C   A 1 13 ? -10.810 -8.755  -4.709  1.00 32.05 ? 13  C   A C6    1 
ATOM   277 P  P     . G   A 1 14 ? -12.039 -13.857 -6.557  1.00 37.54 ? 14  G   A P     1 
ATOM   278 O  OP1   . G   A 1 14 ? -12.183 -14.997 -7.523  1.00 37.63 ? 14  G   A OP1   1 
ATOM   279 O  OP2   . G   A 1 14 ? -13.230 -13.240 -5.943  1.00 32.34 ? 14  G   A OP2   1 
ATOM   280 O  "O5'" . G   A 1 14 ? -11.086 -14.302 -5.364  1.00 34.15 ? 14  G   A "O5'" 1 
ATOM   281 C  "C5'" . G   A 1 14 ? -9.991  -15.191 -5.578  1.00 29.87 ? 14  G   A "C5'" 1 
ATOM   282 C  "C4'" . G   A 1 14 ? -9.216  -15.334 -4.289  1.00 31.57 ? 14  G   A "C4'" 1 
ATOM   283 O  "O4'" . G   A 1 14 ? -8.874  -14.030 -3.774  1.00 31.30 ? 14  G   A "O4'" 1 
ATOM   284 C  "C3'" . G   A 1 14 ? -9.946  -15.927 -3.097  1.00 33.18 ? 14  G   A "C3'" 1 
ATOM   285 O  "O3'" . G   A 1 14 ? -10.121 -17.313 -3.245  1.00 32.73 ? 14  G   A "O3'" 1 
ATOM   286 C  "C2'" . G   A 1 14 ? -9.005  -15.556 -1.965  1.00 32.09 ? 14  G   A "C2'" 1 
ATOM   287 O  "O2'" . G   A 1 14 ? -7.913  -16.478 -1.937  1.00 34.03 ? 14  G   A "O2'" 1 
ATOM   288 C  "C1'" . G   A 1 14 ? -8.612  -14.141 -2.393  1.00 34.44 ? 14  G   A "C1'" 1 
ATOM   289 N  N9    . G   A 1 14 ? -9.355  -13.080 -1.740  1.00 33.83 ? 14  G   A N9    1 
ATOM   290 C  C8    . G   A 1 14 ? -10.407 -12.344 -2.242  1.00 32.11 ? 14  G   A C8    1 
ATOM   291 N  N7    . G   A 1 14 ? -10.862 -11.468 -1.392  1.00 31.73 ? 14  G   A N7    1 
ATOM   292 C  C5    . G   A 1 14 ? -10.058 -11.626 -0.271  1.00 30.41 ? 14  G   A C5    1 
ATOM   293 C  C6    . G   A 1 14 ? -10.065 -10.938 0.965   1.00 28.24 ? 14  G   A C6    1 
ATOM   294 O  O6    . G   A 1 14 ? -10.817 -10.036 1.338   1.00 32.10 ? 14  G   A O6    1 
ATOM   295 N  N1    . G   A 1 14 ? -9.094  -11.428 1.826   1.00 25.71 ? 14  G   A N1    1 
ATOM   296 C  C2    . G   A 1 14 ? -8.205  -12.424 1.521   1.00 30.93 ? 14  G   A C2    1 
ATOM   297 N  N2    . G   A 1 14 ? -7.326  -12.747 2.463   1.00 34.23 ? 14  G   A N2    1 
ATOM   298 N  N3    . G   A 1 14 ? -8.179  -13.063 0.367   1.00 29.43 ? 14  G   A N3    1 
ATOM   299 C  C4    . G   A 1 14 ? -9.129  -12.619 -0.472  1.00 29.60 ? 14  G   A C4    1 
HETATM 300 O  "O5'" . LCC B 1 1  ? -16.883 -3.239  13.656  1.00 49.03 ? 1   LCC B "O5'" 1 
HETATM 301 C  "C5'" . LCC B 1 1  ? -16.417 -3.938  14.852  1.00 41.48 ? 1   LCC B "C5'" 1 
HETATM 302 C  "C4'" . LCC B 1 1  ? -15.966 -5.266  14.203  1.00 40.54 ? 1   LCC B "C4'" 1 
HETATM 303 O  "O4'" . LCC B 1 1  ? -16.918 -5.975  13.374  1.00 33.78 ? 1   LCC B "O4'" 1 
HETATM 304 C  "C1'" . LCC B 1 1  ? -16.214 -6.967  12.664  1.00 36.76 ? 1   LCC B "C1'" 1 
HETATM 305 N  N1    . LCC B 1 1  ? -16.567 -6.865  11.275  1.00 34.12 ? 1   LCC B N1    1 
HETATM 306 C  C6    . LCC B 1 1  ? -17.221 -5.763  10.730  1.00 32.61 ? 1   LCC B C6    1 
HETATM 307 C  C5    . LCC B 1 1  ? -17.550 -5.832  9.381   1.00 39.67 ? 1   LCC B C5    1 
HETATM 308 C  C5M   . LCC B 1 1  ? -18.193 -4.734  8.726   1.00 41.30 ? 1   LCC B C5M   1 
HETATM 309 C  C4    . LCC B 1 1  ? -17.199 -7.016  8.686   1.00 35.70 ? 1   LCC B C4    1 
HETATM 310 N  N4    . LCC B 1 1  ? -17.465 -7.097  7.403   1.00 34.75 ? 1   LCC B N4    1 
HETATM 311 N  N3    . LCC B 1 1  ? -16.546 -8.045  9.246   1.00 29.43 ? 1   LCC B N3    1 
HETATM 312 C  C2    . LCC B 1 1  ? -16.266 -7.945  10.545  1.00 33.75 ? 1   LCC B C2    1 
HETATM 313 O  O2    . LCC B 1 1  ? -15.692 -8.890  11.073  1.00 31.98 ? 1   LCC B O2    1 
HETATM 314 C  "C3'" . LCC B 1 1  ? -14.919 -5.154  13.168  1.00 41.09 ? 1   LCC B "C3'" 1 
HETATM 315 C  "C2'" . LCC B 1 1  ? -14.785 -6.658  13.018  1.00 39.40 ? 1   LCC B "C2'" 1 
HETATM 316 O  "O2'" . LCC B 1 1  ? -14.539 -7.088  14.433  1.00 40.17 ? 1   LCC B "O2'" 1 
HETATM 317 O  "O3'" . LCC B 1 1  ? -13.760 -4.664  13.794  1.00 39.84 ? 1   LCC B "O3'" 1 
HETATM 318 C  "C6'" . LCC B 1 1  ? -15.338 -6.159  15.283  1.00 40.15 ? 1   LCC B "C6'" 1 
HETATM 319 O  "O5'" . LCC B 1 2  ? -11.670 -5.805  12.512  1.00 37.25 ? 2   LCC B "O5'" 1 
HETATM 320 C  "C5'" . LCC B 1 2  ? -11.203 -6.657  13.516  1.00 36.43 ? 2   LCC B "C5'" 1 
HETATM 321 C  "C4'" . LCC B 1 2  ? -10.919 -7.927  12.713  1.00 33.08 ? 2   LCC B "C4'" 1 
HETATM 322 O  "O4'" . LCC B 1 2  ? -12.066 -8.530  12.058  1.00 30.88 ? 2   LCC B "O4'" 1 
HETATM 323 C  "C1'" . LCC B 1 2  ? -11.511 -9.366  11.007  1.00 30.55 ? 2   LCC B "C1'" 1 
HETATM 324 N  N1    . LCC B 1 2  ? -12.081 -8.914  9.713   1.00 27.99 ? 2   LCC B N1    1 
HETATM 325 C  C6    . LCC B 1 2  ? -12.793 -7.715  9.621   1.00 29.72 ? 2   LCC B C6    1 
HETATM 326 C  C5    . LCC B 1 2  ? -13.322 -7.391  8.395   1.00 31.49 ? 2   LCC B C5    1 
HETATM 327 C  C5M   . LCC B 1 2  ? -13.988 -6.191  8.223   1.00 34.30 ? 2   LCC B C5M   1 
HETATM 328 C  C4    . LCC B 1 2  ? -13.143 -8.293  7.350   1.00 35.03 ? 2   LCC B C4    1 
HETATM 329 N  N4    . LCC B 1 2  ? -13.711 -7.966  6.228   1.00 32.67 ? 2   LCC B N4    1 
HETATM 330 N  N3    . LCC B 1 2  ? -12.444 -9.439  7.465   1.00 32.08 ? 2   LCC B N3    1 
HETATM 331 C  C2    . LCC B 1 2  ? -11.948 -9.772  8.685   1.00 31.65 ? 2   LCC B C2    1 
HETATM 332 O  O2    . LCC B 1 2  ? -11.263 -10.821 8.872   1.00 31.27 ? 2   LCC B O2    1 
HETATM 333 C  "C3'" . LCC B 1 2  ? -10.060 -7.745  11.553  1.00 34.74 ? 2   LCC B "C3'" 1 
HETATM 334 C  "C2'" . LCC B 1 2  ? -10.004 -9.150  11.143  1.00 30.75 ? 2   LCC B "C2'" 1 
HETATM 335 O  "O2'" . LCC B 1 2  ? -9.622  -9.846  12.320  1.00 33.26 ? 2   LCC B "O2'" 1 
HETATM 336 O  "O3'" . LCC B 1 2  ? -8.789  -7.296  11.939  1.00 37.22 ? 2   LCC B "O3'" 1 
HETATM 337 C  "C6'" . LCC B 1 2  ? -10.083 -8.973  13.572  1.00 33.48 ? 2   LCC B "C6'" 1 
HETATM 338 P  P     . LCC B 1 2  ? -12.326 -4.349  12.935  1.00 36.91 ? 2   LCC B P     1 
HETATM 339 O  O1P   . LCC B 1 2  ? -12.623 -3.693  11.531  1.00 33.83 ? 2   LCC B O1P   1 
HETATM 340 O  O2P   . LCC B 1 2  ? -11.348 -3.814  13.979  1.00 37.42 ? 2   LCC B O2P   1 
HETATM 341 O  "O5'" . LCC B 1 3  ? -7.135  -7.946  9.937   1.00 32.10 ? 3   LCC B "O5'" 1 
HETATM 342 C  "C5'" . LCC B 1 3  ? -6.483  -9.086  10.647  1.00 25.99 ? 3   LCC B "C5'" 1 
HETATM 343 C  "C4'" . LCC B 1 3  ? -6.280  -10.165 9.556   1.00 27.38 ? 3   LCC B "C4'" 1 
HETATM 344 O  "O4'" . LCC B 1 3  ? -7.472  -10.706 8.932   1.00 31.25 ? 3   LCC B "O4'" 1 
HETATM 345 C  "C1'" . LCC B 1 3  ? -7.141  -11.161 7.620   1.00 29.32 ? 3   LCC B "C1'" 1 
HETATM 346 N  N1    . LCC B 1 3  ? -7.930  -10.390 6.613   1.00 27.07 ? 3   LCC B N1    1 
HETATM 347 C  C6    . LCC B 1 3  ? -8.580  -9.184  6.927   1.00 27.85 ? 3   LCC B C6    1 
HETATM 348 C  C5    . LCC B 1 3  ? -9.323  -8.544  5.936   1.00 26.50 ? 3   LCC B C5    1 
HETATM 349 C  C5M   . LCC B 1 3  ? -9.891  -7.338  6.250   1.00 29.48 ? 3   LCC B C5M   1 
HETATM 350 C  C4    . LCC B 1 3  ? -9.498  -9.135  4.660   1.00 28.72 ? 3   LCC B C4    1 
HETATM 351 N  N4    . LCC B 1 3  ? -10.232 -8.458  3.780   1.00 30.79 ? 3   LCC B N4    1 
HETATM 352 N  N3    . LCC B 1 3  ? -8.897  -10.332 4.369   1.00 28.91 ? 3   LCC B N3    1 
HETATM 353 C  C2    . LCC B 1 3  ? -8.117  -10.912 5.373   1.00 27.41 ? 3   LCC B C2    1 
HETATM 354 O  O2    . LCC B 1 3  ? -7.494  -11.932 5.175   1.00 29.07 ? 3   LCC B O2    1 
HETATM 355 C  "C3'" . LCC B 1 3  ? -5.677  -9.659  8.296   1.00 27.73 ? 3   LCC B "C3'" 1 
HETATM 356 C  "C2'" . LCC B 1 3  ? -5.646  -10.976 7.659   1.00 29.30 ? 3   LCC B "C2'" 1 
HETATM 357 O  "O2'" . LCC B 1 3  ? -5.115  -11.940 8.697   1.00 28.17 ? 3   LCC B "O2'" 1 
HETATM 358 O  "O3'" . LCC B 1 3  ? -4.332  -9.144  8.427   1.00 27.35 ? 3   LCC B "O3'" 1 
HETATM 359 C  "C6'" . LCC B 1 3  ? -5.417  -11.356 10.036  1.00 25.81 ? 3   LCC B "C6'" 1 
HETATM 360 P  P     . LCC B 1 3  ? -7.692  -6.689  10.855  1.00 36.74 ? 3   LCC B P     1 
HETATM 361 O  O1P   . LCC B 1 3  ? -8.388  -5.696  9.779   1.00 35.10 ? 3   LCC B O1P   1 
HETATM 362 O  O2P   . LCC B 1 3  ? -6.441  -6.145  11.683  1.00 32.76 ? 3   LCC B O2P   1 
HETATM 363 P  P     . LCG B 1 4  ? -3.172  -8.232  7.722   1.00 29.99 ? 4   LCG B P     1 
HETATM 364 O  OP1   . LCG B 1 4  ? -1.863  -7.979  8.347   1.00 28.09 ? 4   LCG B OP1   1 
HETATM 365 O  "O5'" . LCG B 1 4  ? -3.115  -9.019  6.269   1.00 28.11 ? 4   LCG B "O5'" 1 
HETATM 366 C  "C5'" . LCG B 1 4  ? -2.222  -10.149 6.099   1.00 27.86 ? 4   LCG B "C5'" 1 
HETATM 367 C  "C3'" . LCG B 1 4  ? -2.273  -9.693  3.661   1.00 27.23 ? 4   LCG B "C3'" 1 
HETATM 368 C  "C6'" . LCG B 1 4  ? -1.637  -11.872 4.325   1.00 27.94 ? 4   LCG B "C6'" 1 
HETATM 369 N  N9    . LCG B 1 4  ? -5.115  -9.891  2.788   1.00 26.70 ? 4   LCG B N9    1 
HETATM 370 C  C8    . LCG B 1 4  ? -5.699  -8.988  3.609   1.00 27.97 ? 4   LCG B C8    1 
HETATM 371 C  C4    . LCG B 1 4  ? -5.745  -9.822  1.646   1.00 27.32 ? 4   LCG B C4    1 
HETATM 372 N  N7    . LCG B 1 4  ? -6.708  -8.363  2.950   1.00 26.94 ? 4   LCG B N7    1 
HETATM 373 C  C5    . LCG B 1 4  ? -6.738  -8.883  1.747   1.00 26.35 ? 4   LCG B C5    1 
HETATM 374 C  C6    . LCG B 1 4  ? -7.535  -8.619  0.703   1.00 26.20 ? 4   LCG B C6    1 
HETATM 375 C  "C2'" . LCG B 1 4  ? -2.646  -10.627 2.530   1.00 27.36 ? 4   LCG B "C2'" 1 
HETATM 376 O  O6    . LCG B 1 4  ? -8.465  -7.786  0.738   1.00 26.79 ? 4   LCG B O6    1 
HETATM 377 C  "C4'" . LCG B 1 4  ? -2.551  -10.642 4.734   1.00 26.98 ? 4   LCG B "C4'" 1 
HETATM 378 C  "C1'" . LCG B 1 4  ? -4.045  -10.932 2.968   1.00 28.27 ? 4   LCG B "C1'" 1 
HETATM 379 C  C2    . LCG B 1 4  ? -6.347  -10.328 -0.545  1.00 26.18 ? 4   LCG B C2    1 
HETATM 380 N  N1    . LCG B 1 4  ? -7.341  -9.358  -0.466  1.00 26.08 ? 4   LCG B N1    1 
HETATM 381 O  "O4'" . LCG B 1 4  ? -3.986  -10.989 4.421   1.00 29.66 ? 4   LCG B "O4'" 1 
HETATM 382 O  OP2   . LCG B 1 4  ? -4.100  -7.138  7.473   1.00 28.15 ? 4   LCG B OP2   1 
HETATM 383 N  N2    . LCG B 1 4  ? -6.228  -10.979 -1.707  1.00 28.75 ? 4   LCG B N2    1 
HETATM 384 N  N3    . LCG B 1 4  ? -5.547  -10.565 0.520   1.00 25.14 ? 4   LCG B N3    1 
HETATM 385 O  "O2'" . LCG B 1 4  ? -1.754  -11.704 2.747   1.00 28.36 ? 4   LCG B "O2'" 1 
HETATM 386 O  "O3'" . LCG B 1 4  ? -0.797  -9.388  3.720   1.00 30.25 ? 4   LCG B "O3'" 1 
ATOM   387 P  P     . A   B 1 5  ? -0.368  -7.913  3.036   1.00 33.18 ? 5   A   B P     1 
ATOM   388 O  OP1   . A   B 1 5  ? 0.983   -7.842  3.626   1.00 30.53 ? 5   A   B OP1   1 
ATOM   389 O  OP2   . A   B 1 5  ? -1.267  -6.741  3.166   1.00 30.93 ? 5   A   B OP2   1 
ATOM   390 O  "O5'" . A   B 1 5  ? -0.267  -8.077  1.459   1.00 30.02 ? 5   A   B "O5'" 1 
ATOM   391 C  "C5'" . A   B 1 5  ? 0.489   -9.160  0.916   1.00 31.31 ? 5   A   B "C5'" 1 
ATOM   392 C  "C4'" . A   B 1 5  ? 0.055   -9.414  -0.506  1.00 28.52 ? 5   A   B "C4'" 1 
ATOM   393 O  "O4'" . A   B 1 5  ? -1.302  -9.938  -0.548  1.00 29.38 ? 5   A   B "O4'" 1 
ATOM   394 C  "C3'" . A   B 1 5  ? 0.024   -8.203  -1.433  1.00 29.48 ? 5   A   B "C3'" 1 
ATOM   395 O  "O3'" . A   B 1 5  ? 1.335   -7.842  -1.820  1.00 30.48 ? 5   A   B "O3'" 1 
ATOM   396 C  "C2'" . A   B 1 5  ? -0.901  -8.704  -2.521  1.00 28.13 ? 5   A   B "C2'" 1 
ATOM   397 O  "O2'" . A   B 1 5  ? -0.174  -9.594  -3.323  1.00 26.87 ? 5   A   B "O2'" 1 
ATOM   398 C  "C1'" . A   B 1 5  ? -1.973  -9.395  -1.674  1.00 31.39 ? 5   A   B "C1'" 1 
ATOM   399 N  N9    . A   B 1 5  ? -2.966  -8.458  -1.204  1.00 27.75 ? 5   A   B N9    1 
ATOM   400 C  C8    . A   B 1 5  ? -3.053  -7.875  0.039   1.00 31.18 ? 5   A   B C8    1 
ATOM   401 N  N7    . A   B 1 5  ? -4.099  -7.103  0.185   1.00 27.82 ? 5   A   B N7    1 
ATOM   402 C  C5    . A   B 1 5  ? -4.711  -7.138  -1.055  1.00 27.41 ? 5   A   B C5    1 
ATOM   403 C  C6    . A   B 1 5  ? -5.862  -6.515  -1.542  1.00 29.86 ? 5   A   B C6    1 
ATOM   404 N  N6    . A   B 1 5  ? -6.587  -5.667  -0.815  1.00 26.06 ? 5   A   B N6    1 
ATOM   405 N  N1    . A   B 1 5  ? -6.254  -6.808  -2.801  1.00 26.21 ? 5   A   B N1    1 
ATOM   406 C  C2    . A   B 1 5  ? -5.489  -7.639  -3.533  1.00 29.24 ? 5   A   B C2    1 
ATOM   407 N  N3    . A   B 1 5  ? -4.370  -8.271  -3.188  1.00 26.51 ? 5   A   B N3    1 
ATOM   408 C  C4    . A   B 1 5  ? -4.055  -8.006  -1.905  1.00 28.48 ? 5   A   B C4    1 
ATOM   409 P  P     . C   B 1 6  ? 1.709   -6.301  -2.194  1.00 31.31 ? 6   C   B P     1 
ATOM   410 O  OP1   . C   B 1 6  ? 3.173   -6.222  -2.420  1.00 30.66 ? 6   C   B OP1   1 
ATOM   411 O  OP2   . C   B 1 6  ? 1.043   -5.412  -1.265  1.00 32.35 ? 6   C   B OP2   1 
ATOM   412 O  "O5'" . C   B 1 6  ? 0.958   -6.001  -3.551  1.00 28.55 ? 6   C   B "O5'" 1 
ATOM   413 C  "C5'" . C   B 1 6  ? 1.160   -6.770  -4.752  1.00 31.72 ? 6   C   B "C5'" 1 
ATOM   414 C  "C4'" . C   B 1 6  ? 0.041   -6.460  -5.726  1.00 31.61 ? 6   C   B "C4'" 1 
ATOM   415 O  "O4'" . C   B 1 6  ? -1.243  -6.891  -5.188  1.00 29.55 ? 6   C   B "O4'" 1 
ATOM   416 C  "C3'" . C   B 1 6  ? -0.175  -4.993  -6.074  1.00 32.46 ? 6   C   B "C3'" 1 
ATOM   417 O  "O3'" . C   B 1 6  ? 0.705   -4.614  -7.113  1.00 34.55 ? 6   C   B "O3'" 1 
ATOM   418 C  "C2'" . C   B 1 6  ? -1.614  -4.995  -6.565  1.00 30.13 ? 6   C   B "C2'" 1 
ATOM   419 O  "O2'" . C   B 1 6  ? -1.721  -5.569  -7.835  1.00 28.69 ? 6   C   B "O2'" 1 
ATOM   420 C  "C1'" . C   B 1 6  ? -2.258  -5.963  -5.572  1.00 30.34 ? 6   C   B "C1'" 1 
ATOM   421 N  N1    . C   B 1 6  ? -2.765  -5.273  -4.364  1.00 30.06 ? 6   C   B N1    1 
ATOM   422 C  C2    . C   B 1 6  ? -4.001  -4.651  -4.440  1.00 29.39 ? 6   C   B C2    1 
ATOM   423 O  O2    . C   B 1 6  ? -4.624  -4.713  -5.503  1.00 33.02 ? 6   C   B O2    1 
ATOM   424 N  N3    . C   B 1 6  ? -4.506  -4.033  -3.346  1.00 29.58 ? 6   C   B N3    1 
ATOM   425 C  C4    . C   B 1 6  ? -3.810  -4.018  -2.212  1.00 29.37 ? 6   C   B C4    1 
ATOM   426 N  N4    . C   B 1 6  ? -4.351  -3.410  -1.152  1.00 30.78 ? 6   C   B N4    1 
ATOM   427 C  C5    . C   B 1 6  ? -2.536  -4.640  -2.106  1.00 31.35 ? 6   C   B C5    1 
ATOM   428 C  C6    . C   B 1 6  ? -2.065  -5.270  -3.190  1.00 30.88 ? 6   C   B C6    1 
ATOM   429 P  P     . U   B 1 7  ? 1.286   -3.140  -7.227  1.00 37.19 ? 7   U   B P     1 
ATOM   430 O  OP1   . U   B 1 7  ? 2.255   -3.189  -8.314  1.00 39.91 ? 7   U   B OP1   1 
ATOM   431 O  OP2   . U   B 1 7  ? 1.646   -2.604  -5.928  1.00 30.38 ? 7   U   B OP2   1 
ATOM   432 O  "O5'" . U   B 1 7  ? 0.003   -2.306  -7.670  1.00 35.48 ? 7   U   B "O5'" 1 
ATOM   433 C  "C5'" . U   B 1 7  ? -0.586  -2.577  -8.948  1.00 30.47 ? 7   U   B "C5'" 1 
ATOM   434 C  "C4'" . U   B 1 7  ? -1.861  -1.789  -9.127  1.00 30.51 ? 7   U   B "C4'" 1 
ATOM   435 O  "O4'" . U   B 1 7  ? -2.887  -2.236  -8.206  1.00 32.51 ? 7   U   B "O4'" 1 
ATOM   436 C  "C3'" . U   B 1 7  ? -1.733  -0.302  -8.837  1.00 33.72 ? 7   U   B "C3'" 1 
ATOM   437 O  "O3'" . U   B 1 7  ? -1.082  0.306   -9.950  1.00 35.12 ? 7   U   B "O3'" 1 
ATOM   438 C  "C2'" . U   B 1 7  ? -3.186  0.075   -8.634  1.00 33.19 ? 7   U   B "C2'" 1 
ATOM   439 O  "O2'" . U   B 1 7  ? -3.820  0.054   -9.902  1.00 30.62 ? 7   U   B "O2'" 1 
ATOM   440 C  "C1'" . U   B 1 7  ? -3.664  -1.106  -7.786  1.00 33.36 ? 7   U   B "C1'" 1 
ATOM   441 N  N1    . U   B 1 7  ? -3.578  -0.968  -6.319  1.00 31.90 ? 7   U   B N1    1 
ATOM   442 C  C2    . U   B 1 7  ? -4.566  -0.225  -5.691  1.00 34.10 ? 7   U   B C2    1 
ATOM   443 O  O2    . U   B 1 7  ? -5.476  0.306   -6.299  1.00 37.52 ? 7   U   B O2    1 
ATOM   444 N  N3    . U   B 1 7  ? -4.464  -0.158  -4.318  1.00 34.39 ? 7   U   B N3    1 
ATOM   445 C  C4    . U   B 1 7  ? -3.495  -0.740  -3.522  1.00 33.93 ? 7   U   B C4    1 
ATOM   446 O  O4    . U   B 1 7  ? -3.515  -0.555  -2.292  1.00 30.17 ? 7   U   B O4    1 
ATOM   447 C  C5    . U   B 1 7  ? -2.484  -1.462  -4.254  1.00 31.24 ? 7   U   B C5    1 
ATOM   448 C  C6    . U   B 1 7  ? -2.552  -1.531  -5.592  1.00 30.76 ? 7   U   B C6    1 
ATOM   449 P  P     . U   B 1 8  ? -0.172  1.611   -9.739  1.00 39.64 ? 8   U   B P     1 
ATOM   450 O  OP1   . U   B 1 8  ? 0.542   1.834   -10.998 1.00 37.55 ? 8   U   B OP1   1 
ATOM   451 O  OP2   . U   B 1 8  ? 0.579   1.527   -8.474  1.00 34.44 ? 8   U   B OP2   1 
ATOM   452 O  "O5'" . U   B 1 8  ? -1.215  2.787   -9.452  1.00 33.73 ? 8   U   B "O5'" 1 
ATOM   453 C  "C5'" . U   B 1 8  ? -2.125  3.255   -10.477 1.00 37.65 ? 8   U   B "C5'" 1 
ATOM   454 C  "C4'" . U   B 1 8  ? -3.152  4.140   -9.830  1.00 38.85 ? 8   U   B "C4'" 1 
ATOM   455 O  "O4'" . U   B 1 8  ? -3.959  3.386   -8.872  1.00 36.00 ? 8   U   B "O4'" 1 
ATOM   456 C  "C3'" . U   B 1 8  ? -2.612  5.299   -8.999  1.00 38.79 ? 8   U   B "C3'" 1 
ATOM   457 O  "O3'" . U   B 1 8  ? -2.171  6.401   -9.792  1.00 38.97 ? 8   U   B "O3'" 1 
ATOM   458 C  "C2'" . U   B 1 8  ? -3.840  5.652   -8.175  1.00 43.27 ? 8   U   B "C2'" 1 
ATOM   459 O  "O2'" . U   B 1 8  ? -4.829  6.371   -8.891  1.00 46.66 ? 8   U   B "O2'" 1 
ATOM   460 C  "C1'" . U   B 1 8  ? -4.359  4.259   -7.823  1.00 37.34 ? 8   U   B "C1'" 1 
ATOM   461 N  N1    . U   B 1 8  ? -3.875  3.759   -6.525  1.00 35.98 ? 8   U   B N1    1 
ATOM   462 C  C2    . U   B 1 8  ? -4.502  4.268   -5.405  1.00 39.60 ? 8   U   B C2    1 
ATOM   463 O  O2    . U   B 1 8  ? -5.405  5.086   -5.469  1.00 34.34 ? 8   U   B O2    1 
ATOM   464 N  N3    . U   B 1 8  ? -4.087  3.733   -4.210  1.00 36.90 ? 8   U   B N3    1 
ATOM   465 C  C4    . U   B 1 8  ? -3.067  2.828   -4.010  1.00 41.99 ? 8   U   B C4    1 
ATOM   466 O  O4    . U   B 1 8  ? -2.763  2.497   -2.854  1.00 31.54 ? 8   U   B O4    1 
ATOM   467 C  C5    . U   B 1 8  ? -2.434  2.368   -5.219  1.00 38.84 ? 8   U   B C5    1 
ATOM   468 C  C6    . U   B 1 8  ? -2.857  2.831   -6.406  1.00 38.75 ? 8   U   B C6    1 
ATOM   469 P  P     . A   B 1 9  ? -0.869  7.285   -9.407  1.00 44.69 ? 9   A   B P     1 
ATOM   470 O  OP1   . A   B 1 9  ? -0.572  8.104   -10.618 1.00 46.98 ? 9   A   B OP1   1 
ATOM   471 O  OP2   . A   B 1 9  ? 0.177   6.410   -8.849  1.00 46.39 ? 9   A   B OP2   1 
ATOM   472 O  "O5'" . A   B 1 9  ? -1.347  8.203   -8.189  1.00 36.48 ? 9   A   B "O5'" 1 
ATOM   473 C  "C5'" . A   B 1 9  ? -2.378  9.167   -8.469  1.00 42.29 ? 9   A   B "C5'" 1 
ATOM   474 C  "C4'" . A   B 1 9  ? -2.858  9.856   -7.222  1.00 41.14 ? 9   A   B "C4'" 1 
ATOM   475 O  "O4'" . A   B 1 9  ? -3.710  8.974   -6.448  1.00 46.33 ? 9   A   B "O4'" 1 
ATOM   476 C  "C3'" . A   B 1 9  ? -1.794  10.287  -6.232  1.00 44.07 ? 9   A   B "C3'" 1 
ATOM   477 O  "O3'" . A   B 1 9  ? -1.203  11.488  -6.675  1.00 45.64 ? 9   A   B "O3'" 1 
ATOM   478 C  "C2'" . A   B 1 9  ? -2.620  10.451  -4.972  1.00 43.10 ? 9   A   B "C2'" 1 
ATOM   479 O  "O2'" . A   B 1 9  ? -3.396  11.611  -5.036  1.00 41.70 ? 9   A   B "O2'" 1 
ATOM   480 C  "C1'" . A   B 1 9  ? -3.519  9.223   -5.062  1.00 42.67 ? 9   A   B "C1'" 1 
ATOM   481 N  N9    . A   B 1 9  ? -2.922  8.036   -4.434  1.00 39.12 ? 9   A   B N9    1 
ATOM   482 C  C8    . A   B 1 9  ? -2.166  7.041   -5.003  1.00 41.00 ? 9   A   B C8    1 
ATOM   483 N  N7    . A   B 1 9  ? -1.752  6.135   -4.146  1.00 37.66 ? 9   A   B N7    1 
ATOM   484 C  C5    . A   B 1 9  ? -2.253  6.574   -2.931  1.00 35.72 ? 9   A   B C5    1 
ATOM   485 C  C6    . A   B 1 9  ? -2.157  6.053   -1.631  1.00 36.26 ? 9   A   B C6    1 
ATOM   486 N  N6    . A   B 1 9  ? -1.512  4.926   -1.341  1.00 33.17 ? 9   A   B N6    1 
ATOM   487 N  N1    . A   B 1 9  ? -2.746  6.742   -0.630  1.00 36.21 ? 9   A   B N1    1 
ATOM   488 C  C2    . A   B 1 9  ? -3.435  7.856   -0.939  1.00 35.96 ? 9   A   B C2    1 
ATOM   489 N  N3    . A   B 1 9  ? -3.578  8.455   -2.122  1.00 38.21 ? 9   A   B N3    1 
ATOM   490 C  C4    . A   B 1 9  ? -2.980  7.740   -3.092  1.00 36.18 ? 9   A   B C4    1 
ATOM   491 P  P     . A   B 1 10 ? 0.323   11.757  -6.396  1.00 50.81 ? 10  A   B P     1 
ATOM   492 O  OP1   . A   B 1 10 ? 0.675   13.019  -7.037  1.00 46.49 ? 10  A   B OP1   1 
ATOM   493 O  OP2   . A   B 1 10 ? 1.063   10.535  -6.729  1.00 42.16 ? 10  A   B OP2   1 
ATOM   494 O  "O5'" . A   B 1 10 ? 0.340   12.049  -4.835  1.00 40.75 ? 10  A   B "O5'" 1 
ATOM   495 C  "C5'" . A   B 1 10 ? -0.306  13.226  -4.348  1.00 42.40 ? 10  A   B "C5'" 1 
ATOM   496 C  "C4'" . A   B 1 10 ? -0.522  13.152  -2.863  1.00 39.03 ? 10  A   B "C4'" 1 
ATOM   497 O  "O4'" . A   B 1 10 ? -1.387  12.045  -2.496  1.00 42.16 ? 10  A   B "O4'" 1 
ATOM   498 C  "C3'" . A   B 1 10 ? 0.706   12.944  -1.993  1.00 42.55 ? 10  A   B "C3'" 1 
ATOM   499 O  "O3'" . A   B 1 10 ? 1.460   14.146  -1.916  1.00 47.51 ? 10  A   B "O3'" 1 
ATOM   500 C  "C2'" . A   B 1 10 ? 0.043   12.523  -0.673  1.00 42.27 ? 10  A   B "C2'" 1 
ATOM   501 O  "O2'" . A   B 1 10 ? -0.507  13.557  0.127   1.00 43.90 ? 10  A   B "O2'" 1 
ATOM   502 C  "C1'" . A   B 1 10 ? -1.032  11.564  -1.187  1.00 42.43 ? 10  A   B "C1'" 1 
ATOM   503 N  N9    . A   B 1 10 ? -0.473  10.206  -1.296  1.00 37.78 ? 10  A   B N9    1 
ATOM   504 C  C8    . A   B 1 10 ? 0.065   9.615   -2.413  1.00 39.22 ? 10  A   B C8    1 
ATOM   505 N  N7    . A   B 1 10 ? 0.532   8.410   -2.199  1.00 36.35 ? 10  A   B N7    1 
ATOM   506 C  C5    . A   B 1 10 ? 0.380   8.231   -0.832  1.00 36.58 ? 10  A   B C5    1 
ATOM   507 C  C6    . A   B 1 10 ? 0.656   7.144   0.012   1.00 35.90 ? 10  A   B C6    1 
ATOM   508 N  N6    . A   B 1 10 ? 1.236   6.026   -0.402  1.00 33.25 ? 10  A   B N6    1 
ATOM   509 N  N1    . A   B 1 10 ? 0.392   7.285   1.331   1.00 37.26 ? 10  A   B N1    1 
ATOM   510 C  C2    . A   B 1 10 ? -0.236  8.402   1.736   1.00 39.39 ? 10  A   B C2    1 
ATOM   511 N  N3    . A   B 1 10 ? -0.595  9.473   1.026   1.00 33.58 ? 10  A   B N3    1 
ATOM   512 C  C4    . A   B 1 10 ? -0.244  9.328   -0.262  1.00 37.34 ? 10  A   B C4    1 
ATOM   513 P  P     . G   B 1 11 ? 3.053   14.144  -1.791  1.00 51.04 ? 11  G   B P     1 
ATOM   514 O  OP1   . G   B 1 11 ? 3.485   15.543  -2.021  1.00 57.12 ? 11  G   B OP1   1 
ATOM   515 O  OP2   . G   B 1 11 ? 3.619   13.037  -2.630  1.00 43.74 ? 11  G   B OP2   1 
ATOM   516 O  "O5'" . G   B 1 11 ? 3.288   13.803  -0.268  1.00 43.21 ? 11  G   B "O5'" 1 
ATOM   517 C  "C5'" . G   B 1 11 ? 2.758   14.619  0.802   1.00 42.33 ? 11  G   B "C5'" 1 
ATOM   518 C  "C4'" . G   B 1 11 ? 2.807   13.813  2.085   1.00 40.73 ? 11  G   B "C4'" 1 
ATOM   519 O  "O4'" . G   B 1 11 ? 2.029   12.575  1.932   1.00 38.72 ? 11  G   B "O4'" 1 
ATOM   520 C  "C3'" . G   B 1 11 ? 4.179   13.300  2.492   1.00 40.35 ? 11  G   B "C3'" 1 
ATOM   521 O  "O3'" . G   B 1 11 ? 4.960   14.285  3.180   1.00 40.36 ? 11  G   B "O3'" 1 
ATOM   522 C  "C2'" . G   B 1 11 ? 3.805   12.170  3.440   1.00 37.91 ? 11  G   B "C2'" 1 
ATOM   523 O  "O2'" . G   B 1 11 ? 3.410   12.584  4.714   1.00 41.98 ? 11  G   B "O2'" 1 
ATOM   524 C  "C1'" . G   B 1 11 ? 2.593   11.559  2.745   1.00 39.37 ? 11  G   B "C1'" 1 
ATOM   525 N  N9    . G   B 1 11 ? 2.982   10.411  1.925   1.00 38.23 ? 11  G   B N9    1 
ATOM   526 C  C8    . G   B 1 11 ? 3.158   10.332  0.563   1.00 36.72 ? 11  G   B C8    1 
ATOM   527 N  N7    . G   B 1 11 ? 3.552   9.152   0.165   1.00 35.20 ? 11  G   B N7    1 
ATOM   528 C  C5    . G   B 1 11 ? 3.692   8.426   1.343   1.00 33.79 ? 11  G   B C5    1 
ATOM   529 C  C6    . G   B 1 11 ? 4.100   7.078   1.558   1.00 33.86 ? 11  G   B C6    1 
ATOM   530 O  O6    . G   B 1 11 ? 4.430   6.232   0.720   1.00 33.31 ? 11  G   B O6    1 
ATOM   531 N  N1    . G   B 1 11 ? 4.057   6.736   2.908   1.00 28.36 ? 11  G   B N1    1 
ATOM   532 C  C2    . G   B 1 11 ? 3.741   7.598   3.926   1.00 32.36 ? 11  G   B C2    1 
ATOM   533 N  N2    . G   B 1 11 ? 3.784   7.098   5.162   1.00 36.53 ? 11  G   B N2    1 
ATOM   534 N  N3    . G   B 1 11 ? 3.358   8.850   3.742   1.00 35.54 ? 11  G   B N3    1 
ATOM   535 C  C4    . G   B 1 11 ? 3.337   9.188   2.434   1.00 36.72 ? 11  G   B C4    1 
ATOM   536 P  P     . U   B 1 12 ? 6.579   14.222  3.165   1.00 46.01 ? 12  U   B P     1 
ATOM   537 O  OP1   . U   B 1 12 ? 7.092   15.509  3.638   1.00 42.77 ? 12  U   B OP1   1 
ATOM   538 O  OP2   . U   B 1 12 ? 7.037   13.663  1.880   1.00 46.22 ? 12  U   B OP2   1 
ATOM   539 O  "O5'" . U   B 1 12 ? 6.943   13.214  4.346   1.00 44.74 ? 12  U   B "O5'" 1 
ATOM   540 C  "C5'" . U   B 1 12 ? 6.700   13.464  5.734   1.00 41.57 ? 12  U   B "C5'" 1 
ATOM   541 C  "C4'" . U   B 1 12 ? 6.987   12.181  6.487   1.00 42.48 ? 12  U   B "C4'" 1 
ATOM   542 O  "O4'" . U   B 1 12 ? 6.157   11.100  5.964   1.00 46.37 ? 12  U   B "O4'" 1 
ATOM   543 C  "C3'" . U   B 1 12 ? 8.395   11.623  6.328   1.00 42.43 ? 12  U   B "C3'" 1 
ATOM   544 O  "O3'" . U   B 1 12 ? 9.344   12.280  7.151   1.00 38.90 ? 12  U   B "O3'" 1 
ATOM   545 C  "C2'" . U   B 1 12 ? 8.200   10.176  6.729   1.00 38.09 ? 12  U   B "C2'" 1 
ATOM   546 O  "O2'" . U   B 1 12 ? 8.102   10.091  8.123   1.00 36.44 ? 12  U   B "O2'" 1 
ATOM   547 C  "C1'" . U   B 1 12 ? 6.866   9.862   6.060   1.00 41.75 ? 12  U   B "C1'" 1 
ATOM   548 N  N1    . U   B 1 12 ? 6.996   9.259   4.718   1.00 37.30 ? 12  U   B N1    1 
ATOM   549 C  C2    . U   B 1 12 ? 7.315   7.908   4.662   1.00 39.71 ? 12  U   B C2    1 
ATOM   550 O  O2    . U   B 1 12 ? 7.492   7.225   5.661   1.00 34.82 ? 12  U   B O2    1 
ATOM   551 N  N3    . U   B 1 12 ? 7.435   7.396   3.392   1.00 28.44 ? 12  U   B N3    1 
ATOM   552 C  C4    . U   B 1 12 ? 7.206   8.051   2.205   1.00 30.32 ? 12  U   B C4    1 
ATOM   553 O  O4    . U   B 1 12 ? 7.346   7.446   1.154   1.00 33.16 ? 12  U   B O4    1 
ATOM   554 C  C5    . U   B 1 12 ? 6.926   9.446   2.336   1.00 33.38 ? 12  U   B C5    1 
ATOM   555 C  C6    . U   B 1 12 ? 6.842   9.993   3.560   1.00 37.32 ? 12  U   B C6    1 
ATOM   556 P  P     . C   B 1 13 ? 10.862  12.417  6.682   1.00 43.81 ? 13  C   B P     1 
ATOM   557 O  OP1   . C   B 1 13 ? 11.536  13.321  7.640   1.00 49.69 ? 13  C   B OP1   1 
ATOM   558 O  OP2   . C   B 1 13 ? 10.906  12.669  5.194   1.00 36.57 ? 13  C   B OP2   1 
ATOM   559 O  "O5'" . C   B 1 13 ? 11.486  10.983  6.947   1.00 42.99 ? 13  C   B "O5'" 1 
ATOM   560 C  "C5'" . C   B 1 13 ? 11.570  10.446  8.274   1.00 37.59 ? 13  C   B "C5'" 1 
ATOM   561 C  "C4'" . C   B 1 13 ? 11.783  8.962   8.184   1.00 35.11 ? 13  C   B "C4'" 1 
ATOM   562 O  "O4'" . C   B 1 13 ? 10.694  8.332   7.453   1.00 35.13 ? 13  C   B "O4'" 1 
ATOM   563 C  "C3'" . C   B 1 13 ? 13.023  8.497   7.437   1.00 35.70 ? 13  C   B "C3'" 1 
ATOM   564 O  "O3'" . C   B 1 13 ? 14.142  8.545   8.302   1.00 36.48 ? 13  C   B "O3'" 1 
ATOM   565 C  "C2'" . C   B 1 13 ? 12.651  7.056   7.126   1.00 31.82 ? 13  C   B "C2'" 1 
ATOM   566 O  "O2'" . C   B 1 13 ? 12.607  6.227   8.261   1.00 29.78 ? 13  C   B "O2'" 1 
ATOM   567 C  "C1'" . C   B 1 13 ? 11.182  7.205   6.751   1.00 31.67 ? 13  C   B "C1'" 1 
ATOM   568 N  N1    . C   B 1 13 ? 10.990  7.395   5.299   1.00 31.01 ? 13  C   B N1    1 
ATOM   569 C  C2    . C   B 1 13 ? 11.035  6.258   4.475   1.00 32.52 ? 13  C   B C2    1 
ATOM   570 O  O2    . C   B 1 13 ? 11.171  5.142   4.998   1.00 34.53 ? 13  C   B O2    1 
ATOM   571 N  N3    . C   B 1 13 ? 10.880  6.400   3.139   1.00 31.01 ? 13  C   B N3    1 
ATOM   572 C  C4    . C   B 1 13 ? 10.725  7.615   2.617   1.00 32.19 ? 13  C   B C4    1 
ATOM   573 N  N4    . C   B 1 13 ? 10.598  7.710   1.302   1.00 31.50 ? 13  C   B N4    1 
ATOM   574 C  C5    . C   B 1 13 ? 10.769  8.797   3.422   1.00 31.93 ? 13  C   B C5    1 
ATOM   575 C  C6    . C   B 1 13 ? 10.925  8.642   4.742   1.00 28.95 ? 13  C   B C6    1 
ATOM   576 P  P     . G   B 1 14 ? 15.606  8.763   7.740   1.00 38.78 ? 14  G   B P     1 
ATOM   577 O  OP1   . G   B 1 14 ? 16.486  8.842   8.936   1.00 37.14 ? 14  G   B OP1   1 
ATOM   578 O  OP2   . G   B 1 14 ? 15.580  9.823   6.720   1.00 30.20 ? 14  G   B OP2   1 
ATOM   579 O  "O5'" . G   B 1 14 ? 15.914  7.431   6.912   1.00 33.12 ? 14  G   B "O5'" 1 
ATOM   580 C  "C5'" . G   B 1 14 ? 16.346  6.245   7.579   1.00 30.38 ? 14  G   B "C5'" 1 
ATOM   581 C  "C4'" . G   B 1 14 ? 16.448  5.126   6.563   1.00 31.93 ? 14  G   B "C4'" 1 
ATOM   582 O  "O4'" . G   B 1 14 ? 15.233  5.070   5.782   1.00 31.63 ? 14  G   B "O4'" 1 
ATOM   583 C  "C3'" . G   B 1 14 ? 17.485  5.280   5.471   1.00 33.09 ? 14  G   B "C3'" 1 
ATOM   584 O  "O3'" . G   B 1 14 ? 18.798  5.034   5.938   1.00 34.00 ? 14  G   B "O3'" 1 
ATOM   585 C  "C2'" . G   B 1 14 ? 17.009  4.225   4.477   1.00 31.89 ? 14  G   B "C2'" 1 
ATOM   586 O  "O2'" . G   B 1 14 ? 17.458  2.941   4.894   1.00 31.91 ? 14  G   B "O2'" 1 
ATOM   587 C  "C1'" . G   B 1 14 ? 15.489  4.399   4.570   1.00 34.95 ? 14  G   B "C1'" 1 
ATOM   588 N  N9    . G   B 1 14 ? 14.895  5.191   3.499   1.00 32.50 ? 14  G   B N9    1 
ATOM   589 C  C8    . G   B 1 14 ? 14.496  6.507   3.537   1.00 31.10 ? 14  G   B C8    1 
ATOM   590 N  N7    . G   B 1 14 ? 14.032  6.932   2.396   1.00 33.79 ? 14  G   B N7    1 
ATOM   591 C  C5    . G   B 1 14 ? 14.130  5.831   1.553   1.00 30.75 ? 14  G   B C5    1 
ATOM   592 C  C6    . G   B 1 14 ? 13.772  5.681   0.187   1.00 28.00 ? 14  G   B C6    1 
ATOM   593 O  O6    . G   B 1 14 ? 13.289  6.519   -0.581  1.00 34.07 ? 14  G   B O6    1 
ATOM   594 N  N1    . G   B 1 14 ? 14.059  4.405   -0.278  1.00 26.29 ? 14  G   B N1    1 
ATOM   595 C  C2    . G   B 1 14 ? 14.588  3.394   0.481   1.00 29.19 ? 14  G   B C2    1 
ATOM   596 N  N2    . G   B 1 14 ? 14.761  2.225   -0.124  1.00 33.14 ? 14  G   B N2    1 
ATOM   597 N  N3    . G   B 1 14 ? 14.921  3.520   1.749   1.00 29.02 ? 14  G   B N3    1 
ATOM   598 C  C4    . G   B 1 14 ? 14.663  4.753   2.218   1.00 30.10 ? 14  G   B C4    1 
HETATM 599 P  P     . DGP C 2 .  ? 19.453  9.739   2.082   1.00 81.17 ? 101 DGP A P     1 
HETATM 600 O  OP1   . DGP C 2 .  ? 20.903  9.859   2.463   1.00 78.69 ? 101 DGP A OP1   1 
HETATM 601 O  OP2   . DGP C 2 .  ? 19.174  9.743   0.602   1.00 72.66 ? 101 DGP A OP2   1 
HETATM 602 O  OP3   . DGP C 2 .  ? 18.474  10.559  2.808   1.00 56.54 ? 101 DGP A OP3   1 
HETATM 603 O  "O5'" . DGP C 2 .  ? 19.063  8.332   2.842   1.00 55.94 ? 101 DGP A "O5'" 1 
HETATM 604 C  "C5'" . DGP C 2 .  ? 19.877  7.160   2.964   1.00 48.91 ? 101 DGP A "C5'" 1 
HETATM 605 C  "C4'" . DGP C 2 .  ? 19.329  6.104   1.998   1.00 47.36 ? 101 DGP A "C4'" 1 
HETATM 606 O  "O4'" . DGP C 2 .  ? 17.858  6.045   1.654   1.00 42.31 ? 101 DGP A "O4'" 1 
HETATM 607 C  "C3'" . DGP C 2 .  ? 19.928  6.297   0.561   1.00 43.30 ? 101 DGP A "C3'" 1 
HETATM 608 O  "O3'" . DGP C 2 .  ? 21.323  6.058   0.527   1.00 50.87 ? 101 DGP A "O3'" 1 
HETATM 609 C  "C2'" . DGP C 2 .  ? 19.286  5.131   -0.160  1.00 42.29 ? 101 DGP A "C2'" 1 
HETATM 610 C  "C1'" . DGP C 2 .  ? 17.859  5.456   0.263   1.00 39.31 ? 101 DGP A "C1'" 1 
HETATM 611 N  N9    . DGP C 2 .  ? 17.101  6.413   -0.553  1.00 32.16 ? 101 DGP A N9    1 
HETATM 612 C  C8    . DGP C 2 .  ? 16.606  7.588   -0.144  1.00 30.61 ? 101 DGP A C8    1 
HETATM 613 N  N7    . DGP C 2 .  ? 15.894  8.139   -1.137  1.00 31.08 ? 101 DGP A N7    1 
HETATM 614 C  C5    . DGP C 2 .  ? 15.946  7.220   -2.152  1.00 32.67 ? 101 DGP A C5    1 
HETATM 615 C  C6    . DGP C 2 .  ? 15.419  7.268   -3.347  1.00 31.66 ? 101 DGP A C6    1 
HETATM 616 O  O6    . DGP C 2 .  ? 14.735  8.229   -3.690  1.00 37.81 ? 101 DGP A O6    1 
HETATM 617 N  N1    . DGP C 2 .  ? 15.612  6.199   -4.254  1.00 31.23 ? 101 DGP A N1    1 
HETATM 618 C  C2    . DGP C 2 .  ? 16.428  5.106   -3.877  1.00 30.75 ? 101 DGP A C2    1 
HETATM 619 N  N2    . DGP C 2 .  ? 16.587  4.134   -4.809  1.00 28.18 ? 101 DGP A N2    1 
HETATM 620 N  N3    . DGP C 2 .  ? 16.911  5.040   -2.601  1.00 30.16 ? 101 DGP A N3    1 
HETATM 621 C  C4    . DGP C 2 .  ? 16.712  6.138   -1.796  1.00 30.71 ? 101 DGP A C4    1 
HETATM 622 P  P     . DGP D 2 .  ? 21.978  10.498  -2.023  1.00 83.85 ? 102 DGP A P     1 
HETATM 623 O  OP1   . DGP D 2 .  ? 23.376  10.340  -1.489  1.00 71.67 ? 102 DGP A OP1   1 
HETATM 624 O  OP2   . DGP D 2 .  ? 21.836  11.044  -3.392  1.00 81.37 ? 102 DGP A OP2   1 
HETATM 625 O  OP3   . DGP D 2 .  ? 20.941  11.077  -1.110  1.00 72.00 ? 102 DGP A OP3   1 
HETATM 626 O  "O5'" . DGP D 2 .  ? 21.630  8.913   -2.075  1.00 65.01 ? 102 DGP A "O5'" 1 
HETATM 627 C  "C5'" . DGP D 2 .  ? 22.629  7.897   -2.302  1.00 49.99 ? 102 DGP A "C5'" 1 
HETATM 628 C  "C4'" . DGP D 2 .  ? 21.779  6.714   -2.824  1.00 47.59 ? 102 DGP A "C4'" 1 
HETATM 629 O  "O4'" . DGP D 2 .  ? 20.261  6.848   -2.941  1.00 39.62 ? 102 DGP A "O4'" 1 
HETATM 630 C  "C3'" . DGP D 2 .  ? 22.194  6.458   -4.199  1.00 46.34 ? 102 DGP A "C3'" 1 
HETATM 631 O  "O3'" . DGP D 2 .  ? 22.241  5.107   -4.299  1.00 44.35 ? 102 DGP A "O3'" 1 
HETATM 632 C  "C2'" . DGP D 2 .  ? 21.095  7.004   -5.117  1.00 43.30 ? 102 DGP A "C2'" 1 
HETATM 633 C  "C1'" . DGP D 2 .  ? 19.825  6.845   -4.276  1.00 39.47 ? 102 DGP A "C1'" 1 
HETATM 634 N  N9    . DGP D 2 .  ? 18.880  7.978   -4.492  1.00 30.31 ? 102 DGP A N9    1 
HETATM 635 C  C8    . DGP D 2 .  ? 18.588  9.005   -3.671  1.00 33.50 ? 102 DGP A C8    1 
HETATM 636 N  N7    . DGP D 2 .  ? 17.699  9.810   -4.245  1.00 32.38 ? 102 DGP A N7    1 
HETATM 637 C  C5    . DGP D 2 .  ? 17.482  9.287   -5.448  1.00 31.98 ? 102 DGP A C5    1 
HETATM 638 C  C6    . DGP D 2 .  ? 16.688  9.725   -6.399  1.00 33.92 ? 102 DGP A C6    1 
HETATM 639 O  O6    . DGP D 2 .  ? 15.994  10.754  -6.273  1.00 33.74 ? 102 DGP A O6    1 
HETATM 640 N  N1    . DGP D 2 .  ? 16.610  8.979   -7.569  1.00 32.54 ? 102 DGP A N1    1 
HETATM 641 C  C2    . DGP D 2 .  ? 17.386  7.848   -7.730  1.00 30.36 ? 102 DGP A C2    1 
HETATM 642 N  N2    . DGP D 2 .  ? 17.228  7.201   -8.870  1.00 30.30 ? 102 DGP A N2    1 
HETATM 643 N  N3    . DGP D 2 .  ? 18.168  7.410   -6.719  1.00 30.47 ? 102 DGP A N3    1 
HETATM 644 C  C4    . DGP D 2 .  ? 18.208  8.154   -5.606  1.00 30.24 ? 102 DGP A C4    1 
HETATM 645 MG MG    . MG  E 3 .  ? 5.762   -3.378  -4.887  1.00 34.26 ? 103 MG  A MG    1 
HETATM 646 MG MG    . MG  F 3 .  ? -0.150  0.243   -0.055  1.00 32.32 ? 104 MG  A MG    1 
HETATM 647 MG MG    . MG  G 3 .  ? -8.297  -0.699  2.384   1.00 46.76 ? 105 MG  A MG    1 
HETATM 648 MG MG    . MG  H 3 .  ? -9.891  -20.046 3.563   0.33 58.69 ? 106 MG  A MG    1 
HETATM 649 MG MG    . MG  I 3 .  ? -14.553 -10.404 0.438   1.00 63.58 ? 107 MG  A MG    1 
HETATM 650 P  P     . DGP J 2 .  ? -15.395 -15.293 -0.944  1.00 76.78 ? 101 DGP B P     1 
HETATM 651 O  OP1   . DGP J 2 .  ? -15.632 -14.896 0.493   1.00 76.61 ? 101 DGP B OP1   1 
HETATM 652 O  OP2   . DGP J 2 .  ? -15.478 -14.175 -1.879  1.00 56.17 ? 101 DGP B OP2   1 
HETATM 653 O  OP3   . DGP J 2 .  ? -16.088 -16.575 -1.310  1.00 82.57 ? 101 DGP B OP3   1 
HETATM 654 O  "O5'" . DGP J 2 .  ? -13.840 -15.799 -1.248  1.00 58.51 ? 101 DGP B "O5'" 1 
HETATM 655 C  "C5'" . DGP J 2 .  ? -13.222 -16.978 -0.740  1.00 47.83 ? 101 DGP B "C5'" 1 
HETATM 656 C  "C4'" . DGP J 2 .  ? -12.136 -16.492 0.225   1.00 46.37 ? 101 DGP B "C4'" 1 
HETATM 657 O  "O4'" . DGP J 2 .  ? -11.636 -15.074 0.254   1.00 44.18 ? 101 DGP B "O4'" 1 
HETATM 658 C  "C3'" . DGP J 2 .  ? -12.741 -16.534 1.671   1.00 43.78 ? 101 DGP B "C3'" 1 
HETATM 659 O  "O3'" . DGP J 2 .  ? -13.083 -17.850 2.048   1.00 48.15 ? 101 DGP B "O3'" 1 
HETATM 660 C  "C2'" . DGP J 2 .  ? -11.588 -16.063 2.530   1.00 41.84 ? 101 DGP B "C2'" 1 
HETATM 661 C  "C1'" . DGP J 2 .  ? -11.324 -14.802 1.679   1.00 38.68 ? 101 DGP B "C1'" 1 
HETATM 662 N  N9    . DGP J 2 .  ? -12.048 -13.591 2.087   1.00 32.70 ? 101 DGP B N9    1 
HETATM 663 C  C8    . DGP J 2 .  ? -12.880 -12.882 1.319   1.00 30.61 ? 101 DGP B C8    1 
HETATM 664 N  N7    . DGP J 2 .  ? -13.315 -11.819 1.996   1.00 32.43 ? 101 DGP B N7    1 
HETATM 665 C  C5    . DGP J 2 .  ? -12.696 -11.860 3.187   1.00 33.25 ? 101 DGP B C5    1 
HETATM 666 C  C6    . DGP J 2 .  ? -12.801 -11.002 4.180   1.00 34.08 ? 101 DGP B C6    1 
HETATM 667 O  O6    . DGP J 2 .  ? -13.512 -10.007 4.088   1.00 36.05 ? 101 DGP B O6    1 
HETATM 668 N  N1    . DGP J 2 .  ? -12.100 -11.256 5.360   1.00 32.04 ? 101 DGP B N1    1 
HETATM 669 C  C2    . DGP J 2 .  ? -11.284 -12.413 5.456   1.00 31.73 ? 101 DGP B C2    1 
HETATM 670 N  N2    . DGP J 2 .  ? -10.657 -12.582 6.643   1.00 28.65 ? 101 DGP B N2    1 
HETATM 671 N  N3    . DGP J 2 .  ? -11.153 -13.277 4.392   1.00 31.51 ? 101 DGP B N3    1 
HETATM 672 C  C4    . DGP J 2 .  ? -11.908 -12.974 3.278   1.00 32.73 ? 101 DGP B C4    1 
HETATM 673 P  P     . DGP K 2 .  ? -17.806 -16.361 3.329   1.00 84.17 ? 102 DGP B P     1 
HETATM 674 O  OP1   . DGP K 2 .  ? -18.293 -17.778 3.351   1.00 72.88 ? 102 DGP B OP1   1 
HETATM 675 O  OP2   . DGP K 2 .  ? -18.339 -15.489 4.393   1.00 82.57 ? 102 DGP B OP2   1 
HETATM 676 O  OP3   . DGP K 2 .  ? -17.767 -15.636 2.027   1.00 78.26 ? 102 DGP B OP3   1 
HETATM 677 O  "O5'" . DGP K 2 .  ? -16.223 -16.697 3.582   1.00 72.18 ? 102 DGP B "O5'" 1 
HETATM 678 C  "C5'" . DGP K 2 .  ? -15.830 -17.692 4.537   1.00 53.70 ? 102 DGP B "C5'" 1 
HETATM 679 C  "C4'" . DGP K 2 .  ? -14.511 -17.139 5.107   1.00 49.52 ? 102 DGP B "C4'" 1 
HETATM 680 O  "O4'" . DGP K 2 .  ? -14.067 -15.683 4.896   1.00 42.25 ? 102 DGP B "O4'" 1 
HETATM 681 C  "C3'" . DGP K 2 .  ? -14.705 -17.189 6.563   1.00 46.29 ? 102 DGP B "C3'" 1 
HETATM 682 O  "O3'" . DGP K 2 .  ? -13.484 -17.476 7.104   1.00 46.36 ? 102 DGP B "O3'" 1 
HETATM 683 C  "C2'" . DGP K 2 .  ? -15.176 -15.778 6.928   1.00 42.97 ? 102 DGP B "C2'" 1 
HETATM 684 C  "C1'" . DGP K 2 .  ? -14.207 -14.898 6.068   1.00 39.33 ? 102 DGP B "C1'" 1 
HETATM 685 N  N9    . DGP K 2 .  ? -14.900 -13.612 5.772   1.00 31.84 ? 102 DGP B N9    1 
HETATM 686 C  C8    . DGP K 2 .  ? -15.566 -13.263 4.666   1.00 32.52 ? 102 DGP B C8    1 
HETATM 687 N  N7    . DGP K 2 .  ? -16.098 -12.049 4.816   1.00 33.01 ? 102 DGP B N7    1 
HETATM 688 C  C5    . DGP K 2 .  ? -15.777 -11.668 6.035   1.00 31.14 ? 102 DGP B C5    1 
HETATM 689 C  C6    . DGP K 2 .  ? -16.080 -10.543 6.646   1.00 34.96 ? 102 DGP B C6    1 
HETATM 690 O  O6    . DGP K 2 .  ? -16.736 -9.626  6.115   1.00 33.47 ? 102 DGP B O6    1 
HETATM 691 N  N1    . DGP K 2 .  ? -15.608 -10.387 7.930   1.00 32.82 ? 102 DGP B N1    1 
HETATM 692 C  C2    . DGP K 2 .  ? -14.886 -11.371 8.539   1.00 30.88 ? 102 DGP B C2    1 
HETATM 693 N  N2    . DGP K 2 .  ? -14.489 -11.102 9.752   1.00 31.20 ? 102 DGP B N2    1 
HETATM 694 N  N3    . DGP K 2 .  ? -14.584 -12.515 7.895   1.00 29.59 ? 102 DGP B N3    1 
HETATM 695 C  C4    . DGP K 2 .  ? -15.049 -12.637 6.645   1.00 30.45 ? 102 DGP B C4    1 
HETATM 696 MG MG    . MG  L 3 .  ? 0.037   -4.837  6.687   1.00 34.95 ? 103 MG  B MG    1 
HETATM 697 MG MG    . MG  M 3 .  ? 4.081   6.632   -3.695  1.00 42.39 ? 104 MG  B MG    1 
HETATM 698 MG MG    . MG  N 3 .  ? 14.688  10.150  -0.449  1.00 62.78 ? 105 MG  B MG    1 
HETATM 699 MG MG    . MG  O 3 .  ? 22.189  1.911   0.399   0.33 70.13 ? 106 MG  B MG    1 
HETATM 700 O  O     . HOH P 4 .  ? 7.268   -3.350  -6.332  1.00 35.35 ? 201 HOH A O     1 
HETATM 701 O  O     . HOH P 4 .  ? 22.749  4.108   -0.311  0.50 24.49 ? 202 HOH A O     1 
HETATM 702 O  O     . HOH P 4 .  ? -7.401  -2.141  1.024   1.00 40.57 ? 203 HOH A O     1 
HETATM 703 O  O     . HOH P 4 .  ? 8.870   3.974   -3.194  1.00 40.63 ? 204 HOH A O     1 
HETATM 704 O  O     . HOH P 4 .  ? 1.484   -2.888  10.063  1.00 35.41 ? 205 HOH A O     1 
HETATM 705 O  O     . HOH P 4 .  ? 6.589   -1.810  -3.831  1.00 36.88 ? 206 HOH A O     1 
HETATM 706 O  O     . HOH P 4 .  ? 8.833   1.860   7.049   1.00 30.24 ? 207 HOH A O     1 
HETATM 707 O  O     . HOH P 4 .  ? 1.417   1.388   0.332   1.00 32.31 ? 208 HOH A O     1 
HETATM 708 O  O     . HOH P 4 .  ? -13.234 -8.996  0.873   1.00 45.59 ? 209 HOH A O     1 
HETATM 709 O  O     . HOH P 4 .  ? 10.510  7.804   -3.866  1.00 36.05 ? 210 HOH A O     1 
HETATM 710 O  O     . HOH P 4 .  ? -0.755  -2.896  6.792   1.00 32.90 ? 211 HOH A O     1 
HETATM 711 O  O     . HOH P 4 .  ? -7.264  1.144   1.783   1.00 39.50 ? 212 HOH A O     1 
HETATM 712 O  O     . HOH P 4 .  ? -5.069  2.325   3.094   1.00 39.39 ? 213 HOH A O     1 
HETATM 713 O  O     . HOH P 4 .  ? 15.805  -0.554  -2.542  1.00 35.21 ? 214 HOH A O     1 
HETATM 714 O  O     . HOH P 4 .  ? 7.503   1.077   -4.437  1.00 40.06 ? 215 HOH A O     1 
HETATM 715 O  O     . HOH P 4 .  ? 7.472   1.036   -1.650  1.00 36.40 ? 216 HOH A O     1 
HETATM 716 O  O     . HOH P 4 .  ? 7.879   -4.109  7.164   1.00 29.07 ? 217 HOH A O     1 
HETATM 717 O  O     . HOH P 4 .  ? -5.400  2.537   5.801   1.00 37.82 ? 218 HOH A O     1 
HETATM 718 O  O     . HOH P 4 .  ? -1.740  1.154   5.588   1.00 39.16 ? 219 HOH A O     1 
HETATM 719 O  O     . HOH P 4 .  ? -13.596 -10.832 -1.371  1.00 47.11 ? 220 HOH A O     1 
HETATM 720 O  O     . HOH P 4 .  ? -1.367  1.360   1.062   1.00 34.40 ? 221 HOH A O     1 
HETATM 721 O  O     . HOH P 4 .  ? 17.741  11.604  -2.033  1.00 46.64 ? 222 HOH A O     1 
HETATM 722 O  O     . HOH P 4 .  ? 4.031   1.127   -0.771  1.00 30.88 ? 223 HOH A O     1 
HETATM 723 O  O     . HOH P 4 .  ? 16.398  10.727  0.165   1.00 59.73 ? 224 HOH A O     1 
HETATM 724 O  O     . HOH P 4 .  ? -9.570  -0.414  0.928   1.00 35.80 ? 225 HOH A O     1 
HETATM 725 O  O     . HOH P 4 .  ? 15.202  10.850  -2.337  1.00 56.93 ? 226 HOH A O     1 
HETATM 726 O  O     . HOH P 4 .  ? 6.662   3.740   -1.785  1.00 34.35 ? 227 HOH A O     1 
HETATM 727 O  O     . HOH P 4 .  ? 0.936   -4.120  5.034   1.00 38.38 ? 228 HOH A O     1 
HETATM 728 O  O     . HOH P 4 .  ? 1.714   -4.221  7.808   1.00 28.42 ? 229 HOH A O     1 
HETATM 729 O  O     . HOH P 4 .  ? -9.327  0.530   3.577   1.00 42.07 ? 230 HOH A O     1 
HETATM 730 O  O     . HOH P 4 .  ? -6.620  -0.076  6.314   1.00 40.46 ? 231 HOH A O     1 
HETATM 731 O  O     . HOH P 4 .  ? 0.305   -1.077  1.631   1.00 26.83 ? 232 HOH A O     1 
HETATM 732 O  O     . HOH P 4 .  ? -14.938 -8.457  -0.580  1.00 54.52 ? 233 HOH A O     1 
HETATM 733 O  O     . HOH P 4 .  ? -9.151  -2.416  3.069   1.00 44.19 ? 234 HOH A O     1 
HETATM 734 O  O     . HOH P 4 .  ? -6.705  -1.118  3.724   1.00 35.68 ? 235 HOH A O     1 
HETATM 735 O  O     . HOH Q 4 .  ? -0.811  -5.783  8.390   1.00 33.87 ? 201 HOH B O     1 
HETATM 736 O  O     . HOH Q 4 .  ? -11.950 -19.307 3.672   0.50 27.69 ? 202 HOH B O     1 
HETATM 737 O  O     . HOH Q 4 .  ? 4.808   5.772   -1.731  1.00 38.92 ? 203 HOH B O     1 
HETATM 738 O  O     . HOH Q 4 .  ? 4.129   -4.963  -8.231  1.00 32.48 ? 204 HOH B O     1 
HETATM 739 O  O     . HOH Q 4 .  ? 12.854  9.096   -0.635  1.00 44.09 ? 205 HOH B O     1 
HETATM 740 O  O     . HOH Q 4 .  ? -7.463  -5.960  3.677   1.00 38.37 ? 206 HOH B O     1 
HETATM 741 O  O     . HOH Q 4 .  ? 1.901   6.502   -3.390  1.00 38.28 ? 207 HOH B O     1 
HETATM 742 O  O     . HOH Q 4 .  ? -1.723  -1.001  -0.411  1.00 33.38 ? 208 HOH B O     1 
HETATM 743 O  O     . HOH Q 4 .  ? -5.626  -13.788 5.643   1.00 33.92 ? 209 HOH B O     1 
HETATM 744 O  O     . HOH Q 4 .  ? -3.406  -9.578  -5.326  1.00 30.15 ? 210 HOH B O     1 
HETATM 745 O  O     . HOH Q 4 .  ? -1.557  -5.471  5.516   1.00 36.84 ? 211 HOH B O     1 
HETATM 746 O  O     . HOH Q 4 .  ? -3.913  -6.007  2.634   1.00 33.01 ? 212 HOH B O     1 
HETATM 747 O  O     . HOH Q 4 .  ? 4.529   -7.311  -4.480  1.00 22.96 ? 213 HOH B O     1 
HETATM 748 O  O     . HOH Q 4 .  ? -0.600  1.413   -1.658  1.00 34.20 ? 214 HOH B O     1 
HETATM 749 O  O     . HOH Q 4 .  ? 4.287   -2.098  -5.683  1.00 31.75 ? 215 HOH B O     1 
HETATM 750 O  O     . HOH Q 4 .  ? 0.369   4.487   -4.584  1.00 38.43 ? 216 HOH B O     1 
HETATM 751 O  O     . HOH Q 4 .  ? 14.380  9.569   1.673   1.00 47.53 ? 217 HOH B O     1 
HETATM 752 O  O     . HOH Q 4 .  ? 0.775   4.015   -7.227  1.00 35.29 ? 218 HOH B O     1 
HETATM 753 O  O     . HOH Q 4 .  ? -11.670 -6.064  3.499   1.00 33.84 ? 219 HOH B O     1 
HETATM 754 O  O     . HOH Q 4 .  ? 0.907   -6.684  6.194   1.00 28.54 ? 220 HOH B O     1 
HETATM 755 O  O     . HOH Q 4 .  ? 0.462   -6.412  -9.422  1.00 43.04 ? 221 HOH B O     1 
HETATM 756 O  O     . HOH Q 4 .  ? -15.793 -11.720 -0.291  1.00 60.71 ? 222 HOH B O     1 
HETATM 757 O  O     . HOH Q 4 .  ? -15.838 -9.968  2.265   1.00 59.73 ? 223 HOH B O     1 
HETATM 758 O  O     . HOH Q 4 .  ? -2.652  -3.066  1.246   1.00 30.55 ? 224 HOH B O     1 
HETATM 759 O  O     . HOH Q 4 .  ? -17.363 -12.185 2.121   1.00 44.36 ? 225 HOH B O     1 
HETATM 760 O  O     . HOH Q 4 .  ? 4.005   8.337   -2.665  1.00 36.00 ? 226 HOH B O     1 
HETATM 761 O  O     . HOH Q 4 .  ? -6.168  -4.572  1.970   1.00 35.87 ? 227 HOH B O     1 
HETATM 762 O  O     . HOH Q 4 .  ? 4.430   -3.583  -3.394  1.00 42.23 ? 228 HOH B O     1 
HETATM 763 O  O     . HOH Q 4 .  ? 4.851   -5.025  -5.794  1.00 26.06 ? 229 HOH B O     1 
HETATM 764 O  O     . HOH Q 4 .  ? 3.558   7.667   -5.375  1.00 40.98 ? 230 HOH B O     1 
HETATM 765 O  O     . HOH Q 4 .  ? 3.656   4.251   -7.159  1.00 40.14 ? 231 HOH B O     1 
HETATM 766 O  O     . HOH Q 4 .  ? 1.145   -1.028  -1.168  1.00 28.66 ? 232 HOH B O     1 
HETATM 767 O  O     . HOH Q 4 .  ? 12.920  11.493  0.021   1.00 52.83 ? 233 HOH B O     1 
HETATM 768 O  O     . HOH Q 4 .  ? 6.014   6.718   -3.833  1.00 42.79 ? 234 HOH B O     1 
HETATM 769 O  O     . HOH Q 4 .  ? 4.147   4.710   -4.495  1.00 33.94 ? 235 HOH B O     1 
# 
loop_
_pdbx_poly_seq_scheme.asym_id 
_pdbx_poly_seq_scheme.entity_id 
_pdbx_poly_seq_scheme.seq_id 
_pdbx_poly_seq_scheme.mon_id 
_pdbx_poly_seq_scheme.ndb_seq_num 
_pdbx_poly_seq_scheme.pdb_seq_num 
_pdbx_poly_seq_scheme.auth_seq_num 
_pdbx_poly_seq_scheme.pdb_mon_id 
_pdbx_poly_seq_scheme.auth_mon_id 
_pdbx_poly_seq_scheme.pdb_strand_id 
_pdbx_poly_seq_scheme.pdb_ins_code 
_pdbx_poly_seq_scheme.hetero 
A 1 1  LCC 1  1  1  LCC LCC A . n 
A 1 2  LCC 2  2  2  LCC LCC A . n 
A 1 3  LCC 3  3  3  LCC LCC A . n 
A 1 4  LCG 4  4  4  LCG LCG A . n 
A 1 5  A   5  5  5  A   A   A . n 
A 1 6  C   6  6  6  C   C   A . n 
A 1 7  U   7  7  7  U   U   A . n 
A 1 8  U   8  8  8  U   U   A . n 
A 1 9  A   9  9  9  A   A   A . n 
A 1 10 A   10 10 10 A   A   A . n 
A 1 11 G   11 11 11 G   G   A . n 
A 1 12 U   12 12 12 U   U   A . n 
A 1 13 C   13 13 13 C   C   A . n 
A 1 14 G   14 14 14 G   G   A . n 
B 1 1  LCC 1  1  1  LCC LCC B . n 
B 1 2  LCC 2  2  2  LCC LCC B . n 
B 1 3  LCC 3  3  3  LCC LCC B . n 
B 1 4  LCG 4  4  4  LCG LCG B . n 
B 1 5  A   5  5  5  A   A   B . n 
B 1 6  C   6  6  6  C   C   B . n 
B 1 7  U   7  7  7  U   U   B . n 
B 1 8  U   8  8  8  U   U   B . n 
B 1 9  A   9  9  9  A   A   B . n 
B 1 10 A   10 10 10 A   A   B . n 
B 1 11 G   11 11 11 G   G   B . n 
B 1 12 U   12 12 12 U   U   B . n 
B 1 13 C   13 13 13 C   C   B . n 
B 1 14 G   14 14 14 G   G   B . n 
# 
loop_
_pdbx_nonpoly_scheme.asym_id 
_pdbx_nonpoly_scheme.entity_id 
_pdbx_nonpoly_scheme.mon_id 
_pdbx_nonpoly_scheme.ndb_seq_num 
_pdbx_nonpoly_scheme.pdb_seq_num 
_pdbx_nonpoly_scheme.auth_seq_num 
_pdbx_nonpoly_scheme.pdb_mon_id 
_pdbx_nonpoly_scheme.auth_mon_id 
_pdbx_nonpoly_scheme.pdb_strand_id 
_pdbx_nonpoly_scheme.pdb_ins_code 
C 2 DGP 1  101 6  DGP dG  A . 
D 2 DGP 1  102 7  DGP dG  A . 
E 3 MG  1  103 1  MG  MG  A . 
F 3 MG  1  104 3  MG  MG  A . 
G 3 MG  1  105 4  MG  MG  A . 
H 3 MG  1  106 6  MG  MG  A . 
I 3 MG  1  107 7  MG  MG  A . 
J 2 DGP 1  101 4  DGP dG  B . 
K 2 DGP 1  102 5  DGP dG  B . 
L 3 MG  1  103 2  MG  MG  B . 
M 3 MG  1  104 5  MG  MG  B . 
N 3 MG  1  105 8  MG  MG  B . 
O 3 MG  1  106 9  MG  MG  B . 
P 4 HOH 1  201 2  HOH HOH A . 
P 4 HOH 2  202 73 HOH HOH A . 
P 4 HOH 3  203 53 HOH HOH A . 
P 4 HOH 4  204 69 HOH HOH A . 
P 4 HOH 5  205 11 HOH HOH A . 
P 4 HOH 6  206 30 HOH HOH A . 
P 4 HOH 7  207 36 HOH HOH A . 
P 4 HOH 8  208 16 HOH HOH A . 
P 4 HOH 9  209 48 HOH HOH A . 
P 4 HOH 10 210 41 HOH HOH A . 
P 4 HOH 11 211 8  HOH HOH A . 
P 4 HOH 12 212 21 HOH HOH A . 
P 4 HOH 13 213 45 HOH HOH A . 
P 4 HOH 14 214 42 HOH HOH A . 
P 4 HOH 15 215 68 HOH HOH A . 
P 4 HOH 16 216 70 HOH HOH A . 
P 4 HOH 17 217 3  HOH HOH A . 
P 4 HOH 18 218 63 HOH HOH A . 
P 4 HOH 19 219 43 HOH HOH A . 
P 4 HOH 20 220 47 HOH HOH A . 
P 4 HOH 21 221 18 HOH HOH A . 
P 4 HOH 22 222 61 HOH HOH A . 
P 4 HOH 23 223 19 HOH HOH A . 
P 4 HOH 24 224 58 HOH HOH A . 
P 4 HOH 25 225 22 HOH HOH A . 
P 4 HOH 26 226 60 HOH HOH A . 
P 4 HOH 27 227 28 HOH HOH A . 
P 4 HOH 28 228 10 HOH HOH A . 
P 4 HOH 29 229 6  HOH HOH A . 
P 4 HOH 30 230 52 HOH HOH A . 
P 4 HOH 31 231 46 HOH HOH A . 
P 4 HOH 32 232 13 HOH HOH A . 
P 4 HOH 33 233 49 HOH HOH A . 
P 4 HOH 34 234 23 HOH HOH A . 
P 4 HOH 35 235 20 HOH HOH A . 
Q 4 HOH 1  201 9  HOH HOH B . 
Q 4 HOH 2  202 74 HOH HOH B . 
Q 4 HOH 3  203 37 HOH HOH B . 
Q 4 HOH 4  204 12 HOH HOH B . 
Q 4 HOH 5  205 56 HOH HOH B . 
Q 4 HOH 6  206 64 HOH HOH B . 
Q 4 HOH 7  207 24 HOH HOH B . 
Q 4 HOH 8  208 17 HOH HOH B . 
Q 4 HOH 9  209 33 HOH HOH B . 
Q 4 HOH 10 210 34 HOH HOH B . 
Q 4 HOH 11 211 44 HOH HOH B . 
Q 4 HOH 12 212 55 HOH HOH B . 
Q 4 HOH 13 213 5  HOH HOH B . 
Q 4 HOH 14 214 15 HOH HOH B . 
Q 4 HOH 15 215 4  HOH HOH B . 
Q 4 HOH 16 216 39 HOH HOH B . 
Q 4 HOH 17 217 57 HOH HOH B . 
Q 4 HOH 18 218 38 HOH HOH B . 
Q 4 HOH 19 219 35 HOH HOH B . 
Q 4 HOH 20 220 7  HOH HOH B . 
Q 4 HOH 21 221 71 HOH HOH B . 
Q 4 HOH 22 222 51 HOH HOH B . 
Q 4 HOH 23 223 72 HOH HOH B . 
Q 4 HOH 24 224 32 HOH HOH B . 
Q 4 HOH 25 225 50 HOH HOH B . 
Q 4 HOH 26 226 31 HOH HOH B . 
Q 4 HOH 27 227 54 HOH HOH B . 
Q 4 HOH 28 228 29 HOH HOH B . 
Q 4 HOH 29 229 1  HOH HOH B . 
Q 4 HOH 30 230 27 HOH HOH B . 
Q 4 HOH 31 231 40 HOH HOH B . 
Q 4 HOH 32 232 14 HOH HOH B . 
Q 4 HOH 33 233 59 HOH HOH B . 
Q 4 HOH 34 234 26 HOH HOH B . 
Q 4 HOH 35 235 25 HOH HOH B . 
# 
_pdbx_struct_assembly.id                   1 
_pdbx_struct_assembly.details              author_and_software_defined_assembly 
_pdbx_struct_assembly.method_details       PISA 
_pdbx_struct_assembly.oligomeric_details   dimeric 
_pdbx_struct_assembly.oligomeric_count     2 
# 
_pdbx_struct_assembly_gen.assembly_id       1 
_pdbx_struct_assembly_gen.oper_expression   1 
_pdbx_struct_assembly_gen.asym_id_list      A,B,C,D,E,F,G,H,I,J,K,L,M,N,O,P,Q 
# 
loop_
_pdbx_struct_assembly_prop.biol_id 
_pdbx_struct_assembly_prop.type 
_pdbx_struct_assembly_prop.value 
_pdbx_struct_assembly_prop.details 
1 'ABSA (A^2)' 3200 ? 
1 MORE         -29  ? 
1 'SSA (A^2)'  5820 ? 
# 
_pdbx_struct_oper_list.id                   1 
_pdbx_struct_oper_list.type                 'identity operation' 
_pdbx_struct_oper_list.name                 1_555 
_pdbx_struct_oper_list.symmetry_operation   x,y,z 
_pdbx_struct_oper_list.matrix[1][1]         1.0000000000 
_pdbx_struct_oper_list.matrix[1][2]         0.0000000000 
_pdbx_struct_oper_list.matrix[1][3]         0.0000000000 
_pdbx_struct_oper_list.vector[1]            0.0000000000 
_pdbx_struct_oper_list.matrix[2][1]         0.0000000000 
_pdbx_struct_oper_list.matrix[2][2]         1.0000000000 
_pdbx_struct_oper_list.matrix[2][3]         0.0000000000 
_pdbx_struct_oper_list.vector[2]            0.0000000000 
_pdbx_struct_oper_list.matrix[3][1]         0.0000000000 
_pdbx_struct_oper_list.matrix[3][2]         0.0000000000 
_pdbx_struct_oper_list.matrix[3][3]         1.0000000000 
_pdbx_struct_oper_list.vector[3]            0.0000000000 
# 
loop_
_pdbx_struct_special_symmetry.id 
_pdbx_struct_special_symmetry.PDB_model_num 
_pdbx_struct_special_symmetry.auth_asym_id 
_pdbx_struct_special_symmetry.auth_comp_id 
_pdbx_struct_special_symmetry.auth_seq_id 
_pdbx_struct_special_symmetry.PDB_ins_code 
_pdbx_struct_special_symmetry.label_asym_id 
_pdbx_struct_special_symmetry.label_comp_id 
_pdbx_struct_special_symmetry.label_seq_id 
1 1 A MG 106 ? H MG . 
2 1 B MG 106 ? O MG . 
# 
loop_
_pdbx_struct_conn_angle.id 
_pdbx_struct_conn_angle.ptnr1_label_atom_id 
_pdbx_struct_conn_angle.ptnr1_label_alt_id 
_pdbx_struct_conn_angle.ptnr1_label_asym_id 
_pdbx_struct_conn_angle.ptnr1_label_comp_id 
_pdbx_struct_conn_angle.ptnr1_label_seq_id 
_pdbx_struct_conn_angle.ptnr1_auth_atom_id 
_pdbx_struct_conn_angle.ptnr1_auth_asym_id 
_pdbx_struct_conn_angle.ptnr1_auth_comp_id 
_pdbx_struct_conn_angle.ptnr1_auth_seq_id 
_pdbx_struct_conn_angle.ptnr1_PDB_ins_code 
_pdbx_struct_conn_angle.ptnr1_symmetry 
_pdbx_struct_conn_angle.ptnr2_label_atom_id 
_pdbx_struct_conn_angle.ptnr2_label_alt_id 
_pdbx_struct_conn_angle.ptnr2_label_asym_id 
_pdbx_struct_conn_angle.ptnr2_label_comp_id 
_pdbx_struct_conn_angle.ptnr2_label_seq_id 
_pdbx_struct_conn_angle.ptnr2_auth_atom_id 
_pdbx_struct_conn_angle.ptnr2_auth_asym_id 
_pdbx_struct_conn_angle.ptnr2_auth_comp_id 
_pdbx_struct_conn_angle.ptnr2_auth_seq_id 
_pdbx_struct_conn_angle.ptnr2_PDB_ins_code 
_pdbx_struct_conn_angle.ptnr2_symmetry 
_pdbx_struct_conn_angle.ptnr3_label_atom_id 
_pdbx_struct_conn_angle.ptnr3_label_alt_id 
_pdbx_struct_conn_angle.ptnr3_label_asym_id 
_pdbx_struct_conn_angle.ptnr3_label_comp_id 
_pdbx_struct_conn_angle.ptnr3_label_seq_id 
_pdbx_struct_conn_angle.ptnr3_auth_atom_id 
_pdbx_struct_conn_angle.ptnr3_auth_asym_id 
_pdbx_struct_conn_angle.ptnr3_auth_comp_id 
_pdbx_struct_conn_angle.ptnr3_auth_seq_id 
_pdbx_struct_conn_angle.ptnr3_PDB_ins_code 
_pdbx_struct_conn_angle.ptnr3_symmetry 
_pdbx_struct_conn_angle.value 
_pdbx_struct_conn_angle.value_esd 
1  O ? P HOH . ? A HOH 201 ? 1_555 MG ? E MG . ? A MG 103 ? 1_555 O ? P HOH . ? A HOH 206 ? 1_555 93.1  ? 
2  O ? P HOH . ? A HOH 201 ? 1_555 MG ? E MG . ? A MG 103 ? 1_555 O ? P HOH . ? A HOH 217 ? 2_665 85.8  ? 
3  O ? P HOH . ? A HOH 206 ? 1_555 MG ? E MG . ? A MG 103 ? 1_555 O ? P HOH . ? A HOH 217 ? 2_665 83.6  ? 
4  O ? P HOH . ? A HOH 201 ? 1_555 MG ? E MG . ? A MG 103 ? 1_555 O ? Q HOH . ? B HOH 215 ? 1_555 103.6 ? 
5  O ? P HOH . ? A HOH 206 ? 1_555 MG ? E MG . ? A MG 103 ? 1_555 O ? Q HOH . ? B HOH 215 ? 1_555 90.7  ? 
6  O ? P HOH . ? A HOH 217 ? 2_665 MG ? E MG . ? A MG 103 ? 1_555 O ? Q HOH . ? B HOH 215 ? 1_555 169.3 ? 
7  O ? P HOH . ? A HOH 201 ? 1_555 MG ? E MG . ? A MG 103 ? 1_555 O ? Q HOH . ? B HOH 228 ? 1_555 173.2 ? 
8  O ? P HOH . ? A HOH 206 ? 1_555 MG ? E MG . ? A MG 103 ? 1_555 O ? Q HOH . ? B HOH 228 ? 1_555 87.9  ? 
9  O ? P HOH . ? A HOH 217 ? 2_665 MG ? E MG . ? A MG 103 ? 1_555 O ? Q HOH . ? B HOH 228 ? 1_555 87.7  ? 
10 O ? Q HOH . ? B HOH 215 ? 1_555 MG ? E MG . ? A MG 103 ? 1_555 O ? Q HOH . ? B HOH 228 ? 1_555 83.1  ? 
11 O ? P HOH . ? A HOH 201 ? 1_555 MG ? E MG . ? A MG 103 ? 1_555 O ? Q HOH . ? B HOH 229 ? 1_555 91.4  ? 
12 O ? P HOH . ? A HOH 206 ? 1_555 MG ? E MG . ? A MG 103 ? 1_555 O ? Q HOH . ? B HOH 229 ? 1_555 174.8 ? 
13 O ? P HOH . ? A HOH 217 ? 2_665 MG ? E MG . ? A MG 103 ? 1_555 O ? Q HOH . ? B HOH 229 ? 1_555 94.4  ? 
14 O ? Q HOH . ? B HOH 215 ? 1_555 MG ? E MG . ? A MG 103 ? 1_555 O ? Q HOH . ? B HOH 229 ? 1_555 90.5  ? 
15 O ? Q HOH . ? B HOH 228 ? 1_555 MG ? E MG . ? A MG 103 ? 1_555 O ? Q HOH . ? B HOH 229 ? 1_555 87.3  ? 
16 O ? P HOH . ? A HOH 208 ? 1_555 MG ? F MG . ? A MG 104 ? 1_555 O ? P HOH . ? A HOH 221 ? 1_555 92.8  ? 
17 O ? P HOH . ? A HOH 208 ? 1_555 MG ? F MG . ? A MG 104 ? 1_555 O ? P HOH . ? A HOH 232 ? 1_555 92.0  ? 
18 O ? P HOH . ? A HOH 221 ? 1_555 MG ? F MG . ? A MG 104 ? 1_555 O ? P HOH . ? A HOH 232 ? 1_555 91.9  ? 
19 O ? P HOH . ? A HOH 208 ? 1_555 MG ? F MG . ? A MG 104 ? 1_555 O ? Q HOH . ? B HOH 208 ? 1_555 177.6 ? 
20 O ? P HOH . ? A HOH 221 ? 1_555 MG ? F MG . ? A MG 104 ? 1_555 O ? Q HOH . ? B HOH 208 ? 1_555 88.2  ? 
21 O ? P HOH . ? A HOH 232 ? 1_555 MG ? F MG . ? A MG 104 ? 1_555 O ? Q HOH . ? B HOH 208 ? 1_555 85.8  ? 
22 O ? P HOH . ? A HOH 208 ? 1_555 MG ? F MG . ? A MG 104 ? 1_555 O ? Q HOH . ? B HOH 214 ? 1_555 89.8  ? 
23 O ? P HOH . ? A HOH 221 ? 1_555 MG ? F MG . ? A MG 104 ? 1_555 O ? Q HOH . ? B HOH 214 ? 1_555 89.1  ? 
24 O ? P HOH . ? A HOH 232 ? 1_555 MG ? F MG . ? A MG 104 ? 1_555 O ? Q HOH . ? B HOH 214 ? 1_555 177.9 ? 
25 O ? Q HOH . ? B HOH 208 ? 1_555 MG ? F MG . ? A MG 104 ? 1_555 O ? Q HOH . ? B HOH 214 ? 1_555 92.4  ? 
26 O ? P HOH . ? A HOH 208 ? 1_555 MG ? F MG . ? A MG 104 ? 1_555 O ? Q HOH . ? B HOH 232 ? 1_555 88.1  ? 
27 O ? P HOH . ? A HOH 221 ? 1_555 MG ? F MG . ? A MG 104 ? 1_555 O ? Q HOH . ? B HOH 232 ? 1_555 177.0 ? 
28 O ? P HOH . ? A HOH 232 ? 1_555 MG ? F MG . ? A MG 104 ? 1_555 O ? Q HOH . ? B HOH 232 ? 1_555 85.2  ? 
29 O ? Q HOH . ? B HOH 208 ? 1_555 MG ? F MG . ? A MG 104 ? 1_555 O ? Q HOH . ? B HOH 232 ? 1_555 90.8  ? 
30 O ? Q HOH . ? B HOH 214 ? 1_555 MG ? F MG . ? A MG 104 ? 1_555 O ? Q HOH . ? B HOH 232 ? 1_555 93.8  ? 
31 O ? P HOH . ? A HOH 203 ? 1_555 MG ? G MG . ? A MG 105 ? 1_555 O ? P HOH . ? A HOH 212 ? 1_555 101.0 ? 
32 O ? P HOH . ? A HOH 203 ? 1_555 MG ? G MG . ? A MG 105 ? 1_555 O ? P HOH . ? A HOH 225 ? 1_555 84.2  ? 
33 O ? P HOH . ? A HOH 212 ? 1_555 MG ? G MG . ? A MG 105 ? 1_555 O ? P HOH . ? A HOH 225 ? 1_555 88.9  ? 
34 O ? P HOH . ? A HOH 203 ? 1_555 MG ? G MG . ? A MG 105 ? 1_555 O ? P HOH . ? A HOH 230 ? 1_555 173.3 ? 
35 O ? P HOH . ? A HOH 212 ? 1_555 MG ? G MG . ? A MG 105 ? 1_555 O ? P HOH . ? A HOH 230 ? 1_555 83.7  ? 
36 O ? P HOH . ? A HOH 225 ? 1_555 MG ? G MG . ? A MG 105 ? 1_555 O ? P HOH . ? A HOH 230 ? 1_555 91.1  ? 
37 O ? P HOH . ? A HOH 203 ? 1_555 MG ? G MG . ? A MG 105 ? 1_555 O ? P HOH . ? A HOH 234 ? 1_555 79.9  ? 
38 O ? P HOH . ? A HOH 212 ? 1_555 MG ? G MG . ? A MG 105 ? 1_555 O ? P HOH . ? A HOH 234 ? 1_555 175.4 ? 
39 O ? P HOH . ? A HOH 225 ? 1_555 MG ? G MG . ? A MG 105 ? 1_555 O ? P HOH . ? A HOH 234 ? 1_555 95.8  ? 
40 O ? P HOH . ? A HOH 230 ? 1_555 MG ? G MG . ? A MG 105 ? 1_555 O ? P HOH . ? A HOH 234 ? 1_555 95.8  ? 
41 O ? P HOH . ? A HOH 203 ? 1_555 MG ? G MG . ? A MG 105 ? 1_555 O ? P HOH . ? A HOH 235 ? 1_555 87.4  ? 
42 O ? P HOH . ? A HOH 212 ? 1_555 MG ? G MG . ? A MG 105 ? 1_555 O ? P HOH . ? A HOH 235 ? 1_555 89.2  ? 
43 O ? P HOH . ? A HOH 225 ? 1_555 MG ? G MG . ? A MG 105 ? 1_555 O ? P HOH . ? A HOH 235 ? 1_555 170.9 ? 
44 O ? P HOH . ? A HOH 230 ? 1_555 MG ? G MG . ? A MG 105 ? 1_555 O ? P HOH . ? A HOH 235 ? 1_555 97.5  ? 
45 O ? P HOH . ? A HOH 234 ? 1_555 MG ? G MG . ? A MG 105 ? 1_555 O ? P HOH . ? A HOH 235 ? 1_555 86.3  ? 
46 O ? Q HOH . ? B HOH 202 ? 1_555 MG ? H MG . ? A MG 106 ? 1_555 O ? Q HOH . ? B HOH 202 ? 2_665 88.9  ? 
47 O ? P HOH . ? A HOH 209 ? 1_555 MG ? I MG . ? A MG 107 ? 1_555 O ? P HOH . ? A HOH 220 ? 1_555 91.7  ? 
48 O ? P HOH . ? A HOH 209 ? 1_555 MG ? I MG . ? A MG 107 ? 1_555 O ? P HOH . ? A HOH 233 ? 1_555 66.0  ? 
49 O ? P HOH . ? A HOH 220 ? 1_555 MG ? I MG . ? A MG 107 ? 1_555 O ? P HOH . ? A HOH 233 ? 1_555 82.1  ? 
50 O ? P HOH . ? A HOH 209 ? 1_555 MG ? I MG . ? A MG 107 ? 1_555 O ? Q HOH . ? B HOH 222 ? 1_555 170.8 ? 
51 O ? P HOH . ? A HOH 220 ? 1_555 MG ? I MG . ? A MG 107 ? 1_555 O ? Q HOH . ? B HOH 222 ? 1_555 80.2  ? 
52 O ? P HOH . ? A HOH 233 ? 1_555 MG ? I MG . ? A MG 107 ? 1_555 O ? Q HOH . ? B HOH 222 ? 1_555 108.0 ? 
53 O ? P HOH . ? A HOH 209 ? 1_555 MG ? I MG . ? A MG 107 ? 1_555 O ? Q HOH . ? B HOH 223 ? 1_555 93.6  ? 
54 O ? P HOH . ? A HOH 220 ? 1_555 MG ? I MG . ? A MG 107 ? 1_555 O ? Q HOH . ? B HOH 223 ? 1_555 172.9 ? 
55 O ? P HOH . ? A HOH 233 ? 1_555 MG ? I MG . ? A MG 107 ? 1_555 O ? Q HOH . ? B HOH 223 ? 1_555 95.8  ? 
56 O ? Q HOH . ? B HOH 222 ? 1_555 MG ? I MG . ? A MG 107 ? 1_555 O ? Q HOH . ? B HOH 223 ? 1_555 94.0  ? 
57 O ? P HOH . ? A HOH 202 ? 1_555 MG ? O MG . ? B MG 106 ? 1_555 O ? P HOH . ? A HOH 202 ? 3_565 71.8  ? 
58 O ? P HOH . ? A HOH 211 ? 1_555 MG ? L MG . ? B MG 103 ? 1_555 O ? P HOH . ? A HOH 228 ? 1_555 83.1  ? 
59 O ? P HOH . ? A HOH 211 ? 1_555 MG ? L MG . ? B MG 103 ? 1_555 O ? P HOH . ? A HOH 229 ? 1_555 90.2  ? 
60 O ? P HOH . ? A HOH 228 ? 1_555 MG ? L MG . ? B MG 103 ? 1_555 O ? P HOH . ? A HOH 229 ? 1_555 88.7  ? 
61 O ? P HOH . ? A HOH 211 ? 1_555 MG ? L MG . ? B MG 103 ? 1_555 O ? Q HOH . ? B HOH 201 ? 1_555 102.8 ? 
62 O ? P HOH . ? A HOH 228 ? 1_555 MG ? L MG . ? B MG 103 ? 1_555 O ? Q HOH . ? B HOH 201 ? 1_555 174.1 ? 
63 O ? P HOH . ? A HOH 229 ? 1_555 MG ? L MG . ? B MG 103 ? 1_555 O ? Q HOH . ? B HOH 201 ? 1_555 91.2  ? 
64 O ? P HOH . ? A HOH 211 ? 1_555 MG ? L MG . ? B MG 103 ? 1_555 O ? Q HOH . ? B HOH 211 ? 1_555 91.2  ? 
65 O ? P HOH . ? A HOH 228 ? 1_555 MG ? L MG . ? B MG 103 ? 1_555 O ? Q HOH . ? B HOH 211 ? 1_555 89.3  ? 
66 O ? P HOH . ? A HOH 229 ? 1_555 MG ? L MG . ? B MG 103 ? 1_555 O ? Q HOH . ? B HOH 211 ? 1_555 177.5 ? 
67 O ? Q HOH . ? B HOH 201 ? 1_555 MG ? L MG . ? B MG 103 ? 1_555 O ? Q HOH . ? B HOH 211 ? 1_555 90.5  ? 
68 O ? P HOH . ? A HOH 211 ? 1_555 MG ? L MG . ? B MG 103 ? 1_555 O ? Q HOH . ? B HOH 220 ? 1_555 168.9 ? 
69 O ? P HOH . ? A HOH 228 ? 1_555 MG ? L MG . ? B MG 103 ? 1_555 O ? Q HOH . ? B HOH 220 ? 1_555 86.3  ? 
70 O ? P HOH . ? A HOH 229 ? 1_555 MG ? L MG . ? B MG 103 ? 1_555 O ? Q HOH . ? B HOH 220 ? 1_555 93.0  ? 
71 O ? Q HOH . ? B HOH 201 ? 1_555 MG ? L MG . ? B MG 103 ? 1_555 O ? Q HOH . ? B HOH 220 ? 1_555 87.8  ? 
72 O ? Q HOH . ? B HOH 211 ? 1_555 MG ? L MG . ? B MG 103 ? 1_555 O ? Q HOH . ? B HOH 220 ? 1_555 85.3  ? 
73 O ? P HOH . ? A HOH 224 ? 1_555 MG ? N MG . ? B MG 105 ? 1_555 O ? P HOH . ? A HOH 226 ? 1_555 88.2  ? 
74 O ? P HOH . ? A HOH 224 ? 1_555 MG ? N MG . ? B MG 105 ? 1_555 O ? Q HOH . ? B HOH 205 ? 1_555 162.4 ? 
75 O ? P HOH . ? A HOH 226 ? 1_555 MG ? N MG . ? B MG 105 ? 1_555 O ? Q HOH . ? B HOH 205 ? 1_555 107.5 ? 
76 O ? P HOH . ? A HOH 224 ? 1_555 MG ? N MG . ? B MG 105 ? 1_555 O ? Q HOH . ? B HOH 217 ? 1_555 84.0  ? 
77 O ? P HOH . ? A HOH 226 ? 1_555 MG ? N MG . ? B MG 105 ? 1_555 O ? Q HOH . ? B HOH 217 ? 1_555 172.0 ? 
78 O ? Q HOH . ? B HOH 205 ? 1_555 MG ? N MG . ? B MG 105 ? 1_555 O ? Q HOH . ? B HOH 217 ? 1_555 80.5  ? 
79 O ? P HOH . ? A HOH 224 ? 1_555 MG ? N MG . ? B MG 105 ? 1_555 O ? Q HOH . ? B HOH 233 ? 1_555 116.9 ? 
80 O ? P HOH . ? A HOH 226 ? 1_555 MG ? N MG . ? B MG 105 ? 1_555 O ? Q HOH . ? B HOH 233 ? 1_555 100.4 ? 
81 O ? Q HOH . ? B HOH 205 ? 1_555 MG ? N MG . ? B MG 105 ? 1_555 O ? Q HOH . ? B HOH 233 ? 1_555 68.8  ? 
82 O ? Q HOH . ? B HOH 217 ? 1_555 MG ? N MG . ? B MG 105 ? 1_555 O ? Q HOH . ? B HOH 233 ? 1_555 81.3  ? 
83 O ? Q HOH . ? B HOH 203 ? 1_555 MG ? M MG . ? B MG 104 ? 1_555 O ? Q HOH . ? B HOH 207 ? 1_555 100.1 ? 
84 O ? Q HOH . ? B HOH 203 ? 1_555 MG ? M MG . ? B MG 104 ? 1_555 O ? Q HOH . ? B HOH 226 ? 1_555 83.6  ? 
85 O ? Q HOH . ? B HOH 207 ? 1_555 MG ? M MG . ? B MG 104 ? 1_555 O ? Q HOH . ? B HOH 226 ? 1_555 86.6  ? 
86 O ? Q HOH . ? B HOH 203 ? 1_555 MG ? M MG . ? B MG 104 ? 1_555 O ? Q HOH . ? B HOH 230 ? 1_555 171.4 ? 
87 O ? Q HOH . ? B HOH 207 ? 1_555 MG ? M MG . ? B MG 104 ? 1_555 O ? Q HOH . ? B HOH 230 ? 1_555 83.7  ? 
88 O ? Q HOH . ? B HOH 226 ? 1_555 MG ? M MG . ? B MG 104 ? 1_555 O ? Q HOH . ? B HOH 230 ? 1_555 89.0  ? 
89 O ? Q HOH . ? B HOH 203 ? 1_555 MG ? M MG . ? B MG 104 ? 1_555 O ? Q HOH . ? B HOH 234 ? 1_555 76.0  ? 
90 O ? Q HOH . ? B HOH 207 ? 1_555 MG ? M MG . ? B MG 104 ? 1_555 O ? Q HOH . ? B HOH 234 ? 1_555 176.0 ? 
91 O ? Q HOH . ? B HOH 226 ? 1_555 MG ? M MG . ? B MG 104 ? 1_555 O ? Q HOH . ? B HOH 234 ? 1_555 92.1  ? 
92 O ? Q HOH . ? B HOH 230 ? 1_555 MG ? M MG . ? B MG 104 ? 1_555 O ? Q HOH . ? B HOH 234 ? 1_555 100.0 ? 
93 O ? Q HOH . ? B HOH 203 ? 1_555 MG ? M MG . ? B MG 104 ? 1_555 O ? Q HOH . ? B HOH 235 ? 1_555 88.4  ? 
94 O ? Q HOH . ? B HOH 207 ? 1_555 MG ? M MG . ? B MG 104 ? 1_555 O ? Q HOH . ? B HOH 235 ? 1_555 91.7  ? 
95 O ? Q HOH . ? B HOH 226 ? 1_555 MG ? M MG . ? B MG 104 ? 1_555 O ? Q HOH . ? B HOH 235 ? 1_555 171.4 ? 
96 O ? Q HOH . ? B HOH 230 ? 1_555 MG ? M MG . ? B MG 104 ? 1_555 O ? Q HOH . ? B HOH 235 ? 1_555 99.2  ? 
97 O ? Q HOH . ? B HOH 234 ? 1_555 MG ? M MG . ? B MG 104 ? 1_555 O ? Q HOH . ? B HOH 235 ? 1_555 89.0  ? 
# 
loop_
_pdbx_audit_revision_history.ordinal 
_pdbx_audit_revision_history.data_content_type 
_pdbx_audit_revision_history.major_revision 
_pdbx_audit_revision_history.minor_revision 
_pdbx_audit_revision_history.revision_date 
1 'Structure model' 1 0 2018-05-30 
2 'Structure model' 1 1 2018-10-31 
3 'Structure model' 1 2 2019-11-20 
4 'Structure model' 2 0 2020-02-19 
5 'Structure model' 2 1 2023-10-04 
# 
_pdbx_audit_revision_details.ordinal             1 
_pdbx_audit_revision_details.revision_ordinal    1 
_pdbx_audit_revision_details.data_content_type   'Structure model' 
_pdbx_audit_revision_details.provider            repository 
_pdbx_audit_revision_details.type                'Initial release' 
_pdbx_audit_revision_details.description         ? 
_pdbx_audit_revision_details.details             ? 
# 
loop_
_pdbx_audit_revision_group.ordinal 
_pdbx_audit_revision_group.revision_ordinal 
_pdbx_audit_revision_group.data_content_type 
_pdbx_audit_revision_group.group 
1  2 'Structure model' 'Data collection'            
2  2 'Structure model' 'Database references'        
3  3 'Structure model' 'Author supporting evidence' 
4  4 'Structure model' 'Atomic model'               
5  4 'Structure model' 'Data collection'            
6  4 'Structure model' 'Derived calculations'       
7  4 'Structure model' 'Non-polymer description'    
8  5 'Structure model' 'Data collection'            
9  5 'Structure model' 'Database references'        
10 5 'Structure model' 'Derived calculations'       
11 5 'Structure model' 'Refinement description'     
# 
loop_
_pdbx_audit_revision_category.ordinal 
_pdbx_audit_revision_category.revision_ordinal 
_pdbx_audit_revision_category.data_content_type 
_pdbx_audit_revision_category.category 
1  2 'Structure model' citation                      
2  2 'Structure model' citation_author               
3  3 'Structure model' pdbx_audit_support            
4  4 'Structure model' atom_site                     
5  4 'Structure model' chem_comp                     
6  4 'Structure model' pdbx_entity_nonpoly           
7  4 'Structure model' pdbx_nonpoly_scheme           
8  4 'Structure model' struct_site                   
9  4 'Structure model' struct_site_gen               
10 5 'Structure model' chem_comp_atom                
11 5 'Structure model' chem_comp_bond                
12 5 'Structure model' database_2                    
13 5 'Structure model' pdbx_initial_refinement_model 
14 5 'Structure model' pdbx_struct_conn_angle        
15 5 'Structure model' struct_conn                   
# 
loop_
_pdbx_audit_revision_item.ordinal 
_pdbx_audit_revision_item.revision_ordinal 
_pdbx_audit_revision_item.data_content_type 
_pdbx_audit_revision_item.item 
1  2 'Structure model' '_citation.page_first'                        
2  2 'Structure model' '_citation.pdbx_database_id_PubMed'           
3  2 'Structure model' '_citation.title'                             
4  2 'Structure model' '_citation_author.identifier_ORCID'           
5  3 'Structure model' '_pdbx_audit_support.funding_organization'    
6  4 'Structure model' '_atom_site.B_iso_or_equiv'                   
7  4 'Structure model' '_atom_site.Cartn_x'                          
8  4 'Structure model' '_atom_site.Cartn_y'                          
9  4 'Structure model' '_atom_site.Cartn_z'                          
10 4 'Structure model' '_atom_site.auth_atom_id'                     
11 4 'Structure model' '_atom_site.auth_comp_id'                     
12 4 'Structure model' '_atom_site.label_atom_id'                    
13 4 'Structure model' '_atom_site.label_comp_id'                    
14 4 'Structure model' '_atom_site.type_symbol'                      
15 4 'Structure model' '_chem_comp.id'                               
16 4 'Structure model' '_chem_comp.mon_nstd_flag'                    
17 4 'Structure model' '_chem_comp.type'                             
18 4 'Structure model' '_pdbx_entity_nonpoly.comp_id'                
19 4 'Structure model' '_pdbx_nonpoly_scheme.mon_id'                 
20 4 'Structure model' '_pdbx_nonpoly_scheme.pdb_mon_id'             
21 4 'Structure model' '_struct_site.details'                        
22 4 'Structure model' '_struct_site.pdbx_auth_comp_id'              
23 4 'Structure model' '_struct_site_gen.auth_comp_id'               
24 4 'Structure model' '_struct_site_gen.label_comp_id'              
25 5 'Structure model' '_database_2.pdbx_DOI'                        
26 5 'Structure model' '_database_2.pdbx_database_accession'         
27 5 'Structure model' '_pdbx_struct_conn_angle.ptnr1_auth_asym_id'  
28 5 'Structure model' '_pdbx_struct_conn_angle.ptnr1_auth_seq_id'   
29 5 'Structure model' '_pdbx_struct_conn_angle.ptnr1_label_asym_id' 
30 5 'Structure model' '_pdbx_struct_conn_angle.ptnr1_symmetry'      
31 5 'Structure model' '_pdbx_struct_conn_angle.ptnr2_auth_seq_id'   
32 5 'Structure model' '_pdbx_struct_conn_angle.ptnr2_label_asym_id' 
33 5 'Structure model' '_pdbx_struct_conn_angle.ptnr3_auth_asym_id'  
34 5 'Structure model' '_pdbx_struct_conn_angle.ptnr3_auth_seq_id'   
35 5 'Structure model' '_pdbx_struct_conn_angle.ptnr3_label_asym_id' 
36 5 'Structure model' '_pdbx_struct_conn_angle.ptnr3_symmetry'      
37 5 'Structure model' '_pdbx_struct_conn_angle.value'               
38 5 'Structure model' '_struct_conn.pdbx_dist_value'                
39 5 'Structure model' '_struct_conn.ptnr1_auth_asym_id'             
40 5 'Structure model' '_struct_conn.ptnr1_auth_comp_id'             
41 5 'Structure model' '_struct_conn.ptnr1_auth_seq_id'              
42 5 'Structure model' '_struct_conn.ptnr1_label_asym_id'            
43 5 'Structure model' '_struct_conn.ptnr1_label_atom_id'            
44 5 'Structure model' '_struct_conn.ptnr1_label_comp_id'            
45 5 'Structure model' '_struct_conn.ptnr1_symmetry'                 
46 5 'Structure model' '_struct_conn.ptnr2_auth_asym_id'             
47 5 'Structure model' '_struct_conn.ptnr2_auth_comp_id'             
48 5 'Structure model' '_struct_conn.ptnr2_auth_seq_id'              
49 5 'Structure model' '_struct_conn.ptnr2_label_asym_id'            
50 5 'Structure model' '_struct_conn.ptnr2_label_atom_id'            
51 5 'Structure model' '_struct_conn.ptnr2_label_comp_id'            
52 5 'Structure model' '_struct_conn.ptnr2_symmetry'                 
# 
loop_
_software.citation_id 
_software.classification 
_software.compiler_name 
_software.compiler_version 
_software.contact_author 
_software.contact_author_email 
_software.date 
_software.description 
_software.dependencies 
_software.hardware 
_software.language 
_software.location 
_software.mods 
_software.name 
_software.os 
_software.os_version 
_software.type 
_software.version 
_software.pdbx_ordinal 
? refinement       ? ? ? ? ? ? ? ? ? ? ? REFMAC   ? ? ? 5.8.0135 1 
? 'data reduction' ? ? ? ? ? ? ? ? ? ? ? HKL-2000 ? ? ? .        2 
? 'data scaling'   ? ? ? ? ? ? ? ? ? ? ? HKL-2000 ? ? ? .        3 
? phasing          ? ? ? ? ? ? ? ? ? ? ? PHASER   ? ? ? .        4 
# 
loop_
_pdbx_validate_rmsd_bond.id 
_pdbx_validate_rmsd_bond.PDB_model_num 
_pdbx_validate_rmsd_bond.auth_atom_id_1 
_pdbx_validate_rmsd_bond.auth_asym_id_1 
_pdbx_validate_rmsd_bond.auth_comp_id_1 
_pdbx_validate_rmsd_bond.auth_seq_id_1 
_pdbx_validate_rmsd_bond.PDB_ins_code_1 
_pdbx_validate_rmsd_bond.label_alt_id_1 
_pdbx_validate_rmsd_bond.auth_atom_id_2 
_pdbx_validate_rmsd_bond.auth_asym_id_2 
_pdbx_validate_rmsd_bond.auth_comp_id_2 
_pdbx_validate_rmsd_bond.auth_seq_id_2 
_pdbx_validate_rmsd_bond.PDB_ins_code_2 
_pdbx_validate_rmsd_bond.label_alt_id_2 
_pdbx_validate_rmsd_bond.bond_value 
_pdbx_validate_rmsd_bond.bond_target_value 
_pdbx_validate_rmsd_bond.bond_deviation 
_pdbx_validate_rmsd_bond.bond_standard_deviation 
_pdbx_validate_rmsd_bond.linker_flag 
1 1 "O3'" A LCC 1 ? ? P A LCC 2 ? ? 1.703 1.607 0.096 0.012 Y 
2 1 "O3'" A LCC 2 ? ? P A LCC 3 ? ? 1.685 1.607 0.078 0.012 Y 
3 1 "O3'" B LCC 1 ? ? P B LCC 2 ? ? 1.701 1.607 0.094 0.012 Y 
4 1 "O3'" B LCG 4 ? ? P B A   5 ? ? 1.682 1.607 0.075 0.012 Y 
# 
loop_
_pdbx_validate_rmsd_angle.id 
_pdbx_validate_rmsd_angle.PDB_model_num 
_pdbx_validate_rmsd_angle.auth_atom_id_1 
_pdbx_validate_rmsd_angle.auth_asym_id_1 
_pdbx_validate_rmsd_angle.auth_comp_id_1 
_pdbx_validate_rmsd_angle.auth_seq_id_1 
_pdbx_validate_rmsd_angle.PDB_ins_code_1 
_pdbx_validate_rmsd_angle.label_alt_id_1 
_pdbx_validate_rmsd_angle.auth_atom_id_2 
_pdbx_validate_rmsd_angle.auth_asym_id_2 
_pdbx_validate_rmsd_angle.auth_comp_id_2 
_pdbx_validate_rmsd_angle.auth_seq_id_2 
_pdbx_validate_rmsd_angle.PDB_ins_code_2 
_pdbx_validate_rmsd_angle.label_alt_id_2 
_pdbx_validate_rmsd_angle.auth_atom_id_3 
_pdbx_validate_rmsd_angle.auth_asym_id_3 
_pdbx_validate_rmsd_angle.auth_comp_id_3 
_pdbx_validate_rmsd_angle.auth_seq_id_3 
_pdbx_validate_rmsd_angle.PDB_ins_code_3 
_pdbx_validate_rmsd_angle.label_alt_id_3 
_pdbx_validate_rmsd_angle.angle_value 
_pdbx_validate_rmsd_angle.angle_target_value 
_pdbx_validate_rmsd_angle.angle_deviation 
_pdbx_validate_rmsd_angle.angle_standard_deviation 
_pdbx_validate_rmsd_angle.linker_flag 
1 1 "C3'" A LCC 3 ? ? "O3'" A LCC 3 ? ? P   A LCG 4 ? ? 136.89 119.70 17.19 1.20 Y 
2 1 "O3'" A LCG 4 ? ? P     A A   5 ? ? OP2 A A   5 ? ? 120.58 110.50 10.08 1.10 Y 
3 1 "C3'" B LCC 3 ? ? "O3'" B LCC 3 ? ? P   B LCG 4 ? ? 145.03 119.70 25.33 1.20 Y 
4 1 "O3'" B LCC 3 ? ? P     B LCG 4 ? ? OP1 B LCG 4 ? ? 122.94 110.50 12.44 1.10 Y 
5 1 "O3'" B LCG 4 ? ? P     B A   5 ? ? OP2 B A   5 ? ? 120.20 110.50 9.70  1.10 Y 
# 
loop_
_chem_comp_atom.comp_id 
_chem_comp_atom.atom_id 
_chem_comp_atom.type_symbol 
_chem_comp_atom.pdbx_aromatic_flag 
_chem_comp_atom.pdbx_stereo_config 
_chem_comp_atom.pdbx_ordinal 
A   OP3    O  N N 1   
A   P      P  N N 2   
A   OP1    O  N N 3   
A   OP2    O  N N 4   
A   "O5'"  O  N N 5   
A   "C5'"  C  N N 6   
A   "C4'"  C  N R 7   
A   "O4'"  O  N N 8   
A   "C3'"  C  N S 9   
A   "O3'"  O  N N 10  
A   "C2'"  C  N R 11  
A   "O2'"  O  N N 12  
A   "C1'"  C  N R 13  
A   N9     N  Y N 14  
A   C8     C  Y N 15  
A   N7     N  Y N 16  
A   C5     C  Y N 17  
A   C6     C  Y N 18  
A   N6     N  N N 19  
A   N1     N  Y N 20  
A   C2     C  Y N 21  
A   N3     N  Y N 22  
A   C4     C  Y N 23  
A   HOP3   H  N N 24  
A   HOP2   H  N N 25  
A   "H5'"  H  N N 26  
A   "H5''" H  N N 27  
A   "H4'"  H  N N 28  
A   "H3'"  H  N N 29  
A   "HO3'" H  N N 30  
A   "H2'"  H  N N 31  
A   "HO2'" H  N N 32  
A   "H1'"  H  N N 33  
A   H8     H  N N 34  
A   H61    H  N N 35  
A   H62    H  N N 36  
A   H2     H  N N 37  
C   OP3    O  N N 38  
C   P      P  N N 39  
C   OP1    O  N N 40  
C   OP2    O  N N 41  
C   "O5'"  O  N N 42  
C   "C5'"  C  N N 43  
C   "C4'"  C  N R 44  
C   "O4'"  O  N N 45  
C   "C3'"  C  N S 46  
C   "O3'"  O  N N 47  
C   "C2'"  C  N R 48  
C   "O2'"  O  N N 49  
C   "C1'"  C  N R 50  
C   N1     N  N N 51  
C   C2     C  N N 52  
C   O2     O  N N 53  
C   N3     N  N N 54  
C   C4     C  N N 55  
C   N4     N  N N 56  
C   C5     C  N N 57  
C   C6     C  N N 58  
C   HOP3   H  N N 59  
C   HOP2   H  N N 60  
C   "H5'"  H  N N 61  
C   "H5''" H  N N 62  
C   "H4'"  H  N N 63  
C   "H3'"  H  N N 64  
C   "HO3'" H  N N 65  
C   "H2'"  H  N N 66  
C   "HO2'" H  N N 67  
C   "H1'"  H  N N 68  
C   H41    H  N N 69  
C   H42    H  N N 70  
C   H5     H  N N 71  
C   H6     H  N N 72  
DGP P      P  N N 73  
DGP OP1    O  N N 74  
DGP OP2    O  N N 75  
DGP OP3    O  N N 76  
DGP "O5'"  O  N N 77  
DGP "C5'"  C  N N 78  
DGP "C4'"  C  N R 79  
DGP "O4'"  O  N N 80  
DGP "C3'"  C  N S 81  
DGP "O3'"  O  N N 82  
DGP "C2'"  C  N N 83  
DGP "C1'"  C  N R 84  
DGP N9     N  Y N 85  
DGP C8     C  Y N 86  
DGP N7     N  Y N 87  
DGP C5     C  Y N 88  
DGP C6     C  N N 89  
DGP O6     O  N N 90  
DGP N1     N  N N 91  
DGP C2     C  N N 92  
DGP N2     N  N N 93  
DGP N3     N  N N 94  
DGP C4     C  Y N 95  
DGP HOP2   H  N N 96  
DGP HOP3   H  N N 97  
DGP "H5'"  H  N N 98  
DGP "H5''" H  N N 99  
DGP "H4'"  H  N N 100 
DGP "H3'"  H  N N 101 
DGP "HO3'" H  N N 102 
DGP "H2'"  H  N N 103 
DGP "H2''" H  N N 104 
DGP "H1'"  H  N N 105 
DGP H8     H  N N 106 
DGP HN1    H  N N 107 
DGP HN21   H  N N 108 
DGP HN22   H  N N 109 
G   OP3    O  N N 110 
G   P      P  N N 111 
G   OP1    O  N N 112 
G   OP2    O  N N 113 
G   "O5'"  O  N N 114 
G   "C5'"  C  N N 115 
G   "C4'"  C  N R 116 
G   "O4'"  O  N N 117 
G   "C3'"  C  N S 118 
G   "O3'"  O  N N 119 
G   "C2'"  C  N R 120 
G   "O2'"  O  N N 121 
G   "C1'"  C  N R 122 
G   N9     N  Y N 123 
G   C8     C  Y N 124 
G   N7     N  Y N 125 
G   C5     C  Y N 126 
G   C6     C  N N 127 
G   O6     O  N N 128 
G   N1     N  N N 129 
G   C2     C  N N 130 
G   N2     N  N N 131 
G   N3     N  N N 132 
G   C4     C  Y N 133 
G   HOP3   H  N N 134 
G   HOP2   H  N N 135 
G   "H5'"  H  N N 136 
G   "H5''" H  N N 137 
G   "H4'"  H  N N 138 
G   "H3'"  H  N N 139 
G   "HO3'" H  N N 140 
G   "H2'"  H  N N 141 
G   "HO2'" H  N N 142 
G   "H1'"  H  N N 143 
G   H8     H  N N 144 
G   H1     H  N N 145 
G   H21    H  N N 146 
G   H22    H  N N 147 
HOH O      O  N N 148 
HOH H1     H  N N 149 
HOH H2     H  N N 150 
LCC "O5'"  O  N N 151 
LCC "C5'"  C  N N 152 
LCC "C4'"  C  N R 153 
LCC "O4'"  O  N N 154 
LCC "C1'"  C  N R 155 
LCC N1     N  N N 156 
LCC C6     C  N N 157 
LCC C5     C  N N 158 
LCC C5M    C  N N 159 
LCC C4     C  N N 160 
LCC N4     N  N N 161 
LCC N3     N  N N 162 
LCC C2     C  N N 163 
LCC O2     O  N N 164 
LCC "C3'"  C  N S 165 
LCC "C2'"  C  N R 166 
LCC "O2'"  O  N N 167 
LCC "O3'"  O  N N 168 
LCC "C6'"  C  N N 169 
LCC P      P  N N 170 
LCC O1P    O  N N 171 
LCC O2P    O  N N 172 
LCC OXT    O  N N 173 
LCC "H5'1" H  N N 174 
LCC "H5'2" H  N N 175 
LCC "H1'"  H  N N 176 
LCC H6     H  N N 177 
LCC H5M1   H  N N 178 
LCC H5M2   H  N N 179 
LCC H5M3   H  N N 180 
LCC H41    H  N N 181 
LCC H42    H  N N 182 
LCC "H3'"  H  N N 183 
LCC "H2'1" H  N N 184 
LCC H3T    H  N N 185 
LCC "H6'1" H  N N 186 
LCC "H6'2" H  N N 187 
LCC H1P    H  N N 188 
LCC HXT    H  N N 189 
LCG P      P  N N 190 
LCG OP1    O  N N 191 
LCG "O5'"  O  N N 192 
LCG "C5'"  C  N N 193 
LCG "C3'"  C  N S 194 
LCG "C6'"  C  N N 195 
LCG N9     N  Y N 196 
LCG C8     C  Y N 197 
LCG C4     C  Y N 198 
LCG N7     N  Y N 199 
LCG C5     C  Y N 200 
LCG C6     C  N N 201 
LCG "C2'"  C  N R 202 
LCG O6     O  N N 203 
LCG "C4'"  C  N R 204 
LCG "C1'"  C  N R 205 
LCG C2     C  N N 206 
LCG N1     N  N N 207 
LCG "O4'"  O  N N 208 
LCG OP2    O  N N 209 
LCG N2     N  N N 210 
LCG N3     N  N N 211 
LCG "O2'"  O  N N 212 
LCG "O3'"  O  N N 213 
LCG OP3    O  N N 214 
LCG "H5'"  H  N N 215 
LCG "H5''" H  N N 216 
LCG "H3'"  H  N N 217 
LCG "H6'1" H  N N 218 
LCG "H6'2" H  N N 219 
LCG H8     H  N N 220 
LCG "H2'"  H  N N 221 
LCG "H1'"  H  N N 222 
LCG H1     H  N N 223 
LCG HOP2   H  N N 224 
LCG H21    H  N N 225 
LCG H22    H  N N 226 
LCG "HO3'" H  N N 227 
LCG HOP3   H  N N 228 
MG  MG     MG N N 229 
U   OP3    O  N N 230 
U   P      P  N N 231 
U   OP1    O  N N 232 
U   OP2    O  N N 233 
U   "O5'"  O  N N 234 
U   "C5'"  C  N N 235 
U   "C4'"  C  N R 236 
U   "O4'"  O  N N 237 
U   "C3'"  C  N S 238 
U   "O3'"  O  N N 239 
U   "C2'"  C  N R 240 
U   "O2'"  O  N N 241 
U   "C1'"  C  N R 242 
U   N1     N  N N 243 
U   C2     C  N N 244 
U   O2     O  N N 245 
U   N3     N  N N 246 
U   C4     C  N N 247 
U   O4     O  N N 248 
U   C5     C  N N 249 
U   C6     C  N N 250 
U   HOP3   H  N N 251 
U   HOP2   H  N N 252 
U   "H5'"  H  N N 253 
U   "H5''" H  N N 254 
U   "H4'"  H  N N 255 
U   "H3'"  H  N N 256 
U   "HO3'" H  N N 257 
U   "H2'"  H  N N 258 
U   "HO2'" H  N N 259 
U   "H1'"  H  N N 260 
U   H3     H  N N 261 
U   H5     H  N N 262 
U   H6     H  N N 263 
# 
loop_
_chem_comp_bond.comp_id 
_chem_comp_bond.atom_id_1 
_chem_comp_bond.atom_id_2 
_chem_comp_bond.value_order 
_chem_comp_bond.pdbx_aromatic_flag 
_chem_comp_bond.pdbx_stereo_config 
_chem_comp_bond.pdbx_ordinal 
A   OP3   P      sing N N 1   
A   OP3   HOP3   sing N N 2   
A   P     OP1    doub N N 3   
A   P     OP2    sing N N 4   
A   P     "O5'"  sing N N 5   
A   OP2   HOP2   sing N N 6   
A   "O5'" "C5'"  sing N N 7   
A   "C5'" "C4'"  sing N N 8   
A   "C5'" "H5'"  sing N N 9   
A   "C5'" "H5''" sing N N 10  
A   "C4'" "O4'"  sing N N 11  
A   "C4'" "C3'"  sing N N 12  
A   "C4'" "H4'"  sing N N 13  
A   "O4'" "C1'"  sing N N 14  
A   "C3'" "O3'"  sing N N 15  
A   "C3'" "C2'"  sing N N 16  
A   "C3'" "H3'"  sing N N 17  
A   "O3'" "HO3'" sing N N 18  
A   "C2'" "O2'"  sing N N 19  
A   "C2'" "C1'"  sing N N 20  
A   "C2'" "H2'"  sing N N 21  
A   "O2'" "HO2'" sing N N 22  
A   "C1'" N9     sing N N 23  
A   "C1'" "H1'"  sing N N 24  
A   N9    C8     sing Y N 25  
A   N9    C4     sing Y N 26  
A   C8    N7     doub Y N 27  
A   C8    H8     sing N N 28  
A   N7    C5     sing Y N 29  
A   C5    C6     sing Y N 30  
A   C5    C4     doub Y N 31  
A   C6    N6     sing N N 32  
A   C6    N1     doub Y N 33  
A   N6    H61    sing N N 34  
A   N6    H62    sing N N 35  
A   N1    C2     sing Y N 36  
A   C2    N3     doub Y N 37  
A   C2    H2     sing N N 38  
A   N3    C4     sing Y N 39  
C   OP3   P      sing N N 40  
C   OP3   HOP3   sing N N 41  
C   P     OP1    doub N N 42  
C   P     OP2    sing N N 43  
C   P     "O5'"  sing N N 44  
C   OP2   HOP2   sing N N 45  
C   "O5'" "C5'"  sing N N 46  
C   "C5'" "C4'"  sing N N 47  
C   "C5'" "H5'"  sing N N 48  
C   "C5'" "H5''" sing N N 49  
C   "C4'" "O4'"  sing N N 50  
C   "C4'" "C3'"  sing N N 51  
C   "C4'" "H4'"  sing N N 52  
C   "O4'" "C1'"  sing N N 53  
C   "C3'" "O3'"  sing N N 54  
C   "C3'" "C2'"  sing N N 55  
C   "C3'" "H3'"  sing N N 56  
C   "O3'" "HO3'" sing N N 57  
C   "C2'" "O2'"  sing N N 58  
C   "C2'" "C1'"  sing N N 59  
C   "C2'" "H2'"  sing N N 60  
C   "O2'" "HO2'" sing N N 61  
C   "C1'" N1     sing N N 62  
C   "C1'" "H1'"  sing N N 63  
C   N1    C2     sing N N 64  
C   N1    C6     sing N N 65  
C   C2    O2     doub N N 66  
C   C2    N3     sing N N 67  
C   N3    C4     doub N N 68  
C   C4    N4     sing N N 69  
C   C4    C5     sing N N 70  
C   N4    H41    sing N N 71  
C   N4    H42    sing N N 72  
C   C5    C6     doub N N 73  
C   C5    H5     sing N N 74  
C   C6    H6     sing N N 75  
DGP P     OP1    doub N N 76  
DGP P     OP2    sing N N 77  
DGP P     OP3    sing N N 78  
DGP P     "O5'"  sing N N 79  
DGP OP2   HOP2   sing N N 80  
DGP OP3   HOP3   sing N N 81  
DGP "O5'" "C5'"  sing N N 82  
DGP "C5'" "C4'"  sing N N 83  
DGP "C5'" "H5'"  sing N N 84  
DGP "C5'" "H5''" sing N N 85  
DGP "C4'" "O4'"  sing N N 86  
DGP "C4'" "C3'"  sing N N 87  
DGP "C4'" "H4'"  sing N N 88  
DGP "O4'" "C1'"  sing N N 89  
DGP "C3'" "O3'"  sing N N 90  
DGP "C3'" "C2'"  sing N N 91  
DGP "C3'" "H3'"  sing N N 92  
DGP "O3'" "HO3'" sing N N 93  
DGP "C2'" "C1'"  sing N N 94  
DGP "C2'" "H2'"  sing N N 95  
DGP "C2'" "H2''" sing N N 96  
DGP "C1'" N9     sing N N 97  
DGP "C1'" "H1'"  sing N N 98  
DGP N9    C8     sing Y N 99  
DGP N9    C4     sing Y N 100 
DGP C8    N7     doub Y N 101 
DGP C8    H8     sing N N 102 
DGP N7    C5     sing Y N 103 
DGP C5    C6     sing N N 104 
DGP C5    C4     doub Y N 105 
DGP C6    O6     doub N N 106 
DGP C6    N1     sing N N 107 
DGP N1    C2     sing N N 108 
DGP N1    HN1    sing N N 109 
DGP C2    N2     sing N N 110 
DGP C2    N3     doub N N 111 
DGP N2    HN21   sing N N 112 
DGP N2    HN22   sing N N 113 
DGP N3    C4     sing N N 114 
G   OP3   P      sing N N 115 
G   OP3   HOP3   sing N N 116 
G   P     OP1    doub N N 117 
G   P     OP2    sing N N 118 
G   P     "O5'"  sing N N 119 
G   OP2   HOP2   sing N N 120 
G   "O5'" "C5'"  sing N N 121 
G   "C5'" "C4'"  sing N N 122 
G   "C5'" "H5'"  sing N N 123 
G   "C5'" "H5''" sing N N 124 
G   "C4'" "O4'"  sing N N 125 
G   "C4'" "C3'"  sing N N 126 
G   "C4'" "H4'"  sing N N 127 
G   "O4'" "C1'"  sing N N 128 
G   "C3'" "O3'"  sing N N 129 
G   "C3'" "C2'"  sing N N 130 
G   "C3'" "H3'"  sing N N 131 
G   "O3'" "HO3'" sing N N 132 
G   "C2'" "O2'"  sing N N 133 
G   "C2'" "C1'"  sing N N 134 
G   "C2'" "H2'"  sing N N 135 
G   "O2'" "HO2'" sing N N 136 
G   "C1'" N9     sing N N 137 
G   "C1'" "H1'"  sing N N 138 
G   N9    C8     sing Y N 139 
G   N9    C4     sing Y N 140 
G   C8    N7     doub Y N 141 
G   C8    H8     sing N N 142 
G   N7    C5     sing Y N 143 
G   C5    C6     sing N N 144 
G   C5    C4     doub Y N 145 
G   C6    O6     doub N N 146 
G   C6    N1     sing N N 147 
G   N1    C2     sing N N 148 
G   N1    H1     sing N N 149 
G   C2    N2     sing N N 150 
G   C2    N3     doub N N 151 
G   N2    H21    sing N N 152 
G   N2    H22    sing N N 153 
G   N3    C4     sing N N 154 
HOH O     H1     sing N N 155 
HOH O     H2     sing N N 156 
LCC "O5'" "C5'"  sing N N 157 
LCC "O5'" P      sing N N 158 
LCC "C5'" "C4'"  sing N N 159 
LCC "C5'" "H5'1" sing N N 160 
LCC "C5'" "H5'2" sing N N 161 
LCC "C4'" "O4'"  sing N N 162 
LCC "C4'" "C3'"  sing N N 163 
LCC "C4'" "C6'"  sing N N 164 
LCC "O4'" "C1'"  sing N N 165 
LCC "C1'" N1     sing N N 166 
LCC "C1'" "C2'"  sing N N 167 
LCC "C1'" "H1'"  sing N N 168 
LCC N1    C6     sing N N 169 
LCC N1    C2     sing N N 170 
LCC C6    C5     doub N N 171 
LCC C6    H6     sing N N 172 
LCC C5    C5M    sing N N 173 
LCC C5    C4     sing N N 174 
LCC C5M   H5M1   sing N N 175 
LCC C5M   H5M2   sing N N 176 
LCC C5M   H5M3   sing N N 177 
LCC C4    N4     sing N N 178 
LCC C4    N3     doub N N 179 
LCC N4    H41    sing N N 180 
LCC N4    H42    sing N N 181 
LCC N3    C2     sing N N 182 
LCC C2    O2     doub N N 183 
LCC "C3'" "C2'"  sing N N 184 
LCC "C3'" "O3'"  sing N N 185 
LCC "C3'" "H3'"  sing N N 186 
LCC "C2'" "O2'"  sing N N 187 
LCC "C2'" "H2'1" sing N N 188 
LCC "O2'" "C6'"  sing N N 189 
LCC "O3'" H3T    sing N N 190 
LCC "C6'" "H6'1" sing N N 191 
LCC "C6'" "H6'2" sing N N 192 
LCC P     O1P    sing N N 193 
LCC P     O2P    doub N N 194 
LCC P     OXT    sing N N 195 
LCC O1P   H1P    sing N N 196 
LCC OXT   HXT    sing N N 197 
LCG P     OP1    doub N N 198 
LCG P     "O5'"  sing N N 199 
LCG P     OP2    sing N N 200 
LCG P     OP3    sing N N 201 
LCG "O5'" "C5'"  sing N N 202 
LCG "C5'" "C4'"  sing N N 203 
LCG "C5'" "H5'"  sing N N 204 
LCG "C5'" "H5''" sing N N 205 
LCG "C3'" "C2'"  sing N N 206 
LCG "C3'" "C4'"  sing N N 207 
LCG "C3'" "O3'"  sing N N 208 
LCG "C3'" "H3'"  sing N N 209 
LCG "C6'" "C4'"  sing N N 210 
LCG "C6'" "O2'"  sing N N 211 
LCG "C6'" "H6'1" sing N N 212 
LCG "C6'" "H6'2" sing N N 213 
LCG N9    C8     sing Y N 214 
LCG N9    C4     sing Y N 215 
LCG N9    "C1'"  sing N N 216 
LCG C8    N7     doub Y N 217 
LCG C8    H8     sing N N 218 
LCG C4    C5     doub Y N 219 
LCG C4    N3     sing N N 220 
LCG N7    C5     sing Y N 221 
LCG C5    C6     sing N N 222 
LCG C6    O6     doub N N 223 
LCG C6    N1     sing N N 224 
LCG "C2'" "C1'"  sing N N 225 
LCG "C2'" "O2'"  sing N N 226 
LCG "C2'" "H2'"  sing N N 227 
LCG "C4'" "O4'"  sing N N 228 
LCG "C1'" "O4'"  sing N N 229 
LCG "C1'" "H1'"  sing N N 230 
LCG C2    N1     sing N N 231 
LCG C2    N2     sing N N 232 
LCG C2    N3     doub N N 233 
LCG N1    H1     sing N N 234 
LCG OP2   HOP2   sing N N 235 
LCG N2    H21    sing N N 236 
LCG N2    H22    sing N N 237 
LCG "O3'" "HO3'" sing N N 238 
LCG OP3   HOP3   sing N N 239 
U   OP3   P      sing N N 240 
U   OP3   HOP3   sing N N 241 
U   P     OP1    doub N N 242 
U   P     OP2    sing N N 243 
U   P     "O5'"  sing N N 244 
U   OP2   HOP2   sing N N 245 
U   "O5'" "C5'"  sing N N 246 
U   "C5'" "C4'"  sing N N 247 
U   "C5'" "H5'"  sing N N 248 
U   "C5'" "H5''" sing N N 249 
U   "C4'" "O4'"  sing N N 250 
U   "C4'" "C3'"  sing N N 251 
U   "C4'" "H4'"  sing N N 252 
U   "O4'" "C1'"  sing N N 253 
U   "C3'" "O3'"  sing N N 254 
U   "C3'" "C2'"  sing N N 255 
U   "C3'" "H3'"  sing N N 256 
U   "O3'" "HO3'" sing N N 257 
U   "C2'" "O2'"  sing N N 258 
U   "C2'" "C1'"  sing N N 259 
U   "C2'" "H2'"  sing N N 260 
U   "O2'" "HO2'" sing N N 261 
U   "C1'" N1     sing N N 262 
U   "C1'" "H1'"  sing N N 263 
U   N1    C2     sing N N 264 
U   N1    C6     sing N N 265 
U   C2    O2     doub N N 266 
U   C2    N3     sing N N 267 
U   N3    C4     sing N N 268 
U   N3    H3     sing N N 269 
U   C4    O4     doub N N 270 
U   C4    C5     sing N N 271 
U   C5    C6     doub N N 272 
U   C5    H5     sing N N 273 
U   C6    H6     sing N N 274 
# 
_ndb_struct_conf_na.entry_id   6C8D 
_ndb_struct_conf_na.feature    'a-form double helix' 
# 
loop_
_ndb_struct_na_base_pair.model_number 
_ndb_struct_na_base_pair.i_label_asym_id 
_ndb_struct_na_base_pair.i_label_comp_id 
_ndb_struct_na_base_pair.i_label_seq_id 
_ndb_struct_na_base_pair.i_symmetry 
_ndb_struct_na_base_pair.j_label_asym_id 
_ndb_struct_na_base_pair.j_label_comp_id 
_ndb_struct_na_base_pair.j_label_seq_id 
_ndb_struct_na_base_pair.j_symmetry 
_ndb_struct_na_base_pair.shear 
_ndb_struct_na_base_pair.stretch 
_ndb_struct_na_base_pair.stagger 
_ndb_struct_na_base_pair.buckle 
_ndb_struct_na_base_pair.propeller 
_ndb_struct_na_base_pair.opening 
_ndb_struct_na_base_pair.pair_number 
_ndb_struct_na_base_pair.pair_name 
_ndb_struct_na_base_pair.i_auth_asym_id 
_ndb_struct_na_base_pair.i_auth_seq_id 
_ndb_struct_na_base_pair.i_PDB_ins_code 
_ndb_struct_na_base_pair.j_auth_asym_id 
_ndb_struct_na_base_pair.j_auth_seq_id 
_ndb_struct_na_base_pair.j_PDB_ins_code 
_ndb_struct_na_base_pair.hbond_type_28 
_ndb_struct_na_base_pair.hbond_type_12 
1 A LCG 4  1_555 B C   13 1_555 -0.276 -0.232 0.072 -4.722 -15.112 -1.688 1  A_LCG4:C13_B A 4  ? B 13 ? 19 1 
1 A A   5  1_555 B U   12 1_555 -0.110 -0.085 0.262 3.985  -8.627  -5.836 2  A_A5:U12_B   A 5  ? B 12 ? 20 1 
1 A C   6  1_555 B G   11 1_555 0.396  -0.104 0.077 8.029  -15.403 -0.604 3  A_C6:G11_B   A 6  ? B 11 ? 19 1 
1 A U   7  1_555 B A   10 1_555 0.111  -0.115 0.047 1.421  -13.692 3.462  4  A_U7:A10_B   A 7  ? B 10 ? 20 1 
1 A U   8  1_555 B A   9  1_555 -0.209 -0.130 0.007 1.220  -7.865  0.435  5  A_U8:A9_B    A 8  ? B 9  ? 20 1 
1 A A   9  1_555 B U   8  1_555 0.127  -0.134 0.117 -1.487 -7.786  0.411  6  A_A9:U8_B    A 9  ? B 8  ? 20 1 
1 A A   10 1_555 B U   7  1_555 -0.140 -0.131 0.063 -1.084 -12.912 4.384  7  A_A10:U7_B   A 10 ? B 7  ? 20 1 
1 A G   11 1_555 B C   6  1_555 -0.327 -0.104 0.053 -8.082 -14.780 -0.474 8  A_G11:C6_B   A 11 ? B 6  ? 19 1 
1 A U   12 1_555 B A   5  1_555 0.077  -0.113 0.241 -3.660 -9.266  -5.401 9  A_U12:A5_B   A 12 ? B 5  ? 20 1 
1 A C   13 1_555 B LCG 4  1_555 0.298  -0.274 0.111 3.007  -14.454 -1.752 10 A_C13:LCG4_B A 13 ? B 4  ? 19 1 
# 
loop_
_ndb_struct_na_base_pair_step.model_number 
_ndb_struct_na_base_pair_step.i_label_asym_id_1 
_ndb_struct_na_base_pair_step.i_label_comp_id_1 
_ndb_struct_na_base_pair_step.i_label_seq_id_1 
_ndb_struct_na_base_pair_step.i_symmetry_1 
_ndb_struct_na_base_pair_step.j_label_asym_id_1 
_ndb_struct_na_base_pair_step.j_label_comp_id_1 
_ndb_struct_na_base_pair_step.j_label_seq_id_1 
_ndb_struct_na_base_pair_step.j_symmetry_1 
_ndb_struct_na_base_pair_step.i_label_asym_id_2 
_ndb_struct_na_base_pair_step.i_label_comp_id_2 
_ndb_struct_na_base_pair_step.i_label_seq_id_2 
_ndb_struct_na_base_pair_step.i_symmetry_2 
_ndb_struct_na_base_pair_step.j_label_asym_id_2 
_ndb_struct_na_base_pair_step.j_label_comp_id_2 
_ndb_struct_na_base_pair_step.j_label_seq_id_2 
_ndb_struct_na_base_pair_step.j_symmetry_2 
_ndb_struct_na_base_pair_step.shift 
_ndb_struct_na_base_pair_step.slide 
_ndb_struct_na_base_pair_step.rise 
_ndb_struct_na_base_pair_step.tilt 
_ndb_struct_na_base_pair_step.roll 
_ndb_struct_na_base_pair_step.twist 
_ndb_struct_na_base_pair_step.x_displacement 
_ndb_struct_na_base_pair_step.y_displacement 
_ndb_struct_na_base_pair_step.helical_rise 
_ndb_struct_na_base_pair_step.inclination 
_ndb_struct_na_base_pair_step.tip 
_ndb_struct_na_base_pair_step.helical_twist 
_ndb_struct_na_base_pair_step.step_number 
_ndb_struct_na_base_pair_step.step_name 
_ndb_struct_na_base_pair_step.i_auth_asym_id_1 
_ndb_struct_na_base_pair_step.i_auth_seq_id_1 
_ndb_struct_na_base_pair_step.i_PDB_ins_code_1 
_ndb_struct_na_base_pair_step.j_auth_asym_id_1 
_ndb_struct_na_base_pair_step.j_auth_seq_id_1 
_ndb_struct_na_base_pair_step.j_PDB_ins_code_1 
_ndb_struct_na_base_pair_step.i_auth_asym_id_2 
_ndb_struct_na_base_pair_step.i_auth_seq_id_2 
_ndb_struct_na_base_pair_step.i_PDB_ins_code_2 
_ndb_struct_na_base_pair_step.j_auth_asym_id_2 
_ndb_struct_na_base_pair_step.j_auth_seq_id_2 
_ndb_struct_na_base_pair_step.j_PDB_ins_code_2 
1 A LCG 4  1_555 B C 13 1_555 A A 5  1_555 B U   12 1_555 -0.464 -1.116 3.048 -2.858 2.433  33.053 -2.326 0.368  2.989 4.259  
5.004  33.259 1 AA_LCG4A5:U12C13_BB A 4  ? B 13 ? A 5  ? B 12 ? 
1 A A   5  1_555 B U 12 1_555 A C 6  1_555 B G   11 1_555 0.531  -1.478 3.189 1.195  4.837  34.740 -3.139 -0.711 2.978 8.049  
-1.989 35.084 2 AA_A5C6:G11U12_BB   A 5  ? B 12 ? A 6  ? B 11 ? 
1 A C   6  1_555 B G 11 1_555 A U 7  1_555 B A   10 1_555 -0.167 -1.753 3.400 -1.770 10.711 28.429 -5.380 -0.019 2.590 20.873 
3.449  30.391 3 AA_C6U7:A10G11_BB   A 6  ? B 11 ? A 7  ? B 10 ? 
1 A U   7  1_555 B A 10 1_555 A U 8  1_555 B A   9  1_555 -0.481 -1.378 3.209 -2.091 9.664  28.912 -4.388 0.531  2.649 18.680 
4.042  30.522 4 AA_U7U8:A9A10_BB    A 7  ? B 10 ? A 8  ? B 9  ? 
1 A U   8  1_555 B A 9  1_555 A A 9  1_555 B U   8  1_555 0.023  -1.389 3.282 -0.883 15.865 35.267 -3.907 -0.135 2.456 24.697 
1.375  38.577 5 AA_U8A9:U8A9_BB     A 8  ? B 9  ? A 9  ? B 8  ? 
1 A A   9  1_555 B U 8  1_555 A A 10 1_555 B U   7  1_555 0.498  -1.391 3.186 2.739  9.294  28.978 -4.338 -0.447 2.658 17.952 
-5.289 30.522 6 AA_A9A10:U7U8_BB    A 9  ? B 8  ? A 10 ? B 7  ? 
1 A A   10 1_555 B U 7  1_555 A G 11 1_555 B C   6  1_555 0.124  -1.743 3.405 1.656  10.777 28.955 -5.258 0.073  2.607 20.652 
-3.174 30.899 7 AA_A10G11:C6U7_BB   A 10 ? B 7  ? A 11 ? B 6  ? 
1 A G   11 1_555 B C 6  1_555 A U 12 1_555 B A   5  1_555 -0.517 -1.482 3.169 -1.034 4.949  34.056 -3.229 0.723  2.945 8.393  
1.754  34.419 8 AA_G11U12:A5C6_BB   A 11 ? B 6  ? A 12 ? B 5  ? 
1 A U   12 1_555 B A 5  1_555 A C 13 1_555 B LCG 4  1_555 0.440  -1.098 3.109 2.269  2.805  34.028 -2.283 -0.410 3.034 4.776  
-3.864 34.214 9 AA_U12C13:LCG4A5_BB A 12 ? B 5  ? A 13 ? B 4  ? 
# 
_pdbx_audit_support.funding_organization   'Howard Hughes Medical Institute (HHMI)' 
_pdbx_audit_support.country                'United States' 
_pdbx_audit_support.grant_number           ? 
_pdbx_audit_support.ordinal                1 
# 
loop_
_pdbx_entity_nonpoly.entity_id 
_pdbx_entity_nonpoly.name 
_pdbx_entity_nonpoly.comp_id 
2 "2'-DEOXYGUANOSINE-5'-MONOPHOSPHATE" DGP 
3 'MAGNESIUM ION'                      MG  
4 water                                HOH 
# 
_pdbx_initial_refinement_model.id               1 
_pdbx_initial_refinement_model.entity_id_list   ? 
_pdbx_initial_refinement_model.type             'experimental model' 
_pdbx_initial_refinement_model.source_name      PDB 
_pdbx_initial_refinement_model.accession_code   5DHC 
_pdbx_initial_refinement_model.details          ? 
# 
_pdbx_struct_assembly_auth_evidence.id                     1 
_pdbx_struct_assembly_auth_evidence.assembly_id            1 
_pdbx_struct_assembly_auth_evidence.experimental_support   none 
_pdbx_struct_assembly_auth_evidence.details                ? 
# 
